data_4OE5
#
_entry.id   4OE5
#
_cell.length_a   91.960
_cell.length_b   121.335
_cell.length_c   93.397
_cell.angle_alpha   90.000
_cell.angle_beta   104.230
_cell.angle_gamma   90.000
#
_symmetry.space_group_name_H-M   'P 1 21 1'
#
loop_
_entity.id
_entity.type
_entity.pdbx_description
1 polymer 'Delta-1-pyrroline-5-carboxylate dehydrogenase, mitochondrial'
2 non-polymer 'PENTAETHYLENE GLYCOL'
3 non-polymer 'MAGNESIUM ION'
4 water water
#
_entity_poly.entity_id   1
_entity_poly.type   'polypeptide(L)'
_entity_poly.pdbx_seq_one_letter_code
;GSHTGAGLRWKHTSSLKVANEPVLAFTQGSPERDALQKALKDLKGRMEAIPCVVGDEEVWTSDVQYQVSPFNHGHKVAKF
CYADKSLLNKAIEAALAARKEWDLKPIADRAQIFLKAADMLSGPRRAEILAKTMVGQGKTVIQAEIDAAAELIDFFRFNA
KYAVELEGQQPISVPPSTNSTVYRGLEGFVAAISPFNFTAIGGNLAGAPALMGNVVLWKPSDTAMLASYAVYRILREAGL
PPNIIQFVPADGPLFGDTVTSSEHLCGINFTGSVPTFKHLWKQVAQNLDRFHTFPRLAGECGGKNFHFVHRSADVESVVS
GTLRSAFEYGGQKCSACSRLYVPHSLWPQIKGRLLEEHSRIKVGDPAEDFGTFFSAVIDAKSFARIKKWLEHARSSPSLT
ILAGGKCDDSVGYFVEPCIVESKDPQEPIMKEEIFGPVLSVYVYPDDKYKETLQLVDSTTSYGLTGAVFSQDKDVVQEAT
KVLRNAAGNFYINDKSTGSIVGQQPFGGARASGTNDKPGGPHYILRWTSPQVIKETHKPLGDWSYAYMQ
;
_entity_poly.pdbx_strand_id   A,B,C,D
#
loop_
_chem_comp.id
_chem_comp.type
_chem_comp.name
_chem_comp.formula
1PE non-polymer 'PENTAETHYLENE GLYCOL' 'C10 H22 O6'
MG non-polymer 'MAGNESIUM ION' 'Mg 2'
#
# COMPACT_ATOMS: atom_id res chain seq x y z
N ARG A 9 -7.98 14.15 -51.31
CA ARG A 9 -8.13 12.70 -51.18
C ARG A 9 -9.47 12.30 -50.58
N TRP A 10 -9.69 11.00 -50.46
CA TRP A 10 -10.95 10.45 -49.96
C TRP A 10 -10.75 9.06 -49.41
N LYS A 11 -11.61 8.63 -48.49
CA LYS A 11 -11.52 7.27 -47.95
C LYS A 11 -12.90 6.66 -47.79
N HIS A 12 -12.94 5.33 -47.72
CA HIS A 12 -14.14 4.63 -47.28
C HIS A 12 -14.20 4.67 -45.75
N THR A 13 -15.39 4.84 -45.19
CA THR A 13 -15.58 4.67 -43.76
C THR A 13 -16.10 3.26 -43.55
N SER A 14 -16.09 2.81 -42.31
CA SER A 14 -16.59 1.47 -42.02
C SER A 14 -17.57 1.50 -40.86
N SER A 15 -18.72 0.89 -41.06
CA SER A 15 -19.73 0.78 -40.01
C SER A 15 -20.34 -0.62 -40.06
N LEU A 16 -21.22 -0.87 -39.10
CA LEU A 16 -21.83 -2.17 -38.92
C LEU A 16 -23.27 -1.94 -38.52
N LYS A 17 -24.20 -2.40 -39.34
CA LYS A 17 -25.62 -2.30 -38.99
C LYS A 17 -25.98 -3.55 -38.20
N VAL A 18 -26.58 -3.37 -37.02
CA VAL A 18 -26.87 -4.51 -36.16
C VAL A 18 -28.30 -4.47 -35.62
N ALA A 19 -29.00 -5.59 -35.75
CA ALA A 19 -30.33 -5.73 -35.18
C ALA A 19 -30.25 -6.58 -33.91
N ASN A 20 -31.19 -6.38 -33.00
CA ASN A 20 -31.25 -7.17 -31.78
C ASN A 20 -31.57 -8.63 -32.11
N GLU A 21 -31.03 -9.54 -31.32
CA GLU A 21 -31.34 -10.95 -31.47
C GLU A 21 -32.78 -11.19 -30.98
N PRO A 22 -33.63 -11.79 -31.83
CA PRO A 22 -34.99 -12.04 -31.36
C PRO A 22 -35.02 -13.05 -30.22
N VAL A 23 -36.03 -12.93 -29.36
CA VAL A 23 -36.21 -13.84 -28.25
C VAL A 23 -37.29 -14.83 -28.67
N LEU A 24 -36.97 -16.13 -28.66
CA LEU A 24 -37.89 -17.12 -29.22
C LEU A 24 -38.96 -17.51 -28.21
N ALA A 25 -40.07 -18.03 -28.71
CA ALA A 25 -41.22 -18.33 -27.85
C ALA A 25 -41.16 -19.72 -27.21
N PHE A 26 -40.55 -20.69 -27.89
CA PHE A 26 -40.44 -22.06 -27.39
C PHE A 26 -41.79 -22.75 -27.18
N THR A 27 -42.74 -22.39 -28.03
CA THR A 27 -44.04 -23.03 -28.05
C THR A 27 -43.90 -24.53 -28.35
N GLN A 28 -44.77 -25.36 -27.77
CA GLN A 28 -44.79 -26.77 -28.10
C GLN A 28 -44.96 -26.99 -29.60
N GLY A 29 -44.14 -27.86 -30.17
CA GLY A 29 -44.16 -28.08 -31.60
C GLY A 29 -43.14 -27.24 -32.35
N SER A 30 -42.59 -26.21 -31.69
CA SER A 30 -41.63 -25.36 -32.39
C SER A 30 -40.28 -26.05 -32.52
N PRO A 31 -39.54 -25.75 -33.60
CA PRO A 31 -38.19 -26.30 -33.80
C PRO A 31 -37.23 -25.99 -32.63
N GLU A 32 -37.32 -24.78 -32.09
CA GLU A 32 -36.39 -24.40 -31.02
C GLU A 32 -36.70 -25.18 -29.75
N ARG A 33 -37.97 -25.48 -29.53
CA ARG A 33 -38.34 -26.29 -28.37
C ARG A 33 -37.87 -27.72 -28.59
N ASP A 34 -38.14 -28.26 -29.78
CA ASP A 34 -37.59 -29.56 -30.16
C ASP A 34 -36.08 -29.63 -29.92
N ALA A 35 -35.34 -28.64 -30.44
CA ALA A 35 -33.88 -28.59 -30.23
C ALA A 35 -33.49 -28.53 -28.75
N LEU A 36 -34.19 -27.71 -27.98
CA LEU A 36 -33.85 -27.56 -26.57
C LEU A 36 -34.12 -28.86 -25.79
N GLN A 37 -35.27 -29.48 -26.07
CA GLN A 37 -35.62 -30.74 -25.43
C GLN A 37 -34.51 -31.77 -25.65
N LYS A 38 -33.96 -31.78 -26.87
CA LYS A 38 -32.84 -32.64 -27.26
C LYS A 38 -31.55 -32.33 -26.50
N ALA A 39 -31.21 -31.06 -26.40
CA ALA A 39 -30.00 -30.65 -25.69
C ALA A 39 -30.12 -30.93 -24.19
N LEU A 40 -31.33 -30.78 -23.66
CA LEU A 40 -31.58 -31.05 -22.23
C LEU A 40 -31.41 -32.53 -21.91
N LYS A 41 -31.93 -33.40 -22.77
CA LYS A 41 -31.75 -34.85 -22.59
C LYS A 41 -30.28 -35.26 -22.63
N ASP A 42 -29.49 -34.65 -23.52
CA ASP A 42 -28.07 -34.96 -23.64
C ASP A 42 -27.30 -34.67 -22.36
N LEU A 43 -27.78 -33.69 -21.60
CA LEU A 43 -27.16 -33.33 -20.33
C LEU A 43 -27.58 -34.26 -19.19
N LYS A 44 -28.73 -34.92 -19.36
CA LYS A 44 -29.26 -35.81 -18.32
C LYS A 44 -28.27 -36.91 -17.94
N GLY A 45 -27.90 -36.94 -16.67
CA GLY A 45 -26.99 -37.94 -16.15
C GLY A 45 -25.59 -37.94 -16.76
N ARG A 46 -25.16 -36.80 -17.31
CA ARG A 46 -23.85 -36.71 -17.93
C ARG A 46 -22.98 -35.60 -17.30
N MET A 47 -21.66 -35.81 -17.29
CA MET A 47 -20.75 -34.86 -16.66
C MET A 47 -19.62 -34.51 -17.60
N GLU A 48 -19.56 -33.24 -18.03
CA GLU A 48 -18.48 -32.84 -18.91
C GLU A 48 -17.19 -32.63 -18.11
N ALA A 49 -16.07 -33.07 -18.68
CA ALA A 49 -14.77 -32.86 -18.06
C ALA A 49 -14.16 -31.61 -18.67
N ILE A 50 -14.04 -30.55 -17.87
CA ILE A 50 -13.62 -29.25 -18.35
C ILE A 50 -12.26 -28.85 -17.82
N PRO A 51 -11.26 -28.80 -18.72
CA PRO A 51 -9.89 -28.50 -18.27
C PRO A 51 -9.67 -27.00 -18.19
N CYS A 52 -8.61 -26.59 -17.52
CA CYS A 52 -8.11 -25.24 -17.75
C CYS A 52 -7.55 -25.23 -19.17
N VAL A 53 -7.59 -24.07 -19.83
CA VAL A 53 -7.02 -23.94 -21.17
C VAL A 53 -6.03 -22.77 -21.20
N VAL A 54 -4.77 -23.09 -21.48
CA VAL A 54 -3.73 -22.06 -21.59
C VAL A 54 -3.15 -22.16 -22.98
N GLY A 55 -3.35 -21.13 -23.78
CA GLY A 55 -3.13 -21.23 -25.22
C GLY A 55 -4.04 -22.30 -25.80
N ASP A 56 -3.43 -23.38 -26.29
CA ASP A 56 -4.16 -24.51 -26.84
C ASP A 56 -3.96 -25.75 -25.98
N GLU A 57 -3.24 -25.58 -24.86
CA GLU A 57 -3.01 -26.70 -23.95
C GLU A 57 -4.19 -26.87 -23.00
N GLU A 58 -4.78 -28.06 -22.97
CA GLU A 58 -5.78 -28.36 -21.96
C GLU A 58 -5.00 -28.87 -20.77
N VAL A 59 -5.20 -28.27 -19.61
CA VAL A 59 -4.37 -28.60 -18.46
C VAL A 59 -5.20 -28.98 -17.24
N TRP A 60 -4.85 -30.11 -16.64
CA TRP A 60 -5.49 -30.56 -15.41
C TRP A 60 -4.54 -30.35 -14.22
N THR A 61 -5.09 -29.89 -13.11
CA THR A 61 -4.35 -29.91 -11.86
C THR A 61 -5.04 -30.95 -11.00
N SER A 62 -4.48 -31.23 -9.83
CA SER A 62 -5.10 -32.15 -8.90
C SER A 62 -6.21 -31.51 -8.09
N ASP A 63 -6.44 -30.21 -8.26
CA ASP A 63 -7.47 -29.54 -7.47
C ASP A 63 -8.81 -29.62 -8.19
N VAL A 64 -9.34 -30.84 -8.25
CA VAL A 64 -10.56 -31.14 -8.98
C VAL A 64 -11.81 -30.60 -8.27
N GLN A 65 -12.70 -30.01 -9.04
CA GLN A 65 -13.93 -29.40 -8.53
C GLN A 65 -15.09 -29.87 -9.37
N TYR A 66 -16.30 -29.77 -8.81
CA TYR A 66 -17.51 -30.21 -9.50
C TYR A 66 -18.60 -29.14 -9.50
N GLN A 67 -19.24 -28.94 -10.65
CA GLN A 67 -20.45 -28.13 -10.74
C GLN A 67 -21.67 -29.05 -10.63
N VAL A 68 -22.65 -28.67 -9.82
CA VAL A 68 -23.86 -29.49 -9.68
C VAL A 68 -25.10 -28.72 -10.12
N SER A 69 -26.20 -29.43 -10.38
CA SER A 69 -27.44 -28.77 -10.79
C SER A 69 -28.12 -28.19 -9.55
N PRO A 70 -28.41 -26.88 -9.54
CA PRO A 70 -29.00 -26.23 -8.36
C PRO A 70 -30.28 -26.91 -7.88
N PHE A 71 -31.10 -27.38 -8.81
CA PHE A 71 -32.37 -28.03 -8.48
C PHE A 71 -32.26 -29.54 -8.22
N ASN A 72 -31.07 -30.09 -8.46
CA ASN A 72 -30.79 -31.50 -8.22
C ASN A 72 -29.31 -31.66 -7.94
N HIS A 73 -28.91 -31.33 -6.72
CA HIS A 73 -27.48 -31.17 -6.44
C HIS A 73 -26.73 -32.51 -6.33
N GLY A 74 -27.46 -33.62 -6.45
CA GLY A 74 -26.82 -34.93 -6.55
C GLY A 74 -26.31 -35.16 -7.97
N HIS A 75 -26.73 -34.29 -8.88
CA HIS A 75 -26.35 -34.37 -10.28
C HIS A 75 -25.13 -33.50 -10.59
N LYS A 76 -23.96 -34.12 -10.72
CA LYS A 76 -22.76 -33.38 -11.09
C LYS A 76 -22.77 -33.15 -12.60
N VAL A 77 -22.79 -31.88 -13.00
CA VAL A 77 -22.93 -31.56 -14.42
C VAL A 77 -21.59 -31.27 -15.09
N ALA A 78 -20.60 -30.91 -14.28
CA ALA A 78 -19.25 -30.74 -14.80
C ALA A 78 -18.21 -31.10 -13.74
N LYS A 79 -17.11 -31.67 -14.20
CA LYS A 79 -15.90 -31.82 -13.41
C LYS A 79 -14.90 -30.84 -14.00
N PHE A 80 -14.26 -30.02 -13.16
CA PHE A 80 -13.23 -29.12 -13.66
C PHE A 80 -12.14 -29.04 -12.62
N CYS A 81 -11.21 -28.11 -12.77
CA CYS A 81 -10.16 -28.00 -11.76
C CYS A 81 -9.72 -26.55 -11.59
N TYR A 82 -9.09 -26.27 -10.45
CA TYR A 82 -8.63 -24.93 -10.10
C TYR A 82 -7.18 -24.77 -10.55
N ALA A 83 -6.91 -23.69 -11.26
CA ALA A 83 -5.52 -23.37 -11.57
C ALA A 83 -4.78 -23.08 -10.27
N ASP A 84 -3.53 -23.53 -10.19
CA ASP A 84 -2.64 -23.13 -9.10
C ASP A 84 -1.79 -21.92 -9.53
N LYS A 85 -0.98 -21.40 -8.63
CA LYS A 85 -0.15 -20.22 -8.91
C LYS A 85 0.74 -20.45 -10.11
N SER A 86 1.35 -21.63 -10.16
CA SER A 86 2.26 -21.95 -11.27
C SER A 86 1.53 -21.89 -12.62
N LEU A 87 0.31 -22.42 -12.69
CA LEU A 87 -0.42 -22.35 -13.96
C LEU A 87 -0.88 -20.94 -14.32
N LEU A 88 -1.37 -20.19 -13.34
CA LEU A 88 -1.75 -18.79 -13.57
C LEU A 88 -0.57 -17.98 -14.11
N ASN A 89 0.59 -18.13 -13.50
CA ASN A 89 1.79 -17.44 -13.97
C ASN A 89 2.14 -17.82 -15.40
N LYS A 90 2.03 -19.12 -15.68
CA LYS A 90 2.27 -19.60 -17.03
C LYS A 90 1.25 -19.02 -17.98
N ALA A 91 -0.01 -18.91 -17.55
CA ALA A 91 -1.05 -18.30 -18.38
C ALA A 91 -0.77 -16.79 -18.65
N ILE A 92 -0.29 -16.10 -17.63
CA ILE A 92 0.06 -14.66 -17.76
C ILE A 92 1.18 -14.50 -18.81
N GLU A 93 2.27 -15.23 -18.61
CA GLU A 93 3.41 -15.17 -19.52
C GLU A 93 3.01 -15.45 -20.97
N ALA A 94 2.22 -16.49 -21.19
CA ALA A 94 1.83 -16.86 -22.55
C ALA A 94 0.88 -15.83 -23.18
N ALA A 95 0.02 -15.24 -22.37
CA ALA A 95 -0.90 -14.22 -22.90
C ALA A 95 -0.10 -12.97 -23.24
N LEU A 96 0.82 -12.60 -22.37
CA LEU A 96 1.64 -11.41 -22.64
C LEU A 96 2.44 -11.54 -23.93
N ALA A 97 2.94 -12.75 -24.21
CA ALA A 97 3.69 -12.98 -25.44
C ALA A 97 2.82 -12.91 -26.70
N ALA A 98 1.50 -13.07 -26.55
CA ALA A 98 0.60 -13.08 -27.70
C ALA A 98 -0.07 -11.73 -27.90
N ARG A 99 0.04 -10.88 -26.90
CA ARG A 99 -0.73 -9.63 -26.88
C ARG A 99 -0.41 -8.65 -28.03
N LYS A 100 0.88 -8.37 -28.27
CA LYS A 100 1.23 -7.37 -29.27
C LYS A 100 0.65 -7.70 -30.66
N GLU A 101 0.71 -8.95 -31.10
CA GLU A 101 0.16 -9.28 -32.42
C GLU A 101 -1.37 -9.13 -32.47
N TRP A 102 -2.05 -9.54 -31.39
CA TRP A 102 -3.50 -9.42 -31.28
C TRP A 102 -3.91 -7.95 -31.27
N ASP A 103 -3.21 -7.16 -30.47
CA ASP A 103 -3.45 -5.72 -30.41
C ASP A 103 -3.32 -5.09 -31.80
N LEU A 104 -2.34 -5.57 -32.56
CA LEU A 104 -2.06 -4.99 -33.87
C LEU A 104 -3.02 -5.44 -34.96
N LYS A 105 -3.65 -6.60 -34.78
CA LYS A 105 -4.64 -7.06 -35.75
C LYS A 105 -5.70 -5.97 -35.92
N PRO A 106 -6.13 -5.70 -37.15
CA PRO A 106 -7.18 -4.71 -37.36
C PRO A 106 -8.46 -5.05 -36.58
N ILE A 107 -9.16 -4.02 -36.11
CA ILE A 107 -10.36 -4.21 -35.30
C ILE A 107 -11.44 -4.99 -36.08
N ALA A 108 -11.51 -4.76 -37.39
CA ALA A 108 -12.43 -5.49 -38.24
C ALA A 108 -12.20 -7.00 -38.13
N ASP A 109 -10.93 -7.39 -38.10
CA ASP A 109 -10.56 -8.79 -37.97
C ASP A 109 -10.96 -9.32 -36.61
N ARG A 110 -10.73 -8.53 -35.56
CA ARG A 110 -11.09 -8.99 -34.22
C ARG A 110 -12.60 -9.09 -34.09
N ALA A 111 -13.31 -8.05 -34.53
CA ALA A 111 -14.76 -8.01 -34.44
C ALA A 111 -15.41 -9.19 -35.16
N GLN A 112 -14.80 -9.63 -36.25
CA GLN A 112 -15.36 -10.71 -37.05
C GLN A 112 -15.51 -12.01 -36.26
N ILE A 113 -14.51 -12.28 -35.42
CA ILE A 113 -14.51 -13.45 -34.55
C ILE A 113 -15.71 -13.39 -33.61
N PHE A 114 -15.98 -12.21 -33.06
CA PHE A 114 -17.09 -12.07 -32.13
C PHE A 114 -18.44 -12.12 -32.82
N LEU A 115 -18.47 -11.66 -34.07
CA LEU A 115 -19.68 -11.75 -34.88
C LEU A 115 -19.96 -13.22 -35.23
N LYS A 116 -18.92 -13.96 -35.59
CA LYS A 116 -19.10 -15.38 -35.88
C LYS A 116 -19.62 -16.10 -34.63
N ALA A 117 -19.00 -15.80 -33.50
CA ALA A 117 -19.37 -16.45 -32.24
C ALA A 117 -20.82 -16.17 -31.88
N ALA A 118 -21.26 -14.93 -32.09
CA ALA A 118 -22.64 -14.55 -31.81
C ALA A 118 -23.58 -15.30 -32.75
N ASP A 119 -23.18 -15.47 -34.01
CA ASP A 119 -24.04 -16.16 -34.97
C ASP A 119 -24.14 -17.64 -34.64
N MET A 120 -23.06 -18.22 -34.13
CA MET A 120 -23.05 -19.62 -33.72
C MET A 120 -24.00 -19.85 -32.54
N LEU A 121 -23.90 -18.97 -31.55
CA LEU A 121 -24.76 -18.97 -30.37
C LEU A 121 -26.20 -18.73 -30.75
N SER A 122 -26.41 -17.92 -31.79
CA SER A 122 -27.76 -17.66 -32.31
C SER A 122 -28.42 -18.89 -32.96
N GLY A 123 -27.65 -19.61 -33.76
CA GLY A 123 -28.20 -20.71 -34.54
C GLY A 123 -27.92 -22.08 -33.97
N PRO A 124 -26.87 -22.75 -34.50
CA PRO A 124 -26.59 -24.15 -34.19
C PRO A 124 -26.13 -24.42 -32.76
N ARG A 125 -25.70 -23.39 -32.02
CA ARG A 125 -25.31 -23.61 -30.62
C ARG A 125 -26.33 -23.07 -29.61
N ARG A 126 -27.46 -22.57 -30.08
CA ARG A 126 -28.43 -21.96 -29.18
C ARG A 126 -29.04 -22.96 -28.18
N ALA A 127 -29.47 -24.12 -28.67
CA ALA A 127 -30.04 -25.15 -27.81
C ALA A 127 -29.03 -25.58 -26.76
N GLU A 128 -27.77 -25.67 -27.14
CA GLU A 128 -26.70 -26.04 -26.22
C GLU A 128 -26.52 -25.05 -25.08
N ILE A 129 -26.34 -23.79 -25.43
CA ILE A 129 -26.11 -22.79 -24.40
C ILE A 129 -27.32 -22.66 -23.46
N LEU A 130 -28.52 -22.71 -24.02
CA LEU A 130 -29.73 -22.66 -23.20
C LEU A 130 -29.79 -23.83 -22.24
N ALA A 131 -29.56 -25.04 -22.76
CA ALA A 131 -29.65 -26.24 -21.93
C ALA A 131 -28.62 -26.18 -20.83
N LYS A 132 -27.42 -25.73 -21.17
CA LYS A 132 -26.34 -25.70 -20.21
C LYS A 132 -26.57 -24.69 -19.10
N THR A 133 -27.22 -23.57 -19.42
CA THR A 133 -27.53 -22.58 -18.40
C THR A 133 -28.73 -22.98 -17.54
N MET A 134 -29.71 -23.64 -18.16
CA MET A 134 -30.85 -24.19 -17.41
C MET A 134 -30.39 -25.22 -16.38
N VAL A 135 -29.79 -26.32 -16.86
CA VAL A 135 -29.35 -27.40 -15.99
C VAL A 135 -28.25 -26.98 -15.01
N GLY A 136 -27.34 -26.15 -15.48
CA GLY A 136 -26.19 -25.75 -14.67
C GLY A 136 -26.43 -24.62 -13.69
N GLN A 137 -27.22 -23.62 -14.09
CA GLN A 137 -27.44 -22.44 -13.27
C GLN A 137 -28.87 -22.33 -12.71
N GLY A 138 -29.72 -23.29 -13.07
CA GLY A 138 -31.09 -23.35 -12.55
C GLY A 138 -32.09 -22.38 -13.21
N LYS A 139 -31.73 -21.87 -14.38
CA LYS A 139 -32.59 -20.94 -15.11
C LYS A 139 -33.77 -21.65 -15.78
N THR A 140 -34.94 -21.01 -15.77
CA THR A 140 -36.05 -21.44 -16.61
C THR A 140 -35.72 -21.22 -18.09
N VAL A 141 -36.57 -21.73 -18.97
CA VAL A 141 -36.32 -21.60 -20.40
C VAL A 141 -36.29 -20.15 -20.88
N ILE A 142 -37.30 -19.37 -20.51
CA ILE A 142 -37.34 -17.97 -20.94
C ILE A 142 -36.24 -17.10 -20.30
N GLN A 143 -35.88 -17.41 -19.06
CA GLN A 143 -34.79 -16.67 -18.41
C GLN A 143 -33.48 -16.95 -19.14
N ALA A 144 -33.24 -18.21 -19.45
CA ALA A 144 -32.04 -18.64 -20.17
C ALA A 144 -32.00 -17.98 -21.56
N GLU A 145 -33.16 -17.92 -22.20
CA GLU A 145 -33.29 -17.36 -23.54
C GLU A 145 -33.06 -15.85 -23.57
N ILE A 146 -33.72 -15.13 -22.67
CA ILE A 146 -33.51 -13.70 -22.53
C ILE A 146 -32.04 -13.37 -22.29
N ASP A 147 -31.40 -14.11 -21.38
CA ASP A 147 -29.99 -13.90 -21.07
C ASP A 147 -29.04 -14.21 -22.24
N ALA A 148 -29.30 -15.30 -22.95
CA ALA A 148 -28.47 -15.66 -24.11
C ALA A 148 -28.57 -14.60 -25.20
N ALA A 149 -29.80 -14.21 -25.54
CA ALA A 149 -30.02 -13.17 -26.54
C ALA A 149 -29.44 -11.81 -26.13
N ALA A 150 -29.60 -11.45 -24.86
CA ALA A 150 -29.19 -10.12 -24.39
C ALA A 150 -27.75 -10.03 -23.86
N GLU A 151 -27.43 -10.84 -22.85
CA GLU A 151 -26.14 -10.72 -22.18
C GLU A 151 -25.00 -11.39 -22.95
N LEU A 152 -25.33 -12.07 -24.04
CA LEU A 152 -24.33 -12.83 -24.76
C LEU A 152 -24.31 -12.48 -26.25
N ILE A 153 -25.38 -12.81 -26.96
CA ILE A 153 -25.45 -12.56 -28.40
C ILE A 153 -25.45 -11.08 -28.78
N ASP A 154 -26.35 -10.29 -28.16
CA ASP A 154 -26.41 -8.84 -28.44
C ASP A 154 -25.12 -8.14 -28.02
N PHE A 155 -24.56 -8.54 -26.89
CA PHE A 155 -23.32 -7.93 -26.42
C PHE A 155 -22.20 -8.14 -27.43
N PHE A 156 -22.04 -9.37 -27.93
CA PHE A 156 -21.03 -9.64 -28.95
C PHE A 156 -21.26 -8.78 -30.19
N ARG A 157 -22.47 -8.80 -30.72
CA ARG A 157 -22.75 -8.07 -31.95
C ARG A 157 -22.58 -6.55 -31.79
N PHE A 158 -23.21 -5.99 -30.77
CA PHE A 158 -23.21 -4.54 -30.59
C PHE A 158 -21.85 -3.97 -30.18
N ASN A 159 -21.11 -4.72 -29.36
CA ASN A 159 -19.77 -4.31 -29.00
C ASN A 159 -18.89 -4.26 -30.24
N ALA A 160 -19.03 -5.26 -31.10
CA ALA A 160 -18.29 -5.33 -32.36
C ALA A 160 -18.56 -4.07 -33.18
N LYS A 161 -19.82 -3.66 -33.20
CA LYS A 161 -20.22 -2.47 -33.95
C LYS A 161 -19.60 -1.21 -33.35
N TYR A 162 -19.65 -1.10 -32.05
CA TYR A 162 -19.08 0.07 -31.39
C TYR A 162 -17.57 0.13 -31.64
N ALA A 163 -16.91 -1.03 -31.57
CA ALA A 163 -15.45 -1.10 -31.76
C ALA A 163 -15.08 -0.68 -33.19
N VAL A 164 -15.79 -1.26 -34.15
CA VAL A 164 -15.57 -0.97 -35.56
C VAL A 164 -15.80 0.50 -35.89
N GLU A 165 -16.86 1.09 -35.34
CA GLU A 165 -17.17 2.47 -35.63
C GLU A 165 -16.19 3.43 -34.97
N LEU A 166 -15.65 3.03 -33.83
CA LEU A 166 -14.67 3.83 -33.10
C LEU A 166 -13.55 4.30 -34.03
N GLU A 167 -13.10 3.42 -34.92
CA GLU A 167 -12.24 3.82 -36.03
C GLU A 167 -13.09 4.19 -37.25
N GLY A 168 -13.72 5.37 -37.19
CA GLY A 168 -14.54 5.92 -38.26
C GLY A 168 -14.45 7.44 -38.19
N GLN A 169 -13.22 7.93 -38.19
CA GLN A 169 -12.90 9.31 -37.86
C GLN A 169 -12.77 10.19 -39.10
N GLN A 170 -12.66 11.50 -38.88
CA GLN A 170 -12.57 12.46 -39.97
C GLN A 170 -11.34 12.23 -40.87
N PRO A 171 -11.48 12.45 -42.18
CA PRO A 171 -10.31 12.31 -43.05
C PRO A 171 -9.33 13.44 -42.76
N ILE A 172 -8.06 13.09 -42.60
CA ILE A 172 -6.99 14.08 -42.43
C ILE A 172 -6.07 13.97 -43.63
N SER A 173 -5.62 15.10 -44.14
CA SER A 173 -4.84 15.08 -45.38
C SER A 173 -3.55 15.87 -45.26
N VAL A 174 -2.57 15.49 -46.07
CA VAL A 174 -1.26 16.14 -46.11
C VAL A 174 -1.37 17.62 -46.46
N SER A 177 -0.05 17.63 -43.01
CA SER A 177 -0.27 17.45 -41.56
C SER A 177 -1.44 16.51 -41.26
N THR A 178 -1.18 15.20 -41.32
CA THR A 178 -2.23 14.21 -41.08
C THR A 178 -2.36 13.84 -39.60
N ASN A 179 -3.51 13.27 -39.25
CA ASN A 179 -3.83 13.05 -37.85
C ASN A 179 -4.84 11.92 -37.67
N SER A 180 -4.51 10.94 -36.85
CA SER A 180 -5.46 9.90 -36.53
C SER A 180 -5.32 9.42 -35.09
N THR A 181 -6.37 8.76 -34.61
CA THR A 181 -6.37 8.15 -33.29
C THR A 181 -6.36 6.63 -33.45
N VAL A 182 -5.40 5.99 -32.79
CA VAL A 182 -5.27 4.54 -32.76
C VAL A 182 -5.80 4.04 -31.42
N TYR A 183 -6.77 3.14 -31.44
CA TYR A 183 -7.33 2.65 -30.17
C TYR A 183 -6.57 1.41 -29.72
N ARG A 184 -5.59 1.62 -28.85
CA ARG A 184 -4.69 0.56 -28.39
C ARG A 184 -5.35 -0.28 -27.33
N GLY A 185 -5.11 -1.58 -27.36
CA GLY A 185 -5.45 -2.38 -26.21
C GLY A 185 -4.53 -1.96 -25.07
N LEU A 186 -4.91 -2.29 -23.85
CA LEU A 186 -4.09 -1.97 -22.71
C LEU A 186 -2.86 -2.86 -22.67
N GLU A 187 -1.74 -2.29 -22.22
CA GLU A 187 -0.49 -3.04 -22.15
C GLU A 187 -0.41 -3.83 -20.85
N GLY A 188 -0.47 -5.15 -20.96
CA GLY A 188 -0.51 -6.03 -19.82
C GLY A 188 -1.58 -7.08 -20.07
N PHE A 189 -2.13 -7.66 -19.02
CA PHE A 189 -3.26 -8.55 -19.17
C PHE A 189 -4.42 -8.10 -18.31
N VAL A 190 -5.62 -8.46 -18.74
CA VAL A 190 -6.82 -8.13 -18.00
C VAL A 190 -7.34 -9.39 -17.30
N ALA A 191 -7.71 -9.26 -16.02
CA ALA A 191 -8.34 -10.37 -15.32
C ALA A 191 -9.87 -10.23 -15.39
N ALA A 192 -10.54 -11.25 -15.91
CA ALA A 192 -12.01 -11.29 -15.86
C ALA A 192 -12.47 -12.19 -14.74
N ILE A 193 -13.11 -11.60 -13.72
CA ILE A 193 -13.43 -12.33 -12.51
C ILE A 193 -14.92 -12.28 -12.17
N SER A 194 -15.50 -13.45 -11.91
CA SER A 194 -16.80 -13.49 -11.21
C SER A 194 -16.73 -14.53 -10.09
N PRO A 195 -17.41 -14.27 -8.96
CA PRO A 195 -17.26 -15.13 -7.77
C PRO A 195 -17.70 -16.58 -7.99
N PHE A 196 -17.17 -17.48 -7.16
CA PHE A 196 -17.32 -18.92 -7.35
C PHE A 196 -18.78 -19.38 -7.39
N ASN A 197 -19.67 -18.61 -6.74
CA ASN A 197 -21.07 -18.98 -6.74
C ASN A 197 -21.99 -17.93 -7.36
N PHE A 198 -21.45 -17.12 -8.27
CA PHE A 198 -22.26 -16.15 -9.00
C PHE A 198 -22.96 -16.80 -10.19
N THR A 199 -23.90 -16.07 -10.78
CA THR A 199 -24.88 -16.62 -11.69
C THR A 199 -24.59 -16.25 -13.15
N ALA A 200 -23.54 -15.48 -13.38
CA ALA A 200 -23.24 -14.99 -14.73
C ALA A 200 -22.44 -15.98 -15.57
N ILE A 201 -22.74 -16.03 -16.85
CA ILE A 201 -21.95 -16.82 -17.80
C ILE A 201 -20.56 -16.22 -18.00
N GLY A 202 -20.50 -14.89 -18.10
CA GLY A 202 -19.23 -14.17 -18.19
C GLY A 202 -18.65 -14.01 -19.59
N GLY A 203 -19.44 -14.34 -20.60
CA GLY A 203 -19.04 -14.14 -21.98
C GLY A 203 -18.60 -12.71 -22.27
N ASN A 204 -19.40 -11.72 -21.84
CA ASN A 204 -19.02 -10.33 -22.12
C ASN A 204 -17.95 -9.80 -21.16
N LEU A 205 -17.75 -10.48 -20.03
CA LEU A 205 -16.71 -10.06 -19.08
C LEU A 205 -15.30 -10.29 -19.65
N ALA A 206 -15.12 -11.46 -20.25
CA ALA A 206 -13.86 -11.79 -20.88
C ALA A 206 -13.86 -11.23 -22.30
N GLY A 207 -15.02 -11.19 -22.92
CA GLY A 207 -15.12 -10.85 -24.33
C GLY A 207 -14.91 -9.40 -24.71
N ALA A 208 -15.47 -8.49 -23.92
CA ALA A 208 -15.33 -7.07 -24.22
C ALA A 208 -13.85 -6.63 -24.24
N PRO A 209 -13.07 -6.93 -23.18
CA PRO A 209 -11.66 -6.53 -23.24
C PRO A 209 -10.88 -7.22 -24.38
N ALA A 210 -11.16 -8.50 -24.65
CA ALA A 210 -10.48 -9.21 -25.73
C ALA A 210 -10.74 -8.55 -27.08
N LEU A 211 -12.00 -8.19 -27.30
CA LEU A 211 -12.40 -7.52 -28.53
C LEU A 211 -11.60 -6.24 -28.74
N MET A 212 -11.27 -5.56 -27.65
CA MET A 212 -10.51 -4.30 -27.75
C MET A 212 -8.98 -4.47 -27.82
N GLY A 213 -8.52 -5.69 -28.08
CA GLY A 213 -7.10 -5.97 -28.29
C GLY A 213 -6.32 -6.32 -27.05
N ASN A 214 -7.02 -6.66 -25.98
CA ASN A 214 -6.38 -7.10 -24.75
C ASN A 214 -6.29 -8.62 -24.67
N VAL A 215 -5.42 -9.14 -23.81
CA VAL A 215 -5.43 -10.57 -23.51
C VAL A 215 -5.96 -10.73 -22.08
N VAL A 216 -6.57 -11.87 -21.79
CA VAL A 216 -7.44 -11.98 -20.62
C VAL A 216 -7.17 -13.29 -19.90
N LEU A 217 -7.06 -13.24 -18.58
CA LEU A 217 -7.18 -14.48 -17.80
C LEU A 217 -8.59 -14.50 -17.25
N TRP A 218 -9.34 -15.52 -17.62
CA TRP A 218 -10.75 -15.56 -17.27
C TRP A 218 -10.97 -16.61 -16.17
N LYS A 219 -11.36 -16.13 -14.98
CA LYS A 219 -11.74 -17.03 -13.90
C LYS A 219 -13.25 -17.04 -13.78
N PRO A 220 -13.90 -18.02 -14.40
CA PRO A 220 -15.36 -18.04 -14.44
C PRO A 220 -15.98 -18.47 -13.11
N SER A 221 -17.30 -18.40 -13.00
CA SER A 221 -17.97 -18.87 -11.78
C SER A 221 -18.10 -20.40 -11.81
N ASP A 222 -17.73 -21.05 -10.71
CA ASP A 222 -17.85 -22.50 -10.58
C ASP A 222 -19.29 -22.92 -10.88
N THR A 223 -20.24 -22.12 -10.41
CA THR A 223 -21.67 -22.45 -10.52
C THR A 223 -22.23 -22.25 -11.92
N ALA A 224 -21.38 -21.75 -12.82
CA ALA A 224 -21.77 -21.56 -14.22
C ALA A 224 -20.77 -22.19 -15.19
N MET A 225 -19.94 -23.11 -14.67
CA MET A 225 -18.78 -23.59 -15.42
C MET A 225 -19.13 -24.22 -16.76
N LEU A 226 -20.15 -25.07 -16.76
CA LEU A 226 -20.60 -25.77 -17.97
C LEU A 226 -20.91 -24.80 -19.11
N ALA A 227 -21.74 -23.79 -18.83
CA ALA A 227 -22.09 -22.80 -19.84
C ALA A 227 -20.91 -21.90 -20.23
N SER A 228 -20.10 -21.53 -19.25
CA SER A 228 -18.94 -20.67 -19.51
C SER A 228 -17.93 -21.33 -20.45
N TYR A 229 -17.66 -22.62 -20.22
CA TYR A 229 -16.72 -23.32 -21.08
C TYR A 229 -17.33 -23.46 -22.49
N ALA A 230 -18.65 -23.59 -22.55
CA ALA A 230 -19.31 -23.76 -23.85
C ALA A 230 -19.08 -22.53 -24.71
N VAL A 231 -19.15 -21.35 -24.07
CA VAL A 231 -18.91 -20.08 -24.75
C VAL A 231 -17.43 -19.95 -25.13
N TYR A 232 -16.55 -20.40 -24.24
CA TYR A 232 -15.12 -20.35 -24.52
C TYR A 232 -14.81 -21.14 -25.77
N ARG A 233 -15.31 -22.37 -25.81
CA ARG A 233 -15.07 -23.26 -26.94
C ARG A 233 -15.60 -22.65 -28.22
N ILE A 234 -16.78 -22.03 -28.14
CA ILE A 234 -17.36 -21.41 -29.31
C ILE A 234 -16.48 -20.25 -29.79
N LEU A 235 -15.98 -19.43 -28.86
CA LEU A 235 -15.05 -18.36 -29.21
C LEU A 235 -13.82 -18.86 -29.96
N ARG A 236 -13.20 -19.93 -29.45
CA ARG A 236 -12.05 -20.52 -30.12
C ARG A 236 -12.47 -21.05 -31.50
N GLU A 237 -13.58 -21.79 -31.57
CA GLU A 237 -14.05 -22.33 -32.86
C GLU A 237 -14.32 -21.22 -33.87
N ALA A 238 -14.69 -20.05 -33.36
CA ALA A 238 -14.99 -18.88 -34.19
C ALA A 238 -13.70 -18.20 -34.69
N GLY A 239 -12.55 -18.64 -34.18
CA GLY A 239 -11.27 -18.14 -34.67
C GLY A 239 -10.47 -17.30 -33.68
N LEU A 240 -10.89 -17.26 -32.41
CA LEU A 240 -10.08 -16.60 -31.40
C LEU A 240 -8.73 -17.33 -31.29
N PRO A 241 -7.62 -16.62 -31.53
CA PRO A 241 -6.30 -17.25 -31.51
C PRO A 241 -5.93 -17.74 -30.12
N PRO A 242 -4.92 -18.62 -30.01
CA PRO A 242 -4.50 -19.07 -28.67
C PRO A 242 -3.93 -17.93 -27.84
N ASN A 243 -4.08 -18.04 -26.52
CA ASN A 243 -3.48 -17.13 -25.55
C ASN A 243 -4.12 -15.75 -25.46
N ILE A 244 -5.23 -15.54 -26.17
CA ILE A 244 -5.97 -14.28 -26.05
C ILE A 244 -6.89 -14.29 -24.84
N ILE A 245 -7.63 -15.39 -24.68
CA ILE A 245 -8.37 -15.63 -23.45
C ILE A 245 -7.92 -16.97 -22.87
N GLN A 246 -7.30 -16.93 -21.70
CA GLN A 246 -6.91 -18.13 -20.99
C GLN A 246 -8.06 -18.57 -20.09
N PHE A 247 -8.51 -19.82 -20.24
CA PHE A 247 -9.63 -20.32 -19.44
C PHE A 247 -9.10 -20.91 -18.14
N VAL A 248 -9.10 -20.11 -17.07
CA VAL A 248 -8.49 -20.52 -15.81
C VAL A 248 -9.38 -20.41 -14.56
N PRO A 249 -10.32 -21.35 -14.41
CA PRO A 249 -11.04 -21.50 -13.14
C PRO A 249 -10.02 -21.60 -12.02
N ALA A 250 -10.34 -21.02 -10.87
CA ALA A 250 -9.40 -20.99 -9.76
C ALA A 250 -10.14 -20.63 -8.50
N ASP A 251 -9.53 -20.90 -7.37
CA ASP A 251 -10.04 -20.39 -6.11
C ASP A 251 -10.05 -18.86 -6.19
N GLY A 252 -11.17 -18.25 -5.81
CA GLY A 252 -11.32 -16.80 -5.84
C GLY A 252 -10.17 -16.00 -5.25
N PRO A 253 -9.87 -16.21 -3.96
CA PRO A 253 -8.79 -15.51 -3.27
C PRO A 253 -7.42 -15.73 -3.90
N LEU A 254 -7.06 -16.99 -4.20
CA LEU A 254 -5.81 -17.29 -4.87
C LEU A 254 -5.69 -16.52 -6.18
N PHE A 255 -6.75 -16.57 -6.98
CA PHE A 255 -6.71 -15.87 -8.26
C PHE A 255 -6.55 -14.35 -8.07
N GLY A 256 -7.37 -13.78 -7.21
CA GLY A 256 -7.29 -12.34 -6.91
C GLY A 256 -5.93 -11.92 -6.42
N ASP A 257 -5.39 -12.67 -5.45
CA ASP A 257 -4.03 -12.43 -4.96
C ASP A 257 -2.97 -12.55 -6.05
N THR A 258 -3.06 -13.58 -6.89
CA THR A 258 -2.07 -13.79 -7.95
C THR A 258 -2.05 -12.66 -9.00
N VAL A 259 -3.20 -12.29 -9.53
CA VAL A 259 -3.21 -11.29 -10.60
C VAL A 259 -2.84 -9.90 -10.06
N THR A 260 -3.29 -9.58 -8.84
CA THR A 260 -2.96 -8.28 -8.25
C THR A 260 -1.52 -8.21 -7.79
N SER A 261 -0.86 -9.36 -7.64
CA SER A 261 0.56 -9.34 -7.31
C SER A 261 1.42 -9.31 -8.57
N SER A 262 0.81 -9.34 -9.75
CA SER A 262 1.57 -9.34 -10.99
C SER A 262 1.84 -7.92 -11.50
N GLU A 263 3.11 -7.62 -11.77
CA GLU A 263 3.50 -6.33 -12.33
C GLU A 263 2.84 -6.04 -13.69
N HIS A 264 2.34 -7.08 -14.35
CA HIS A 264 1.72 -6.97 -15.67
C HIS A 264 0.19 -6.77 -15.69
N LEU A 265 -0.46 -6.73 -14.53
CA LEU A 265 -1.91 -6.49 -14.51
C LEU A 265 -2.25 -5.12 -15.08
N CYS A 266 -3.14 -5.05 -16.05
CA CYS A 266 -3.56 -3.75 -16.54
C CYS A 266 -5.06 -3.51 -16.39
N GLY A 267 -5.78 -4.52 -15.91
CA GLY A 267 -7.20 -4.33 -15.67
C GLY A 267 -7.93 -5.49 -15.02
N ILE A 268 -9.03 -5.18 -14.33
CA ILE A 268 -9.91 -6.18 -13.75
C ILE A 268 -11.34 -5.85 -14.16
N ASN A 269 -11.99 -6.81 -14.82
CA ASN A 269 -13.37 -6.67 -15.23
C ASN A 269 -14.11 -7.66 -14.35
N PHE A 270 -14.96 -7.13 -13.48
CA PHE A 270 -15.55 -7.93 -12.43
C PHE A 270 -17.07 -7.82 -12.41
N THR A 271 -17.73 -8.92 -12.05
CA THR A 271 -19.17 -8.84 -11.74
C THR A 271 -19.45 -9.74 -10.53
N GLY A 272 -20.25 -9.26 -9.59
CA GLY A 272 -20.41 -9.95 -8.31
C GLY A 272 -20.81 -8.96 -7.24
N SER A 273 -20.56 -9.29 -5.97
CA SER A 273 -20.95 -8.39 -4.87
C SER A 273 -20.07 -7.15 -4.72
N VAL A 274 -20.66 -6.06 -4.26
CA VAL A 274 -19.92 -4.83 -4.01
C VAL A 274 -18.71 -5.03 -3.07
N PRO A 275 -18.91 -5.74 -1.94
CA PRO A 275 -17.76 -5.96 -1.04
C PRO A 275 -16.61 -6.72 -1.69
N THR A 276 -16.89 -7.67 -2.56
CA THR A 276 -15.81 -8.34 -3.24
C THR A 276 -15.09 -7.39 -4.21
N PHE A 277 -15.87 -6.62 -4.97
CA PHE A 277 -15.28 -5.59 -5.83
C PHE A 277 -14.41 -4.62 -5.04
N LYS A 278 -14.92 -4.14 -3.92
CA LYS A 278 -14.17 -3.22 -3.06
C LYS A 278 -12.86 -3.86 -2.60
N HIS A 279 -12.92 -5.14 -2.28
CA HIS A 279 -11.71 -5.88 -1.89
C HIS A 279 -10.66 -5.87 -3.00
N LEU A 280 -11.08 -6.11 -4.23
CA LEU A 280 -10.13 -6.13 -5.33
C LEU A 280 -9.57 -4.72 -5.62
N TRP A 281 -10.45 -3.74 -5.52
CA TRP A 281 -10.09 -2.34 -5.70
C TRP A 281 -8.99 -1.97 -4.71
N LYS A 282 -9.21 -2.32 -3.44
CA LYS A 282 -8.22 -2.07 -2.39
C LYS A 282 -6.92 -2.81 -2.64
N GLN A 283 -7.03 -4.04 -3.14
CA GLN A 283 -5.86 -4.85 -3.39
C GLN A 283 -4.97 -4.24 -4.49
N VAL A 284 -5.60 -3.78 -5.57
CA VAL A 284 -4.87 -3.11 -6.64
C VAL A 284 -4.17 -1.85 -6.10
N ALA A 285 -4.89 -1.06 -5.31
CA ALA A 285 -4.31 0.16 -4.77
C ALA A 285 -3.11 -0.09 -3.84
N GLN A 286 -3.22 -1.13 -3.01
CA GLN A 286 -2.13 -1.49 -2.11
C GLN A 286 -0.90 -1.91 -2.88
N ASN A 287 -1.11 -2.38 -4.10
CA ASN A 287 -0.06 -2.94 -4.93
C ASN A 287 0.38 -2.00 -6.05
N LEU A 288 -0.14 -0.77 -6.04
CA LEU A 288 0.03 0.14 -7.17
C LEU A 288 1.47 0.31 -7.64
N ASP A 289 2.39 0.31 -6.70
CA ASP A 289 3.78 0.63 -7.04
C ASP A 289 4.45 -0.38 -7.98
N ARG A 290 3.94 -1.61 -8.02
CA ARG A 290 4.57 -2.65 -8.84
C ARG A 290 4.18 -2.59 -10.32
N PHE A 291 3.02 -1.99 -10.63
CA PHE A 291 2.45 -2.13 -12.00
C PHE A 291 3.13 -1.22 -13.01
N HIS A 292 3.32 -1.73 -14.22
CA HIS A 292 3.91 -0.94 -15.30
C HIS A 292 2.91 0.06 -15.87
N THR A 293 1.62 -0.24 -15.75
CA THR A 293 0.61 0.75 -16.11
C THR A 293 -0.49 0.74 -15.06
N PHE A 294 -1.17 1.87 -14.90
CA PHE A 294 -2.28 1.97 -13.95
C PHE A 294 -3.41 1.01 -14.33
N PRO A 295 -3.67 0.01 -13.49
CA PRO A 295 -4.78 -0.90 -13.82
C PRO A 295 -6.15 -0.20 -13.84
N ARG A 296 -7.01 -0.57 -14.79
CA ARG A 296 -8.34 -0.03 -14.81
C ARG A 296 -9.32 -1.05 -14.24
N LEU A 297 -10.20 -0.63 -13.36
CA LEU A 297 -11.15 -1.60 -12.82
C LEU A 297 -12.57 -1.29 -13.20
N ALA A 298 -13.34 -2.34 -13.49
CA ALA A 298 -14.76 -2.20 -13.78
C ALA A 298 -15.54 -3.22 -12.96
N GLY A 299 -16.65 -2.81 -12.39
CA GLY A 299 -17.42 -3.69 -11.54
C GLY A 299 -18.91 -3.55 -11.78
N GLU A 300 -19.55 -4.65 -12.17
CA GLU A 300 -20.99 -4.63 -12.37
C GLU A 300 -21.60 -5.40 -11.21
N CYS A 301 -22.24 -4.66 -10.30
CA CYS A 301 -22.71 -5.23 -9.04
C CYS A 301 -24.21 -5.12 -8.84
N GLY A 302 -24.71 -5.74 -7.78
CA GLY A 302 -26.14 -5.71 -7.46
C GLY A 302 -26.49 -4.58 -6.53
N GLY A 303 -27.79 -4.35 -6.32
CA GLY A 303 -28.23 -3.28 -5.45
C GLY A 303 -29.47 -3.72 -4.70
N LYS A 304 -29.96 -2.86 -3.82
CA LYS A 304 -31.23 -3.10 -3.14
C LYS A 304 -32.26 -2.28 -3.88
N ASN A 305 -32.82 -2.88 -4.93
CA ASN A 305 -33.66 -2.15 -5.88
C ASN A 305 -35.10 -1.97 -5.39
N PHE A 306 -35.77 -0.89 -5.80
CA PHE A 306 -37.10 -0.56 -5.27
C PHE A 306 -38.18 -0.44 -6.33
N HIS A 307 -39.42 -0.70 -5.92
CA HIS A 307 -40.60 -0.19 -6.61
C HIS A 307 -41.34 0.78 -5.69
N PHE A 308 -41.52 2.01 -6.13
CA PHE A 308 -42.29 2.98 -5.37
C PHE A 308 -43.67 3.16 -5.99
N VAL A 309 -44.70 2.99 -5.18
CA VAL A 309 -46.07 3.12 -5.65
C VAL A 309 -46.74 4.38 -5.12
N HIS A 310 -47.34 5.13 -6.04
CA HIS A 310 -48.20 6.25 -5.66
C HIS A 310 -49.66 5.78 -5.72
N ARG A 311 -50.53 6.44 -4.96
CA ARG A 311 -51.92 6.00 -4.82
C ARG A 311 -52.68 5.93 -6.15
N SER A 312 -52.22 6.69 -7.14
CA SER A 312 -52.86 6.75 -8.44
C SER A 312 -52.43 5.60 -9.36
N ALA A 313 -51.54 4.73 -8.87
CA ALA A 313 -50.99 3.66 -9.71
C ALA A 313 -52.06 2.63 -10.11
N ASP A 314 -51.79 1.89 -11.19
CA ASP A 314 -52.65 0.78 -11.57
C ASP A 314 -52.22 -0.44 -10.78
N VAL A 315 -53.15 -1.01 -10.02
CA VAL A 315 -52.81 -2.10 -9.12
C VAL A 315 -52.22 -3.33 -9.80
N GLU A 316 -52.89 -3.80 -10.86
CA GLU A 316 -52.44 -5.00 -11.57
C GLU A 316 -51.02 -4.86 -12.13
N SER A 317 -50.68 -3.66 -12.59
CA SER A 317 -49.35 -3.38 -13.09
C SER A 317 -48.37 -3.49 -11.94
N VAL A 318 -48.69 -2.81 -10.85
CA VAL A 318 -47.87 -2.88 -9.65
C VAL A 318 -47.66 -4.31 -9.20
N VAL A 319 -48.74 -5.08 -9.13
CA VAL A 319 -48.69 -6.47 -8.67
C VAL A 319 -47.86 -7.37 -9.61
N SER A 320 -48.20 -7.36 -10.89
CA SER A 320 -47.48 -8.21 -11.85
C SER A 320 -46.00 -7.81 -11.97
N GLY A 321 -45.73 -6.51 -12.08
CA GLY A 321 -44.36 -6.04 -12.21
C GLY A 321 -43.50 -6.38 -11.01
N THR A 322 -44.06 -6.19 -9.82
CA THR A 322 -43.32 -6.44 -8.58
C THR A 322 -42.99 -7.93 -8.39
N LEU A 323 -43.97 -8.80 -8.63
CA LEU A 323 -43.73 -10.24 -8.47
C LEU A 323 -42.72 -10.75 -9.48
N ARG A 324 -42.80 -10.26 -10.71
CA ARG A 324 -41.87 -10.68 -11.74
C ARG A 324 -40.46 -10.19 -11.41
N SER A 325 -40.31 -8.92 -11.04
CA SER A 325 -38.99 -8.39 -10.72
C SER A 325 -38.41 -9.05 -9.48
N ALA A 326 -39.26 -9.32 -8.49
CA ALA A 326 -38.77 -9.88 -7.24
C ALA A 326 -38.37 -11.33 -7.38
N PHE A 327 -39.05 -12.07 -8.24
CA PHE A 327 -38.99 -13.53 -8.16
C PHE A 327 -38.47 -14.26 -9.39
N GLU A 328 -38.41 -13.58 -10.52
CA GLU A 328 -37.81 -14.22 -11.69
C GLU A 328 -36.36 -14.58 -11.36
N TYR A 329 -35.98 -15.81 -11.72
CA TYR A 329 -34.65 -16.37 -11.43
C TYR A 329 -34.39 -16.36 -9.92
N GLY A 330 -35.46 -16.47 -9.14
CA GLY A 330 -35.33 -16.50 -7.70
C GLY A 330 -34.80 -15.21 -7.11
N GLY A 331 -34.97 -14.11 -7.81
CA GLY A 331 -34.49 -12.84 -7.31
C GLY A 331 -33.00 -12.67 -7.53
N GLN A 332 -32.38 -13.65 -8.19
CA GLN A 332 -30.94 -13.64 -8.45
C GLN A 332 -30.55 -12.80 -9.66
N LYS A 333 -30.96 -11.54 -9.64
CA LYS A 333 -30.59 -10.59 -10.66
C LYS A 333 -30.11 -9.33 -9.97
N CYS A 334 -29.11 -8.68 -10.54
CA CYS A 334 -28.59 -7.44 -9.94
C CYS A 334 -29.64 -6.36 -9.94
N SER A 335 -30.61 -6.50 -10.84
CA SER A 335 -31.63 -5.49 -11.04
C SER A 335 -32.95 -5.82 -10.37
N ALA A 336 -33.00 -6.93 -9.63
CA ALA A 336 -34.27 -7.43 -9.06
C ALA A 336 -34.86 -6.54 -7.96
N CYS A 337 -36.18 -6.38 -7.97
CA CYS A 337 -36.85 -5.61 -6.93
C CYS A 337 -36.84 -6.38 -5.62
N SER A 338 -36.43 -5.73 -4.54
CA SER A 338 -36.44 -6.37 -3.22
C SER A 338 -37.18 -5.53 -2.18
N ARG A 339 -37.57 -4.33 -2.57
CA ARG A 339 -38.33 -3.48 -1.66
C ARG A 339 -39.45 -2.73 -2.39
N LEU A 340 -40.63 -2.79 -1.79
CA LEU A 340 -41.85 -2.24 -2.36
C LEU A 340 -42.43 -1.25 -1.37
N TYR A 341 -42.72 -0.05 -1.83
CA TYR A 341 -43.26 1.00 -0.99
C TYR A 341 -44.65 1.29 -1.47
N VAL A 342 -45.63 1.19 -0.57
CA VAL A 342 -47.04 1.29 -0.94
C VAL A 342 -47.82 2.24 -0.04
N PRO A 343 -48.72 3.02 -0.63
CA PRO A 343 -49.52 3.95 0.16
C PRO A 343 -50.62 3.21 0.91
N HIS A 344 -51.00 3.75 2.06
CA HIS A 344 -51.97 3.11 2.93
C HIS A 344 -53.30 2.80 2.20
N SER A 345 -53.73 3.74 1.37
CA SER A 345 -55.02 3.62 0.70
C SER A 345 -55.09 2.47 -0.31
N LEU A 346 -53.95 2.12 -0.90
CA LEU A 346 -53.91 1.06 -1.90
C LEU A 346 -53.56 -0.30 -1.33
N TRP A 347 -53.00 -0.30 -0.11
CA TRP A 347 -52.46 -1.54 0.48
C TRP A 347 -53.43 -2.74 0.53
N PRO A 348 -54.66 -2.55 1.06
CA PRO A 348 -55.58 -3.69 1.11
C PRO A 348 -55.76 -4.36 -0.26
N GLN A 349 -56.00 -3.56 -1.30
CA GLN A 349 -56.09 -4.08 -2.67
C GLN A 349 -54.78 -4.71 -3.16
N ILE A 350 -53.67 -3.99 -2.95
CA ILE A 350 -52.37 -4.50 -3.40
C ILE A 350 -52.00 -5.77 -2.64
N LYS A 351 -52.18 -5.76 -1.32
CA LYS A 351 -51.87 -6.93 -0.50
C LYS A 351 -52.63 -8.17 -0.95
N GLY A 352 -53.93 -8.02 -1.14
CA GLY A 352 -54.78 -9.13 -1.52
C GLY A 352 -54.40 -9.74 -2.86
N ARG A 353 -54.12 -8.89 -3.83
CA ARG A 353 -53.70 -9.35 -5.14
C ARG A 353 -52.31 -9.99 -5.10
N LEU A 354 -51.42 -9.43 -4.29
CA LEU A 354 -50.08 -10.00 -4.17
C LEU A 354 -50.14 -11.43 -3.66
N LEU A 355 -51.02 -11.68 -2.70
CA LEU A 355 -51.09 -13.00 -2.10
C LEU A 355 -51.77 -14.03 -3.01
N GLU A 356 -52.78 -13.58 -3.76
CA GLU A 356 -53.47 -14.42 -4.72
C GLU A 356 -52.50 -14.85 -5.84
N GLU A 357 -51.77 -13.88 -6.38
CA GLU A 357 -50.81 -14.20 -7.44
C GLU A 357 -49.62 -15.02 -6.90
N HIS A 358 -49.19 -14.71 -5.68
CA HIS A 358 -48.12 -15.46 -5.02
C HIS A 358 -48.41 -16.96 -4.98
N SER A 359 -49.66 -17.30 -4.65
CA SER A 359 -50.05 -18.70 -4.54
C SER A 359 -49.99 -19.46 -5.88
N ARG A 360 -49.93 -18.74 -7.00
CA ARG A 360 -49.84 -19.35 -8.32
C ARG A 360 -48.40 -19.49 -8.82
N ILE A 361 -47.42 -19.13 -8.01
CA ILE A 361 -46.02 -19.23 -8.43
C ILE A 361 -45.50 -20.64 -8.19
N LYS A 362 -45.15 -21.32 -9.29
CA LYS A 362 -44.67 -22.70 -9.23
C LYS A 362 -43.14 -22.76 -9.18
N VAL A 363 -42.60 -23.29 -8.09
CA VAL A 363 -41.16 -23.54 -8.01
C VAL A 363 -40.88 -25.01 -8.25
N GLY A 364 -39.91 -25.30 -9.12
CA GLY A 364 -39.62 -26.68 -9.44
C GLY A 364 -38.45 -26.90 -10.38
N ASP A 365 -38.45 -28.05 -11.03
CA ASP A 365 -37.45 -28.42 -12.03
C ASP A 365 -37.77 -27.72 -13.35
N PRO A 366 -36.87 -26.83 -13.81
CA PRO A 366 -37.13 -26.06 -15.03
C PRO A 366 -36.92 -26.88 -16.30
N ALA A 367 -36.12 -27.94 -16.19
CA ALA A 367 -35.81 -28.79 -17.34
C ALA A 367 -36.94 -29.77 -17.59
N GLU A 368 -37.57 -30.23 -16.51
CA GLU A 368 -38.60 -31.25 -16.61
C GLU A 368 -39.99 -30.64 -16.72
N ASP A 369 -40.13 -29.41 -16.24
CA ASP A 369 -41.43 -28.75 -16.20
C ASP A 369 -41.33 -27.32 -16.67
N PHE A 370 -41.76 -27.07 -17.90
CA PHE A 370 -41.66 -25.72 -18.47
C PHE A 370 -42.68 -24.76 -17.90
N GLY A 371 -43.49 -25.23 -16.95
CA GLY A 371 -44.45 -24.38 -16.29
C GLY A 371 -43.83 -23.68 -15.10
N THR A 372 -42.62 -24.10 -14.73
CA THR A 372 -41.90 -23.54 -13.59
C THR A 372 -41.71 -22.04 -13.76
N PHE A 373 -42.05 -21.27 -12.72
CA PHE A 373 -41.83 -19.82 -12.69
C PHE A 373 -40.36 -19.54 -12.38
N PHE A 374 -39.87 -20.16 -11.32
CA PHE A 374 -38.44 -20.14 -11.03
C PHE A 374 -38.07 -21.37 -10.22
N SER A 375 -36.77 -21.68 -10.22
CA SER A 375 -36.27 -22.92 -9.65
C SER A 375 -35.41 -22.64 -8.42
N ALA A 376 -34.60 -23.62 -8.02
CA ALA A 376 -33.69 -23.50 -6.89
C ALA A 376 -32.70 -22.34 -7.06
N VAL A 377 -32.25 -21.78 -5.94
CA VAL A 377 -31.21 -20.77 -5.96
C VAL A 377 -29.87 -21.48 -6.19
N ILE A 378 -28.83 -20.70 -6.47
CA ILE A 378 -27.64 -21.19 -7.19
C ILE A 378 -26.74 -22.19 -6.44
N ASP A 379 -26.62 -22.05 -5.12
CA ASP A 379 -25.71 -22.91 -4.35
C ASP A 379 -26.05 -22.96 -2.86
N ALA A 380 -25.25 -23.73 -2.12
CA ALA A 380 -25.48 -23.93 -0.69
C ALA A 380 -25.22 -22.67 0.13
N LYS A 381 -24.17 -21.93 -0.21
CA LYS A 381 -23.87 -20.70 0.49
C LYS A 381 -25.02 -19.69 0.31
N SER A 382 -25.54 -19.60 -0.90
CA SER A 382 -26.68 -18.69 -1.14
C SER A 382 -27.90 -19.17 -0.35
N PHE A 383 -28.15 -20.47 -0.39
CA PHE A 383 -29.28 -21.05 0.30
C PHE A 383 -29.23 -20.73 1.80
N ALA A 384 -28.02 -20.81 2.37
CA ALA A 384 -27.83 -20.56 3.78
C ALA A 384 -28.09 -19.10 4.10
N ARG A 385 -27.56 -18.21 3.27
CA ARG A 385 -27.77 -16.77 3.45
C ARG A 385 -29.25 -16.45 3.43
N ILE A 386 -29.95 -16.97 2.42
CA ILE A 386 -31.38 -16.74 2.29
C ILE A 386 -32.15 -17.28 3.48
N LYS A 387 -31.79 -18.48 3.92
CA LYS A 387 -32.43 -19.14 5.05
C LYS A 387 -32.30 -18.29 6.31
N LYS A 388 -31.18 -17.58 6.47
CA LYS A 388 -30.97 -16.76 7.67
C LYS A 388 -31.86 -15.54 7.64
N TRP A 389 -32.07 -14.98 6.44
CA TRP A 389 -32.97 -13.85 6.31
C TRP A 389 -34.42 -14.26 6.58
N LEU A 390 -34.77 -15.48 6.19
CA LEU A 390 -36.13 -15.98 6.45
C LEU A 390 -36.39 -16.12 7.94
N GLU A 391 -35.41 -16.65 8.68
CA GLU A 391 -35.54 -16.78 10.13
C GLU A 391 -35.54 -15.41 10.80
N HIS A 392 -34.75 -14.48 10.25
CA HIS A 392 -34.80 -13.09 10.68
C HIS A 392 -36.19 -12.47 10.48
N ALA A 393 -36.79 -12.72 9.31
CA ALA A 393 -38.13 -12.23 9.04
C ALA A 393 -39.14 -12.82 10.00
N ARG A 394 -38.96 -14.10 10.31
CA ARG A 394 -39.87 -14.79 11.20
C ARG A 394 -39.81 -14.28 12.64
N SER A 395 -38.60 -13.97 13.12
CA SER A 395 -38.41 -13.72 14.55
C SER A 395 -38.39 -12.25 14.94
N SER A 396 -38.04 -11.37 14.00
CA SER A 396 -37.97 -9.93 14.27
C SER A 396 -39.34 -9.31 14.57
N PRO A 397 -39.40 -8.48 15.62
CA PRO A 397 -40.62 -7.77 16.04
C PRO A 397 -41.16 -6.83 14.96
N SER A 398 -40.28 -6.33 14.11
CA SER A 398 -40.66 -5.34 13.11
C SER A 398 -41.16 -5.97 11.81
N LEU A 399 -41.00 -7.29 11.68
CA LEU A 399 -41.27 -7.99 10.42
C LEU A 399 -42.38 -9.04 10.54
N THR A 400 -43.25 -9.12 9.54
CA THR A 400 -44.24 -10.17 9.43
C THR A 400 -44.14 -10.85 8.07
N ILE A 401 -43.94 -12.16 8.04
CA ILE A 401 -43.94 -12.88 6.78
C ILE A 401 -45.38 -12.95 6.26
N LEU A 402 -45.65 -12.37 5.10
CA LEU A 402 -47.00 -12.33 4.56
C LEU A 402 -47.33 -13.59 3.78
N ALA A 403 -46.30 -14.16 3.15
CA ALA A 403 -46.44 -15.36 2.32
C ALA A 403 -45.08 -16.03 2.14
N GLY A 404 -45.10 -17.35 1.99
CA GLY A 404 -43.88 -18.14 1.93
C GLY A 404 -43.12 -18.16 3.24
N GLY A 405 -41.80 -18.27 3.16
CA GLY A 405 -40.96 -18.32 4.35
C GLY A 405 -40.25 -19.65 4.54
N LYS A 406 -40.63 -20.65 3.74
CA LYS A 406 -40.06 -21.98 3.88
C LYS A 406 -38.93 -22.23 2.89
N CYS A 407 -38.12 -23.25 3.18
CA CYS A 407 -37.06 -23.68 2.26
C CYS A 407 -36.70 -25.13 2.54
N ASP A 408 -36.06 -25.78 1.58
CA ASP A 408 -35.69 -27.20 1.72
C ASP A 408 -34.54 -27.55 0.80
N ASP A 409 -33.44 -28.00 1.37
CA ASP A 409 -32.24 -28.28 0.59
C ASP A 409 -31.96 -29.78 0.49
N SER A 410 -33.02 -30.58 0.60
CA SER A 410 -32.84 -32.02 0.59
C SER A 410 -32.50 -32.55 -0.82
N VAL A 411 -33.08 -31.93 -1.83
CA VAL A 411 -32.88 -32.34 -3.22
C VAL A 411 -32.15 -31.25 -4.02
N GLY A 412 -32.70 -30.05 -3.99
CA GLY A 412 -32.06 -28.90 -4.59
C GLY A 412 -32.13 -27.76 -3.60
N TYR A 413 -31.56 -26.61 -3.94
CA TYR A 413 -31.56 -25.47 -3.03
C TYR A 413 -32.85 -24.67 -3.16
N PHE A 414 -33.95 -25.30 -2.76
CA PHE A 414 -35.26 -24.73 -3.00
C PHE A 414 -35.73 -23.77 -1.91
N VAL A 415 -36.15 -22.59 -2.34
CA VAL A 415 -36.72 -21.59 -1.46
C VAL A 415 -38.04 -21.10 -2.04
N GLU A 416 -39.10 -21.11 -1.22
CA GLU A 416 -40.36 -20.51 -1.63
C GLU A 416 -40.17 -19.01 -1.82
N PRO A 417 -40.85 -18.41 -2.82
CA PRO A 417 -40.85 -16.95 -2.88
C PRO A 417 -41.45 -16.41 -1.58
N CYS A 418 -40.82 -15.40 -0.98
CA CYS A 418 -41.25 -14.89 0.32
C CYS A 418 -41.58 -13.40 0.25
N ILE A 419 -42.72 -13.04 0.81
CA ILE A 419 -43.08 -11.64 0.94
C ILE A 419 -43.15 -11.27 2.41
N VAL A 420 -42.43 -10.22 2.77
CA VAL A 420 -42.35 -9.79 4.16
C VAL A 420 -42.80 -8.34 4.27
N GLU A 421 -43.61 -8.02 5.28
CA GLU A 421 -43.89 -6.61 5.58
C GLU A 421 -43.00 -6.10 6.72
N SER A 422 -42.45 -4.91 6.54
CA SER A 422 -41.70 -4.26 7.59
C SER A 422 -42.42 -3.03 8.08
N LYS A 423 -42.61 -2.94 9.39
CA LYS A 423 -43.17 -1.74 9.99
C LYS A 423 -42.13 -0.62 10.07
N ASP A 424 -40.86 -0.96 9.84
CA ASP A 424 -39.77 -0.01 9.92
C ASP A 424 -39.07 0.11 8.57
N PRO A 425 -39.04 1.33 8.00
CA PRO A 425 -38.37 1.54 6.71
C PRO A 425 -36.84 1.46 6.80
N GLN A 426 -36.30 1.52 8.01
CA GLN A 426 -34.85 1.42 8.21
C GLN A 426 -34.38 0.01 8.62
N GLU A 427 -35.30 -0.95 8.60
CA GLU A 427 -35.01 -2.34 8.98
C GLU A 427 -33.96 -2.91 8.02
N PRO A 428 -33.02 -3.73 8.54
CA PRO A 428 -31.97 -4.37 7.73
C PRO A 428 -32.50 -5.02 6.45
N ILE A 429 -33.68 -5.64 6.56
CA ILE A 429 -34.22 -6.36 5.40
C ILE A 429 -34.63 -5.37 4.30
N MET A 430 -34.84 -4.11 4.67
CA MET A 430 -35.14 -3.06 3.70
C MET A 430 -33.89 -2.52 3.03
N LYS A 431 -32.73 -2.79 3.64
CA LYS A 431 -31.50 -2.14 3.22
C LYS A 431 -30.43 -3.08 2.64
N GLU A 432 -30.35 -4.30 3.16
CA GLU A 432 -29.28 -5.21 2.79
C GLU A 432 -29.65 -6.11 1.60
N GLU A 433 -28.74 -6.25 0.65
CA GLU A 433 -29.00 -7.08 -0.53
C GLU A 433 -29.02 -8.56 -0.15
N ILE A 434 -30.07 -9.27 -0.56
CA ILE A 434 -30.21 -10.70 -0.23
C ILE A 434 -29.87 -11.57 -1.45
N PHE A 435 -30.11 -11.00 -2.62
CA PHE A 435 -29.93 -11.70 -3.90
C PHE A 435 -30.67 -13.03 -3.90
N GLY A 436 -31.96 -12.97 -3.61
CA GLY A 436 -32.79 -14.15 -3.49
C GLY A 436 -34.24 -13.74 -3.57
N PRO A 437 -35.15 -14.70 -3.42
CA PRO A 437 -36.60 -14.50 -3.60
C PRO A 437 -37.27 -14.02 -2.32
N VAL A 438 -36.83 -12.86 -1.84
CA VAL A 438 -37.37 -12.26 -0.63
C VAL A 438 -37.75 -10.82 -0.93
N LEU A 439 -39.04 -10.54 -0.93
CA LEU A 439 -39.52 -9.20 -1.20
C LEU A 439 -39.99 -8.56 0.10
N SER A 440 -39.53 -7.33 0.37
CA SER A 440 -39.88 -6.61 1.59
C SER A 440 -40.80 -5.45 1.27
N VAL A 441 -41.83 -5.26 2.08
CA VAL A 441 -42.84 -4.26 1.78
C VAL A 441 -42.98 -3.26 2.93
N TYR A 442 -42.97 -1.96 2.59
CA TYR A 442 -43.27 -0.93 3.59
C TYR A 442 -44.47 -0.09 3.17
N VAL A 443 -45.48 -0.04 4.05
CA VAL A 443 -46.69 0.73 3.81
C VAL A 443 -46.58 2.13 4.42
N TYR A 444 -46.78 3.15 3.60
CA TYR A 444 -46.58 4.53 4.07
C TYR A 444 -47.91 5.29 4.03
N PRO A 445 -48.06 6.28 4.92
CA PRO A 445 -49.30 7.08 4.92
C PRO A 445 -49.43 7.89 3.63
N ASP A 446 -50.61 7.85 3.00
CA ASP A 446 -50.85 8.53 1.72
C ASP A 446 -50.34 9.97 1.62
N ASP A 447 -50.55 10.75 2.67
CA ASP A 447 -50.16 12.16 2.63
C ASP A 447 -48.73 12.42 3.11
N LYS A 448 -47.94 11.35 3.23
CA LYS A 448 -46.51 11.48 3.51
C LYS A 448 -45.68 10.94 2.35
N TYR A 449 -46.26 10.93 1.15
CA TYR A 449 -45.60 10.32 0.01
C TYR A 449 -44.35 11.12 -0.37
N LYS A 450 -44.37 12.42 -0.08
CA LYS A 450 -43.20 13.24 -0.32
C LYS A 450 -42.07 12.79 0.60
N GLU A 451 -42.35 12.73 1.90
CA GLU A 451 -41.36 12.27 2.87
C GLU A 451 -40.84 10.87 2.52
N THR A 452 -41.72 10.03 1.99
CA THR A 452 -41.35 8.65 1.70
C THR A 452 -40.43 8.53 0.49
N LEU A 453 -40.65 9.38 -0.51
CA LEU A 453 -39.78 9.41 -1.68
C LEU A 453 -38.35 9.71 -1.25
N GLN A 454 -38.18 10.70 -0.37
CA GLN A 454 -36.85 11.02 0.16
C GLN A 454 -36.31 9.83 0.96
N LEU A 455 -37.22 9.10 1.61
CA LEU A 455 -36.82 7.93 2.39
C LEU A 455 -36.28 6.80 1.52
N VAL A 456 -36.91 6.58 0.37
CA VAL A 456 -36.43 5.62 -0.61
C VAL A 456 -34.99 5.97 -1.01
N ASP A 457 -34.75 7.25 -1.25
CA ASP A 457 -33.41 7.69 -1.67
C ASP A 457 -32.39 7.59 -0.54
N SER A 458 -32.77 8.05 0.66
CA SER A 458 -31.83 8.06 1.78
C SER A 458 -31.44 6.66 2.24
N THR A 459 -32.29 5.67 2.01
CA THR A 459 -31.97 4.30 2.39
C THR A 459 -31.30 3.52 1.26
N THR A 460 -31.08 4.18 0.12
CA THR A 460 -30.45 3.54 -1.04
C THR A 460 -28.92 3.62 -0.95
N SER A 461 -28.29 2.46 -0.78
CA SER A 461 -26.83 2.41 -0.65
C SER A 461 -26.15 2.23 -2.01
N TYR A 462 -26.62 1.25 -2.79
CA TYR A 462 -26.20 1.11 -4.18
C TYR A 462 -27.45 1.22 -5.05
N GLY A 463 -27.49 2.25 -5.89
CA GLY A 463 -28.69 2.57 -6.64
C GLY A 463 -28.70 2.05 -8.06
N LEU A 464 -28.87 0.75 -8.22
CA LEU A 464 -28.84 0.13 -9.53
C LEU A 464 -30.10 0.39 -10.35
N THR A 465 -31.23 -0.20 -9.93
CA THR A 465 -32.48 0.03 -10.65
C THR A 465 -33.62 0.44 -9.72
N GLY A 466 -34.69 0.93 -10.31
CA GLY A 466 -35.84 1.30 -9.54
C GLY A 466 -37.01 1.60 -10.44
N ALA A 467 -38.17 1.76 -9.83
CA ALA A 467 -39.36 1.98 -10.61
C ALA A 467 -40.33 2.81 -9.82
N VAL A 468 -41.07 3.65 -10.53
CA VAL A 468 -42.18 4.37 -9.92
C VAL A 468 -43.44 4.01 -10.67
N PHE A 469 -44.48 3.64 -9.91
CA PHE A 469 -45.78 3.34 -10.47
C PHE A 469 -46.74 4.46 -10.11
N SER A 470 -47.25 5.14 -11.11
CA SER A 470 -48.11 6.29 -10.90
C SER A 470 -48.83 6.64 -12.18
N GLN A 471 -50.14 6.93 -12.06
CA GLN A 471 -50.91 7.44 -13.18
C GLN A 471 -50.87 8.97 -13.18
N ASP A 472 -50.48 9.53 -12.04
CA ASP A 472 -50.34 10.99 -11.95
C ASP A 472 -49.02 11.43 -12.57
N LYS A 473 -49.11 12.11 -13.71
CA LYS A 473 -47.93 12.59 -14.43
C LYS A 473 -47.10 13.54 -13.57
N ASP A 474 -47.79 14.41 -12.82
CA ASP A 474 -47.12 15.36 -11.93
C ASP A 474 -46.30 14.65 -10.85
N VAL A 475 -46.79 13.50 -10.39
CA VAL A 475 -46.05 12.70 -9.41
C VAL A 475 -44.86 12.01 -10.08
N VAL A 476 -45.05 11.57 -11.32
CA VAL A 476 -43.94 10.97 -12.07
C VAL A 476 -42.77 11.95 -12.18
N GLN A 477 -43.04 13.16 -12.67
CA GLN A 477 -42.01 14.17 -12.81
C GLN A 477 -41.35 14.44 -11.46
N GLU A 478 -42.17 14.57 -10.42
CA GLU A 478 -41.67 14.75 -9.06
C GLU A 478 -40.73 13.62 -8.64
N ALA A 479 -41.20 12.38 -8.74
CA ALA A 479 -40.42 11.23 -8.29
C ALA A 479 -39.09 11.10 -9.02
N THR A 480 -39.08 11.45 -10.31
CA THR A 480 -37.85 11.33 -11.09
C THR A 480 -36.76 12.27 -10.56
N LYS A 481 -37.14 13.47 -10.13
CA LYS A 481 -36.16 14.41 -9.57
C LYS A 481 -35.63 13.92 -8.22
N VAL A 482 -36.54 13.50 -7.35
CA VAL A 482 -36.14 13.04 -6.02
C VAL A 482 -35.22 11.82 -6.10
N LEU A 483 -35.57 10.90 -6.99
CA LEU A 483 -34.87 9.62 -7.07
C LEU A 483 -33.79 9.62 -8.15
N ARG A 484 -33.42 10.82 -8.62
CA ARG A 484 -32.44 10.97 -9.70
C ARG A 484 -31.19 10.14 -9.48
N ASN A 485 -30.73 10.09 -8.24
CA ASN A 485 -29.56 9.29 -7.90
C ASN A 485 -29.88 8.03 -7.11
N ALA A 486 -31.15 7.62 -7.12
CA ALA A 486 -31.52 6.39 -6.44
C ALA A 486 -31.48 5.17 -7.37
N ALA A 487 -31.42 5.41 -8.68
CA ALA A 487 -31.28 4.33 -9.67
C ALA A 487 -30.72 4.78 -11.04
N GLY A 488 -29.79 3.99 -11.57
CA GLY A 488 -29.23 4.22 -12.89
C GLY A 488 -30.15 3.80 -14.02
N ASN A 489 -30.96 2.77 -13.77
CA ASN A 489 -32.03 2.40 -14.68
C ASN A 489 -33.36 2.63 -13.98
N PHE A 490 -34.10 3.63 -14.46
CA PHE A 490 -35.30 4.07 -13.79
C PHE A 490 -36.51 3.82 -14.66
N TYR A 491 -37.49 3.13 -14.11
CA TYR A 491 -38.63 2.69 -14.89
C TYR A 491 -39.89 3.36 -14.41
N ILE A 492 -40.70 3.81 -15.36
CA ILE A 492 -41.98 4.41 -15.06
C ILE A 492 -43.08 3.43 -15.47
N ASN A 493 -43.83 2.97 -14.48
CA ASN A 493 -44.91 2.01 -14.69
C ASN A 493 -44.44 0.72 -15.37
N ASP A 494 -43.24 0.29 -15.05
CA ASP A 494 -42.72 -1.00 -15.48
C ASP A 494 -41.72 -1.51 -14.45
N LYS A 495 -41.36 -2.79 -14.54
CA LYS A 495 -40.60 -3.43 -13.47
C LYS A 495 -39.10 -3.16 -13.55
N SER A 496 -38.45 -3.19 -12.38
CA SER A 496 -37.05 -2.78 -12.25
C SER A 496 -36.06 -3.67 -13.03
N THR A 497 -36.51 -4.86 -13.43
CA THR A 497 -35.64 -5.74 -14.20
C THR A 497 -35.76 -5.50 -15.70
N GLY A 498 -36.53 -4.48 -16.09
CA GLY A 498 -36.75 -4.23 -17.50
C GLY A 498 -37.83 -5.14 -18.04
N SER A 499 -38.18 -4.98 -19.31
CA SER A 499 -39.26 -5.75 -19.91
C SER A 499 -38.97 -6.18 -21.36
N HIS A 522 -20.79 2.44 -24.88
CA HIS A 522 -19.60 3.21 -24.52
C HIS A 522 -18.90 2.63 -23.29
N TYR A 523 -19.35 1.47 -22.83
CA TYR A 523 -18.69 0.75 -21.74
C TYR A 523 -17.31 0.25 -22.16
N ILE A 524 -17.21 -0.28 -23.38
CA ILE A 524 -15.98 -0.86 -23.93
C ILE A 524 -14.80 0.10 -23.94
N LEU A 525 -15.07 1.39 -23.78
CA LEU A 525 -14.01 2.40 -23.75
C LEU A 525 -13.03 2.19 -22.60
N ARG A 526 -13.46 1.48 -21.56
CA ARG A 526 -12.56 1.28 -20.45
C ARG A 526 -11.36 0.41 -20.85
N TRP A 527 -11.50 -0.35 -21.92
CA TRP A 527 -10.50 -1.34 -22.29
C TRP A 527 -9.63 -0.87 -23.46
N THR A 528 -9.65 0.42 -23.74
CA THR A 528 -8.80 0.93 -24.79
C THR A 528 -8.09 2.22 -24.34
N SER A 529 -6.88 2.42 -24.83
CA SER A 529 -6.13 3.64 -24.55
C SER A 529 -5.81 4.29 -25.88
N PRO A 530 -6.44 5.42 -26.17
CA PRO A 530 -6.28 6.04 -27.48
C PRO A 530 -4.90 6.65 -27.63
N GLN A 531 -4.27 6.44 -28.78
CA GLN A 531 -3.03 7.14 -29.12
C GLN A 531 -3.29 8.05 -30.31
N VAL A 532 -2.87 9.30 -30.22
CA VAL A 532 -3.00 10.22 -31.33
C VAL A 532 -1.68 10.29 -32.08
N ILE A 533 -1.72 10.02 -33.39
CA ILE A 533 -0.53 10.08 -34.23
C ILE A 533 -0.66 11.24 -35.21
N LYS A 534 0.34 12.10 -35.23
CA LYS A 534 0.33 13.23 -36.13
C LYS A 534 1.62 13.28 -36.94
N GLU A 535 1.48 13.41 -38.25
CA GLU A 535 2.65 13.43 -39.14
C GLU A 535 2.64 14.71 -39.94
N THR A 536 3.80 15.36 -40.01
CA THR A 536 3.96 16.52 -40.85
C THR A 536 4.61 16.08 -42.17
N HIS A 537 4.00 16.47 -43.28
CA HIS A 537 4.51 16.13 -44.60
C HIS A 537 5.07 17.36 -45.31
N ARG B 9 -46.84 15.71 -29.00
CA ARG B 9 -45.91 16.21 -27.99
C ARG B 9 -44.58 16.60 -28.63
N TRP B 10 -43.90 17.58 -28.03
CA TRP B 10 -42.69 18.14 -28.61
C TRP B 10 -41.89 18.91 -27.57
N LYS B 11 -40.56 18.92 -27.75
CA LYS B 11 -39.65 19.60 -26.82
C LYS B 11 -38.61 20.44 -27.57
N HIS B 12 -38.39 21.67 -27.10
CA HIS B 12 -37.31 22.50 -27.64
C HIS B 12 -35.96 21.98 -27.14
N THR B 13 -35.03 21.74 -28.06
CA THR B 13 -33.69 21.28 -27.74
C THR B 13 -32.70 22.27 -28.37
N SER B 14 -31.41 22.14 -28.10
CA SER B 14 -30.42 23.01 -28.75
C SER B 14 -29.30 22.20 -29.37
N SER B 15 -28.63 22.80 -30.35
CA SER B 15 -27.42 22.22 -30.93
C SER B 15 -26.37 23.32 -30.98
N LEU B 16 -25.11 22.91 -31.06
CA LEU B 16 -24.01 23.84 -30.91
C LEU B 16 -22.84 23.47 -31.82
N LYS B 17 -22.37 24.47 -32.58
CA LYS B 17 -21.18 24.29 -33.39
C LYS B 17 -20.15 25.33 -32.95
N VAL B 18 -18.88 24.93 -32.92
CA VAL B 18 -17.82 25.82 -32.44
C VAL B 18 -16.59 25.73 -33.33
N ALA B 19 -15.93 26.86 -33.52
CA ALA B 19 -14.65 26.89 -34.22
C ALA B 19 -13.53 27.06 -33.20
N ASN B 20 -12.34 26.61 -33.56
CA ASN B 20 -11.16 26.84 -32.73
C ASN B 20 -10.90 28.32 -32.60
N GLU B 21 -10.26 28.70 -31.51
CA GLU B 21 -9.88 30.09 -31.31
C GLU B 21 -8.61 30.38 -32.11
N PRO B 22 -8.64 31.43 -32.94
CA PRO B 22 -7.44 31.70 -33.73
C PRO B 22 -6.29 32.13 -32.82
N VAL B 23 -5.08 31.78 -33.20
CA VAL B 23 -3.90 32.21 -32.47
C VAL B 23 -3.34 33.47 -33.11
N LEU B 24 -3.25 34.54 -32.33
CA LEU B 24 -2.84 35.84 -32.83
C LEU B 24 -1.32 35.94 -33.00
N ALA B 25 -0.89 36.68 -34.02
CA ALA B 25 0.52 36.77 -34.40
C ALA B 25 1.29 37.80 -33.58
N PHE B 26 0.59 38.82 -33.09
CA PHE B 26 1.20 39.87 -32.29
C PHE B 26 2.31 40.61 -33.03
N THR B 27 2.25 40.64 -34.36
CA THR B 27 3.28 41.27 -35.18
C THR B 27 3.65 42.68 -34.71
N GLN B 28 4.93 43.02 -34.82
CA GLN B 28 5.43 44.32 -34.38
C GLN B 28 4.60 45.44 -34.98
N GLY B 29 3.71 46.02 -34.15
CA GLY B 29 2.82 47.06 -34.60
C GLY B 29 1.36 46.64 -34.64
N SER B 30 1.10 45.37 -34.38
CA SER B 30 -0.27 44.83 -34.40
C SER B 30 -1.07 45.28 -33.16
N PRO B 31 -2.42 45.29 -33.25
CA PRO B 31 -3.30 45.79 -32.18
C PRO B 31 -3.39 44.95 -30.91
N GLU B 32 -3.44 43.62 -31.03
CA GLU B 32 -3.47 42.77 -29.83
C GLU B 32 -2.18 43.00 -29.05
N ARG B 33 -1.09 43.24 -29.79
CA ARG B 33 0.20 43.54 -29.20
C ARG B 33 0.15 44.87 -28.45
N ASP B 34 -0.69 45.77 -28.93
CA ASP B 34 -0.89 47.06 -28.27
C ASP B 34 -1.58 46.86 -26.92
N ALA B 35 -2.69 46.12 -26.90
CA ALA B 35 -3.43 45.88 -25.67
C ALA B 35 -2.64 45.05 -24.67
N LEU B 36 -1.78 44.18 -25.18
CA LEU B 36 -0.94 43.35 -24.31
C LEU B 36 0.14 44.20 -23.63
N GLN B 37 0.71 45.14 -24.38
CA GLN B 37 1.66 46.08 -23.80
C GLN B 37 1.01 46.82 -22.63
N LYS B 38 -0.24 47.23 -22.82
CA LYS B 38 -1.00 47.92 -21.78
C LYS B 38 -1.26 47.03 -20.56
N ALA B 39 -1.66 45.78 -20.81
CA ALA B 39 -1.90 44.85 -19.70
C ALA B 39 -0.61 44.57 -18.93
N LEU B 40 0.50 44.41 -19.62
CA LEU B 40 1.79 44.17 -18.98
C LEU B 40 2.24 45.35 -18.13
N LYS B 41 2.06 46.55 -18.66
CA LYS B 41 2.40 47.75 -17.91
C LYS B 41 1.52 47.84 -16.66
N ASP B 42 0.29 47.36 -16.79
CA ASP B 42 -0.65 47.31 -15.67
C ASP B 42 -0.15 46.44 -14.52
N LEU B 43 0.55 45.35 -14.83
CA LEU B 43 1.04 44.46 -13.78
C LEU B 43 2.39 44.89 -13.16
N LYS B 44 3.15 45.71 -13.88
CA LYS B 44 4.47 46.12 -13.40
C LYS B 44 4.34 46.78 -12.02
N GLY B 45 5.14 46.30 -11.06
CA GLY B 45 5.10 46.79 -9.71
C GLY B 45 3.80 46.54 -8.95
N ARG B 46 2.93 45.67 -9.47
CA ARG B 46 1.62 45.49 -8.85
C ARG B 46 1.42 44.09 -8.26
N MET B 47 0.65 44.01 -7.19
CA MET B 47 0.35 42.74 -6.55
C MET B 47 -1.14 42.64 -6.30
N GLU B 48 -1.70 41.44 -6.44
CA GLU B 48 -3.11 41.25 -6.09
C GLU B 48 -3.22 40.39 -4.83
N ALA B 49 -4.10 40.81 -3.93
CA ALA B 49 -4.40 40.04 -2.73
C ALA B 49 -5.55 39.10 -3.09
N ILE B 50 -5.24 37.81 -3.17
CA ILE B 50 -6.21 36.82 -3.67
C ILE B 50 -6.70 35.97 -2.51
N PRO B 51 -7.99 36.08 -2.17
CA PRO B 51 -8.57 35.34 -1.04
C PRO B 51 -9.01 33.95 -1.50
N CYS B 52 -9.23 33.03 -0.56
CA CYS B 52 -10.02 31.84 -0.91
C CYS B 52 -11.43 32.32 -1.14
N VAL B 53 -12.18 31.63 -1.99
CA VAL B 53 -13.57 31.97 -2.22
C VAL B 53 -14.49 30.76 -2.01
N VAL B 54 -15.37 30.89 -1.04
CA VAL B 54 -16.37 29.88 -0.77
C VAL B 54 -17.72 30.55 -0.98
N GLY B 55 -18.53 30.02 -1.90
CA GLY B 55 -19.71 30.72 -2.38
C GLY B 55 -19.34 32.05 -3.00
N ASP B 56 -19.90 33.12 -2.43
CA ASP B 56 -19.56 34.47 -2.87
C ASP B 56 -18.69 35.14 -1.82
N GLU B 57 -18.29 34.38 -0.80
CA GLU B 57 -17.54 34.92 0.33
C GLU B 57 -16.02 34.86 0.14
N GLU B 58 -15.35 35.99 0.38
CA GLU B 58 -13.90 36.03 0.37
C GLU B 58 -13.39 35.71 1.77
N VAL B 59 -12.54 34.70 1.88
CA VAL B 59 -12.04 34.24 3.18
C VAL B 59 -10.53 34.29 3.28
N TRP B 60 -10.02 34.82 4.39
CA TRP B 60 -8.58 34.85 4.62
C TRP B 60 -8.20 33.96 5.80
N THR B 61 -7.05 33.28 5.69
CA THR B 61 -6.45 32.58 6.81
C THR B 61 -5.11 33.23 7.09
N SER B 62 -4.46 32.84 8.19
CA SER B 62 -3.19 33.46 8.56
C SER B 62 -2.02 32.80 7.86
N ASP B 63 -2.32 31.71 7.15
CA ASP B 63 -1.33 30.97 6.40
C ASP B 63 -1.14 31.64 5.06
N VAL B 64 -0.47 32.79 5.08
CA VAL B 64 -0.32 33.64 3.91
C VAL B 64 0.82 33.18 3.02
N GLN B 65 0.63 33.27 1.71
CA GLN B 65 1.62 32.82 0.74
C GLN B 65 1.77 33.85 -0.38
N TYR B 66 2.88 33.79 -1.10
CA TYR B 66 3.14 34.74 -2.18
C TYR B 66 3.53 34.07 -3.48
N GLN B 67 2.97 34.55 -4.59
CA GLN B 67 3.46 34.19 -5.91
C GLN B 67 4.41 35.30 -6.37
N VAL B 68 5.58 34.91 -6.83
CA VAL B 68 6.53 35.88 -7.38
C VAL B 68 6.71 35.69 -8.88
N SER B 69 7.13 36.76 -9.53
CA SER B 69 7.44 36.72 -10.95
C SER B 69 8.77 35.98 -11.13
N PRO B 70 8.76 34.89 -11.92
CA PRO B 70 9.92 33.99 -12.05
C PRO B 70 11.18 34.68 -12.57
N PHE B 71 11.01 35.65 -13.45
CA PHE B 71 12.15 36.35 -14.01
C PHE B 71 12.51 37.61 -13.20
N ASN B 72 11.82 37.82 -12.08
CA ASN B 72 12.10 38.97 -11.18
C ASN B 72 11.44 38.71 -9.84
N HIS B 73 12.06 37.84 -9.05
CA HIS B 73 11.44 37.29 -7.85
C HIS B 73 11.31 38.32 -6.75
N GLY B 74 11.94 39.48 -6.95
CA GLY B 74 11.68 40.64 -6.13
C GLY B 74 10.24 41.11 -6.25
N HIS B 75 9.60 40.80 -7.38
CA HIS B 75 8.23 41.22 -7.66
C HIS B 75 7.20 40.20 -7.19
N LYS B 76 6.59 40.47 -6.04
CA LYS B 76 5.51 39.62 -5.56
C LYS B 76 4.26 39.98 -6.36
N VAL B 77 3.80 39.05 -7.21
CA VAL B 77 2.68 39.35 -8.11
C VAL B 77 1.32 39.07 -7.46
N ALA B 78 1.35 38.30 -6.38
CA ALA B 78 0.12 37.95 -5.68
C ALA B 78 0.39 37.53 -4.24
N LYS B 79 -0.53 37.90 -3.36
CA LYS B 79 -0.55 37.38 -2.01
C LYS B 79 -1.84 36.58 -1.88
N PHE B 80 -1.72 35.35 -1.39
CA PHE B 80 -2.91 34.52 -1.15
C PHE B 80 -2.78 33.80 0.17
N CYS B 81 -3.61 32.80 0.41
CA CYS B 81 -3.51 32.06 1.67
C CYS B 81 -3.97 30.62 1.50
N TYR B 82 -3.45 29.73 2.33
CA TYR B 82 -3.80 28.31 2.26
C TYR B 82 -5.06 28.08 3.12
N ALA B 83 -6.07 27.47 2.54
CA ALA B 83 -7.25 27.08 3.28
C ALA B 83 -6.87 26.10 4.38
N ASP B 84 -7.55 26.15 5.51
CA ASP B 84 -7.32 25.16 6.55
C ASP B 84 -8.42 24.11 6.54
N LYS B 85 -8.30 23.11 7.40
CA LYS B 85 -9.25 22.00 7.42
C LYS B 85 -10.68 22.51 7.56
N SER B 86 -10.84 23.48 8.44
CA SER B 86 -12.15 24.07 8.73
C SER B 86 -12.79 24.69 7.48
N LEU B 87 -12.01 25.53 6.79
CA LEU B 87 -12.51 26.18 5.59
C LEU B 87 -12.87 25.17 4.48
N LEU B 88 -12.00 24.19 4.27
CA LEU B 88 -12.24 23.15 3.25
C LEU B 88 -13.54 22.40 3.53
N ASN B 89 -13.78 22.07 4.79
CA ASN B 89 -15.02 21.38 5.15
C ASN B 89 -16.25 22.24 4.88
N LYS B 90 -16.16 23.54 5.12
CA LYS B 90 -17.27 24.44 4.86
C LYS B 90 -17.48 24.56 3.35
N ALA B 91 -16.37 24.65 2.61
CA ALA B 91 -16.44 24.68 1.15
C ALA B 91 -17.20 23.45 0.64
N ILE B 92 -16.86 22.29 1.18
CA ILE B 92 -17.54 21.03 0.83
C ILE B 92 -19.04 21.08 1.13
N GLU B 93 -19.39 21.48 2.35
CA GLU B 93 -20.81 21.51 2.73
C GLU B 93 -21.60 22.45 1.81
N ALA B 94 -21.04 23.62 1.53
CA ALA B 94 -21.73 24.61 0.71
C ALA B 94 -21.85 24.17 -0.75
N ALA B 95 -20.84 23.46 -1.25
CA ALA B 95 -20.87 22.97 -2.62
C ALA B 95 -21.95 21.90 -2.75
N LEU B 96 -22.00 21.01 -1.77
CA LEU B 96 -22.99 19.93 -1.80
C LEU B 96 -24.41 20.49 -1.77
N ALA B 97 -24.62 21.53 -0.98
CA ALA B 97 -25.95 22.13 -0.88
C ALA B 97 -26.39 22.83 -2.18
N ALA B 98 -25.41 23.19 -3.01
CA ALA B 98 -25.69 23.87 -4.26
C ALA B 98 -25.80 22.91 -5.44
N ARG B 99 -25.28 21.69 -5.26
CA ARG B 99 -25.09 20.73 -6.35
C ARG B 99 -26.36 20.36 -7.12
N LYS B 100 -27.38 19.91 -6.40
CA LYS B 100 -28.59 19.39 -7.02
C LYS B 100 -29.23 20.35 -8.02
N GLU B 101 -29.31 21.63 -7.67
CA GLU B 101 -29.90 22.64 -8.55
C GLU B 101 -29.03 22.81 -9.81
N TRP B 102 -27.72 22.81 -9.61
CA TRP B 102 -26.78 22.98 -10.72
C TRP B 102 -26.88 21.78 -11.66
N ASP B 103 -26.87 20.58 -11.08
CA ASP B 103 -27.06 19.35 -11.83
C ASP B 103 -28.33 19.39 -12.66
N LEU B 104 -29.40 19.91 -12.07
CA LEU B 104 -30.69 19.95 -12.75
C LEU B 104 -30.81 21.06 -13.79
N LYS B 105 -29.97 22.09 -13.71
CA LYS B 105 -29.98 23.13 -14.73
C LYS B 105 -29.69 22.47 -16.07
N PRO B 106 -30.45 22.83 -17.11
CA PRO B 106 -30.30 22.27 -18.45
C PRO B 106 -28.89 22.51 -19.00
N ILE B 107 -28.35 21.53 -19.73
CA ILE B 107 -26.97 21.63 -20.20
C ILE B 107 -26.75 22.85 -21.09
N ALA B 108 -27.74 23.19 -21.91
CA ALA B 108 -27.67 24.37 -22.76
C ALA B 108 -27.36 25.62 -21.94
N ASP B 109 -28.01 25.72 -20.77
CA ASP B 109 -27.81 26.86 -19.88
C ASP B 109 -26.43 26.84 -19.22
N ARG B 110 -25.97 25.65 -18.81
CA ARG B 110 -24.63 25.56 -18.25
C ARG B 110 -23.58 25.89 -19.29
N ALA B 111 -23.72 25.30 -20.48
CA ALA B 111 -22.86 25.62 -21.64
C ALA B 111 -22.75 27.11 -21.89
N GLN B 112 -23.88 27.82 -21.86
CA GLN B 112 -23.88 29.25 -22.17
C GLN B 112 -22.92 30.02 -21.26
N ILE B 113 -22.80 29.57 -20.02
CA ILE B 113 -21.88 30.20 -19.08
C ILE B 113 -20.44 30.08 -19.55
N PHE B 114 -20.07 28.87 -19.98
CA PHE B 114 -18.70 28.62 -20.40
C PHE B 114 -18.38 29.25 -21.75
N LEU B 115 -19.40 29.38 -22.60
CA LEU B 115 -19.24 30.05 -23.88
C LEU B 115 -19.04 31.54 -23.68
N LYS B 116 -19.76 32.12 -22.71
CA LYS B 116 -19.58 33.53 -22.39
C LYS B 116 -18.15 33.75 -21.91
N ALA B 117 -17.72 32.93 -20.96
CA ALA B 117 -16.37 33.03 -20.40
C ALA B 117 -15.31 32.93 -21.50
N ALA B 118 -15.45 31.94 -22.39
CA ALA B 118 -14.55 31.80 -23.54
C ALA B 118 -14.46 33.09 -24.36
N ASP B 119 -15.63 33.69 -24.63
CA ASP B 119 -15.69 34.90 -25.45
C ASP B 119 -15.03 36.09 -24.73
N MET B 120 -15.20 36.17 -23.42
CA MET B 120 -14.55 37.19 -22.60
C MET B 120 -13.03 37.04 -22.65
N LEU B 121 -12.55 35.81 -22.51
CA LEU B 121 -11.12 35.55 -22.57
C LEU B 121 -10.57 35.76 -23.97
N SER B 122 -11.43 35.54 -24.96
CA SER B 122 -11.03 35.67 -26.35
C SER B 122 -10.80 37.13 -26.74
N GLY B 123 -11.58 38.02 -26.14
CA GLY B 123 -11.60 39.41 -26.56
C GLY B 123 -11.18 40.37 -25.47
N PRO B 124 -12.14 40.80 -24.63
CA PRO B 124 -11.99 41.86 -23.61
C PRO B 124 -10.91 41.54 -22.58
N ARG B 125 -10.72 40.26 -22.27
CA ARG B 125 -9.83 39.87 -21.18
C ARG B 125 -8.60 39.12 -21.66
N ARG B 126 -8.38 39.09 -22.98
CA ARG B 126 -7.28 38.33 -23.55
C ARG B 126 -5.94 38.89 -23.10
N ALA B 127 -5.75 40.19 -23.29
CA ALA B 127 -4.55 40.86 -22.81
C ALA B 127 -4.31 40.56 -21.34
N GLU B 128 -5.36 40.62 -20.52
CA GLU B 128 -5.23 40.38 -19.09
C GLU B 128 -4.71 38.99 -18.77
N ILE B 129 -5.32 37.98 -19.39
CA ILE B 129 -4.91 36.61 -19.11
C ILE B 129 -3.48 36.36 -19.59
N LEU B 130 -3.16 36.85 -20.79
CA LEU B 130 -1.82 36.70 -21.34
C LEU B 130 -0.77 37.35 -20.43
N ALA B 131 -1.03 38.60 -20.02
CA ALA B 131 -0.09 39.33 -19.17
C ALA B 131 0.13 38.64 -17.83
N LYS B 132 -0.95 38.13 -17.25
CA LYS B 132 -0.83 37.43 -15.96
C LYS B 132 -0.09 36.09 -16.05
N THR B 133 -0.24 35.37 -17.16
CA THR B 133 0.57 34.15 -17.33
C THR B 133 2.03 34.51 -17.68
N MET B 134 2.23 35.61 -18.38
CA MET B 134 3.59 36.01 -18.72
C MET B 134 4.34 36.44 -17.46
N VAL B 135 3.78 37.42 -16.75
CA VAL B 135 4.38 37.96 -15.54
C VAL B 135 4.40 36.98 -14.38
N GLY B 136 3.30 36.26 -14.17
CA GLY B 136 3.15 35.37 -13.05
C GLY B 136 3.81 34.00 -13.20
N GLN B 137 3.97 33.54 -14.44
CA GLN B 137 4.50 32.19 -14.71
C GLN B 137 5.75 32.17 -15.60
N GLY B 138 6.11 33.34 -16.13
CA GLY B 138 7.29 33.46 -16.96
C GLY B 138 7.12 33.05 -18.41
N LYS B 139 5.88 32.97 -18.88
CA LYS B 139 5.62 32.63 -20.27
C LYS B 139 6.05 33.76 -21.21
N THR B 140 6.58 33.40 -22.38
CA THR B 140 6.76 34.36 -23.46
C THR B 140 5.39 34.69 -24.07
N VAL B 141 5.31 35.77 -24.85
CA VAL B 141 4.05 36.13 -25.50
C VAL B 141 3.48 34.98 -26.35
N ILE B 142 4.30 34.38 -27.21
CA ILE B 142 3.83 33.27 -28.04
C ILE B 142 3.36 32.08 -27.23
N GLN B 143 4.08 31.73 -26.17
CA GLN B 143 3.65 30.63 -25.31
C GLN B 143 2.31 30.93 -24.62
N ALA B 144 2.21 32.13 -24.05
CA ALA B 144 0.99 32.55 -23.35
C ALA B 144 -0.22 32.57 -24.30
N GLU B 145 -0.02 33.11 -25.50
CA GLU B 145 -1.08 33.13 -26.50
C GLU B 145 -1.53 31.74 -26.93
N ILE B 146 -0.57 30.87 -27.26
CA ILE B 146 -0.88 29.51 -27.68
C ILE B 146 -1.70 28.79 -26.63
N ASP B 147 -1.25 28.86 -25.39
CA ASP B 147 -1.98 28.28 -24.27
C ASP B 147 -3.36 28.92 -24.03
N ALA B 148 -3.46 30.24 -24.13
CA ALA B 148 -4.75 30.89 -23.92
C ALA B 148 -5.80 30.41 -24.93
N ALA B 149 -5.41 30.33 -26.20
CA ALA B 149 -6.34 29.95 -27.27
C ALA B 149 -6.60 28.43 -27.36
N ALA B 150 -5.53 27.64 -27.40
CA ALA B 150 -5.66 26.21 -27.67
C ALA B 150 -6.07 25.40 -26.44
N GLU B 151 -5.73 25.89 -25.26
CA GLU B 151 -6.02 25.17 -24.05
C GLU B 151 -7.25 25.75 -23.36
N LEU B 152 -7.09 26.93 -22.77
CA LEU B 152 -8.16 27.56 -21.96
C LEU B 152 -9.45 27.85 -22.75
N ILE B 153 -9.34 28.66 -23.80
CA ILE B 153 -10.51 29.06 -24.60
C ILE B 153 -11.12 27.86 -25.36
N ASP B 154 -10.31 27.16 -26.14
CA ASP B 154 -10.79 26.00 -26.90
C ASP B 154 -11.49 24.94 -26.03
N PHE B 155 -10.95 24.68 -24.84
CA PHE B 155 -11.59 23.70 -23.98
C PHE B 155 -12.96 24.15 -23.49
N PHE B 156 -13.12 25.43 -23.14
CA PHE B 156 -14.44 25.93 -22.77
C PHE B 156 -15.46 25.73 -23.91
N ARG B 157 -15.08 26.13 -25.12
CA ARG B 157 -16.01 25.98 -26.25
C ARG B 157 -16.26 24.52 -26.66
N PHE B 158 -15.20 23.72 -26.77
CA PHE B 158 -15.36 22.36 -27.28
C PHE B 158 -15.96 21.41 -26.25
N ASN B 159 -15.65 21.60 -24.97
CA ASN B 159 -16.39 20.91 -23.90
C ASN B 159 -17.89 21.19 -24.03
N ALA B 160 -18.26 22.47 -24.15
CA ALA B 160 -19.65 22.88 -24.27
C ALA B 160 -20.34 22.22 -25.46
N LYS B 161 -19.66 22.21 -26.61
CA LYS B 161 -20.16 21.50 -27.78
C LYS B 161 -20.39 20.02 -27.49
N TYR B 162 -19.37 19.37 -26.93
CA TYR B 162 -19.45 17.95 -26.61
C TYR B 162 -20.63 17.66 -25.68
N ALA B 163 -20.84 18.55 -24.71
CA ALA B 163 -21.88 18.33 -23.72
C ALA B 163 -23.27 18.48 -24.33
N VAL B 164 -23.45 19.54 -25.12
CA VAL B 164 -24.71 19.77 -25.80
C VAL B 164 -25.04 18.65 -26.79
N GLU B 165 -24.03 18.14 -27.48
CA GLU B 165 -24.23 17.10 -28.47
C GLU B 165 -24.57 15.76 -27.80
N LEU B 166 -23.86 15.49 -26.71
CA LEU B 166 -24.06 14.29 -25.89
C LEU B 166 -25.53 14.21 -25.50
N GLU B 167 -26.05 15.32 -24.98
CA GLU B 167 -27.46 15.48 -24.66
C GLU B 167 -28.39 15.04 -25.79
N GLY B 168 -27.97 15.27 -27.03
CA GLY B 168 -28.77 14.92 -28.21
C GLY B 168 -28.67 13.46 -28.64
N GLN B 169 -27.70 12.74 -28.10
CA GLN B 169 -27.62 11.30 -28.30
C GLN B 169 -28.69 10.62 -27.44
N GLN B 170 -29.85 10.36 -28.05
CA GLN B 170 -31.00 9.82 -27.32
C GLN B 170 -31.52 8.51 -27.92
N PRO B 171 -31.91 7.57 -27.05
CA PRO B 171 -32.48 6.30 -27.51
C PRO B 171 -33.74 6.53 -28.35
N ILE B 172 -33.86 5.80 -29.45
CA ILE B 172 -35.10 5.78 -30.20
C ILE B 172 -36.12 5.07 -29.32
N SER B 173 -37.29 5.67 -29.15
CA SER B 173 -38.32 5.04 -28.33
C SER B 173 -39.11 4.05 -29.18
N VAL B 174 -39.14 2.80 -28.72
CA VAL B 174 -39.93 1.76 -29.38
C VAL B 174 -41.20 1.49 -28.58
N PRO B 175 -42.31 2.16 -28.96
CA PRO B 175 -43.59 2.00 -28.26
C PRO B 175 -43.98 0.53 -28.08
N PRO B 176 -44.71 0.21 -26.98
CA PRO B 176 -45.32 1.11 -25.99
C PRO B 176 -44.38 1.68 -24.92
N SER B 177 -43.13 1.98 -25.27
CA SER B 177 -42.20 2.59 -24.33
C SER B 177 -41.56 3.88 -24.84
N THR B 178 -41.44 4.86 -23.93
CA THR B 178 -40.71 6.10 -24.20
C THR B 178 -39.40 6.01 -23.45
N ASN B 179 -38.29 6.01 -24.19
CA ASN B 179 -36.98 5.93 -23.54
C ASN B 179 -36.20 7.24 -23.67
N SER B 180 -35.31 7.49 -22.71
CA SER B 180 -34.45 8.67 -22.76
C SER B 180 -33.25 8.45 -21.86
N THR B 181 -32.19 9.21 -22.10
CA THR B 181 -31.01 9.15 -21.28
C THR B 181 -30.77 10.51 -20.61
N VAL B 182 -30.52 10.48 -19.31
CA VAL B 182 -30.26 11.69 -18.55
C VAL B 182 -28.81 11.69 -18.11
N TYR B 183 -28.08 12.73 -18.47
CA TYR B 183 -26.66 12.72 -18.18
C TYR B 183 -26.42 13.45 -16.86
N ARG B 184 -26.45 12.68 -15.77
CA ARG B 184 -26.35 13.21 -14.42
C ARG B 184 -24.93 13.60 -14.10
N GLY B 185 -24.76 14.68 -13.36
CA GLY B 185 -23.48 14.98 -12.73
C GLY B 185 -23.26 13.93 -11.65
N LEU B 186 -22.03 13.82 -11.16
CA LEU B 186 -21.72 12.82 -10.12
C LEU B 186 -22.22 13.30 -8.75
N GLU B 187 -22.59 12.37 -7.88
CA GLU B 187 -23.18 12.72 -6.60
C GLU B 187 -22.09 12.88 -5.56
N GLY B 188 -21.82 14.12 -5.16
CA GLY B 188 -20.72 14.45 -4.26
C GLY B 188 -20.02 15.71 -4.72
N PHE B 189 -18.73 15.86 -4.39
CA PHE B 189 -17.96 16.98 -4.93
C PHE B 189 -16.70 16.43 -5.59
N VAL B 190 -16.22 17.15 -6.59
CA VAL B 190 -15.00 16.79 -7.29
C VAL B 190 -13.85 17.67 -6.79
N ALA B 191 -12.70 17.06 -6.51
CA ALA B 191 -11.53 17.82 -6.14
C ALA B 191 -10.61 18.04 -7.35
N ALA B 192 -10.35 19.29 -7.72
CA ALA B 192 -9.46 19.55 -8.85
C ALA B 192 -8.12 20.02 -8.32
N ILE B 193 -7.07 19.28 -8.68
CA ILE B 193 -5.78 19.42 -8.02
C ILE B 193 -4.64 19.64 -9.01
N SER B 194 -3.89 20.72 -8.84
CA SER B 194 -2.58 20.85 -9.50
C SER B 194 -1.48 21.21 -8.48
N PRO B 195 -0.25 20.73 -8.72
CA PRO B 195 0.88 20.87 -7.78
C PRO B 195 1.14 22.33 -7.41
N PHE B 196 1.69 22.56 -6.22
CA PHE B 196 1.97 23.92 -5.74
C PHE B 196 2.83 24.71 -6.72
N ASN B 197 3.76 24.05 -7.40
CA ASN B 197 4.62 24.77 -8.35
C ASN B 197 4.42 24.34 -9.80
N PHE B 198 3.20 23.93 -10.14
CA PHE B 198 2.88 23.58 -11.52
C PHE B 198 2.90 24.79 -12.45
N THR B 199 3.21 24.52 -13.70
CA THR B 199 3.40 25.57 -14.70
C THR B 199 2.12 25.88 -15.49
N ALA B 200 0.98 25.37 -15.05
CA ALA B 200 -0.27 25.56 -15.79
C ALA B 200 -1.44 25.93 -14.87
N ILE B 201 -2.38 26.74 -15.37
CA ILE B 201 -3.58 27.06 -14.59
C ILE B 201 -4.40 25.77 -14.39
N GLY B 202 -4.42 24.94 -15.43
CA GLY B 202 -5.22 23.73 -15.40
C GLY B 202 -6.71 24.05 -15.24
N GLY B 203 -7.17 25.11 -15.90
CA GLY B 203 -8.56 25.52 -15.84
C GLY B 203 -9.55 24.40 -16.17
N ASN B 204 -9.16 23.52 -17.10
CA ASN B 204 -10.03 22.40 -17.48
C ASN B 204 -10.26 21.41 -16.33
N LEU B 205 -9.32 21.38 -15.39
CA LEU B 205 -9.44 20.50 -14.23
C LEU B 205 -10.72 20.79 -13.44
N ALA B 206 -11.07 22.07 -13.29
CA ALA B 206 -12.31 22.43 -12.61
C ALA B 206 -13.42 22.67 -13.62
N GLY B 207 -13.06 23.19 -14.78
CA GLY B 207 -14.02 23.54 -15.81
C GLY B 207 -14.80 22.37 -16.39
N ALA B 208 -14.11 21.29 -16.76
CA ALA B 208 -14.82 20.13 -17.32
C ALA B 208 -15.83 19.50 -16.37
N PRO B 209 -15.42 19.12 -15.13
CA PRO B 209 -16.45 18.61 -14.22
C PRO B 209 -17.58 19.60 -13.95
N ALA B 210 -17.29 20.88 -13.73
CA ALA B 210 -18.34 21.87 -13.49
C ALA B 210 -19.37 21.90 -14.62
N LEU B 211 -18.88 21.92 -15.86
CA LEU B 211 -19.75 21.95 -17.02
C LEU B 211 -20.74 20.78 -17.03
N MET B 212 -20.30 19.64 -16.51
CA MET B 212 -21.08 18.41 -16.57
C MET B 212 -22.00 18.26 -15.36
N GLY B 213 -22.25 19.36 -14.64
CA GLY B 213 -23.19 19.35 -13.55
C GLY B 213 -22.62 19.01 -12.19
N ASN B 214 -21.29 18.97 -12.10
CA ASN B 214 -20.64 18.72 -10.82
C ASN B 214 -20.32 19.97 -10.04
N VAL B 215 -20.05 19.82 -8.75
CA VAL B 215 -19.47 20.90 -7.97
C VAL B 215 -18.02 20.55 -7.62
N VAL B 216 -17.19 21.59 -7.50
CA VAL B 216 -15.76 21.44 -7.44
C VAL B 216 -15.08 22.27 -6.34
N LEU B 217 -14.18 21.63 -5.61
CA LEU B 217 -13.18 22.34 -4.81
C LEU B 217 -11.89 22.38 -5.61
N TRP B 218 -11.49 23.60 -5.99
CA TRP B 218 -10.35 23.75 -6.85
C TRP B 218 -9.15 24.25 -6.04
N LYS B 219 -8.12 23.43 -5.96
CA LYS B 219 -6.85 23.82 -5.37
C LYS B 219 -5.88 24.15 -6.50
N PRO B 220 -5.78 25.43 -6.86
CA PRO B 220 -4.95 25.84 -7.99
C PRO B 220 -3.48 25.74 -7.63
N SER B 221 -2.60 25.95 -8.60
CA SER B 221 -1.17 25.94 -8.33
C SER B 221 -0.70 27.28 -7.75
N ASP B 222 0.10 27.23 -6.69
CA ASP B 222 0.62 28.46 -6.07
C ASP B 222 1.33 29.36 -7.10
N THR B 223 2.06 28.72 -8.01
CA THR B 223 2.87 29.46 -8.97
C THR B 223 2.08 29.96 -10.17
N ALA B 224 0.77 29.72 -10.17
CA ALA B 224 -0.09 30.23 -11.22
C ALA B 224 -1.28 30.97 -10.61
N MET B 225 -1.15 31.33 -9.34
CA MET B 225 -2.29 31.89 -8.60
C MET B 225 -2.94 33.09 -9.29
N LEU B 226 -2.12 34.04 -9.75
CA LEU B 226 -2.59 35.27 -10.38
C LEU B 226 -3.55 35.03 -11.55
N ALA B 227 -3.07 34.26 -12.53
CA ALA B 227 -3.87 33.91 -13.70
C ALA B 227 -5.01 32.96 -13.34
N SER B 228 -4.77 32.03 -12.42
CA SER B 228 -5.83 31.09 -12.02
C SER B 228 -7.03 31.86 -11.47
N TYR B 229 -6.78 32.79 -10.56
CA TYR B 229 -7.86 33.60 -10.00
C TYR B 229 -8.52 34.45 -11.08
N ALA B 230 -7.74 34.89 -12.06
CA ALA B 230 -8.29 35.69 -13.15
C ALA B 230 -9.33 34.88 -13.93
N VAL B 231 -9.04 33.60 -14.15
CA VAL B 231 -10.00 32.70 -14.81
C VAL B 231 -11.24 32.49 -13.90
N TYR B 232 -11.00 32.28 -12.62
CA TYR B 232 -12.12 32.08 -11.69
C TYR B 232 -13.07 33.28 -11.72
N ARG B 233 -12.51 34.48 -11.63
CA ARG B 233 -13.30 35.70 -11.58
C ARG B 233 -14.13 35.83 -12.86
N ILE B 234 -13.50 35.50 -13.98
CA ILE B 234 -14.19 35.52 -15.27
C ILE B 234 -15.37 34.52 -15.35
N LEU B 235 -15.15 33.28 -14.89
CA LEU B 235 -16.26 32.32 -14.82
C LEU B 235 -17.42 32.86 -14.00
N ARG B 236 -17.14 33.39 -12.82
CA ARG B 236 -18.17 34.01 -12.00
C ARG B 236 -18.89 35.16 -12.73
N GLU B 237 -18.13 36.07 -13.32
CA GLU B 237 -18.72 37.22 -14.01
C GLU B 237 -19.60 36.74 -15.17
N ALA B 238 -19.20 35.62 -15.75
CA ALA B 238 -19.94 35.01 -16.87
C ALA B 238 -21.21 34.34 -16.38
N GLY B 239 -21.42 34.29 -15.08
CA GLY B 239 -22.67 33.78 -14.54
C GLY B 239 -22.59 32.43 -13.87
N LEU B 240 -21.39 31.93 -13.63
CA LEU B 240 -21.26 30.71 -12.84
C LEU B 240 -21.82 31.00 -11.47
N PRO B 241 -22.82 30.21 -11.01
CA PRO B 241 -23.43 30.51 -9.71
C PRO B 241 -22.50 30.23 -8.53
N PRO B 242 -22.84 30.75 -7.34
CA PRO B 242 -21.99 30.51 -6.16
C PRO B 242 -21.94 29.04 -5.78
N ASN B 243 -20.82 28.63 -5.19
CA ASN B 243 -20.65 27.28 -4.66
C ASN B 243 -20.58 26.19 -5.72
N ILE B 244 -20.36 26.55 -6.97
CA ILE B 244 -20.16 25.54 -8.01
C ILE B 244 -18.68 25.23 -8.14
N ILE B 245 -17.86 26.28 -8.20
CA ILE B 245 -16.42 26.12 -8.03
C ILE B 245 -15.98 26.90 -6.81
N GLN B 246 -15.44 26.18 -5.84
CA GLN B 246 -14.87 26.82 -4.66
C GLN B 246 -13.41 27.04 -4.94
N PHE B 247 -12.95 28.29 -4.79
CA PHE B 247 -11.55 28.65 -5.03
C PHE B 247 -10.75 28.51 -3.74
N VAL B 248 -10.03 27.40 -3.61
CA VAL B 248 -9.41 27.05 -2.34
C VAL B 248 -7.96 26.61 -2.46
N PRO B 249 -7.03 27.57 -2.64
CA PRO B 249 -5.62 27.24 -2.53
C PRO B 249 -5.34 26.64 -1.16
N ALA B 250 -4.34 25.77 -1.06
CA ALA B 250 -4.14 25.05 0.19
C ALA B 250 -2.86 24.28 0.09
N ASP B 251 -2.31 23.91 1.24
CA ASP B 251 -1.18 23.00 1.27
C ASP B 251 -1.55 21.69 0.56
N GLY B 252 -0.64 21.19 -0.28
CA GLY B 252 -0.88 19.99 -1.08
C GLY B 252 -1.30 18.76 -0.29
N PRO B 253 -0.50 18.35 0.70
CA PRO B 253 -0.84 17.22 1.57
C PRO B 253 -2.11 17.43 2.41
N LEU B 254 -2.30 18.63 2.96
CA LEU B 254 -3.51 18.93 3.72
C LEU B 254 -4.78 18.81 2.86
N PHE B 255 -4.74 19.39 1.66
CA PHE B 255 -5.88 19.32 0.75
C PHE B 255 -6.19 17.86 0.42
N GLY B 256 -5.14 17.12 0.11
CA GLY B 256 -5.27 15.71 -0.25
C GLY B 256 -5.89 14.89 0.87
N ASP B 257 -5.33 15.00 2.07
CA ASP B 257 -5.88 14.31 3.23
C ASP B 257 -7.36 14.63 3.45
N THR B 258 -7.72 15.90 3.31
CA THR B 258 -9.06 16.35 3.64
C THR B 258 -10.09 15.82 2.65
N VAL B 259 -9.83 15.98 1.35
CA VAL B 259 -10.84 15.55 0.38
C VAL B 259 -10.98 14.03 0.33
N THR B 260 -9.89 13.30 0.51
CA THR B 260 -9.98 11.84 0.44
C THR B 260 -10.59 11.25 1.72
N SER B 261 -10.64 12.06 2.78
CA SER B 261 -11.29 11.70 4.03
C SER B 261 -12.78 12.00 4.01
N SER B 262 -13.22 12.83 3.06
CA SER B 262 -14.63 13.22 3.00
C SER B 262 -15.54 12.11 2.44
N GLU B 263 -16.64 11.82 3.14
CA GLU B 263 -17.56 10.79 2.67
C GLU B 263 -18.22 11.20 1.35
N HIS B 264 -18.12 12.49 1.04
CA HIS B 264 -18.79 13.04 -0.13
C HIS B 264 -17.89 13.25 -1.36
N LEU B 265 -16.67 12.75 -1.30
CA LEU B 265 -15.82 12.81 -2.49
C LEU B 265 -16.41 11.91 -3.58
N CYS B 266 -16.66 12.47 -4.77
CA CYS B 266 -17.05 11.63 -5.91
C CYS B 266 -16.02 11.63 -7.04
N GLY B 267 -14.99 12.46 -6.92
CA GLY B 267 -13.98 12.48 -7.97
C GLY B 267 -12.73 13.31 -7.68
N ILE B 268 -11.63 12.92 -8.30
CA ILE B 268 -10.39 13.69 -8.22
C ILE B 268 -9.91 13.90 -9.64
N ASN B 269 -9.75 15.16 -10.03
CA ASN B 269 -9.23 15.49 -11.35
C ASN B 269 -7.85 16.10 -11.15
N PHE B 270 -6.82 15.32 -11.46
CA PHE B 270 -5.47 15.64 -11.03
C PHE B 270 -4.50 15.78 -12.20
N THR B 271 -3.62 16.77 -12.10
CA THR B 271 -2.40 16.79 -12.94
C THR B 271 -1.21 16.94 -12.03
N GLY B 272 -0.12 16.22 -12.33
CA GLY B 272 1.06 16.28 -11.49
C GLY B 272 1.89 15.01 -11.55
N SER B 273 2.66 14.75 -10.51
CA SER B 273 3.59 13.62 -10.52
C SER B 273 2.88 12.28 -10.32
N VAL B 274 3.47 11.23 -10.89
CA VAL B 274 2.96 9.88 -10.69
C VAL B 274 2.92 9.46 -9.21
N PRO B 275 3.99 9.74 -8.44
CA PRO B 275 3.93 9.44 -7.00
C PRO B 275 2.77 10.09 -6.26
N THR B 276 2.50 11.36 -6.53
CA THR B 276 1.40 12.06 -5.88
C THR B 276 0.06 11.43 -6.25
N PHE B 277 -0.14 11.13 -7.53
CA PHE B 277 -1.38 10.51 -7.99
C PHE B 277 -1.55 9.14 -7.36
N LYS B 278 -0.46 8.36 -7.30
CA LYS B 278 -0.47 7.09 -6.60
C LYS B 278 -0.87 7.22 -5.12
N HIS B 279 -0.39 8.27 -4.45
CA HIS B 279 -0.73 8.52 -3.06
C HIS B 279 -2.22 8.77 -2.89
N LEU B 280 -2.77 9.61 -3.76
CA LEU B 280 -4.19 9.96 -3.70
C LEU B 280 -5.07 8.74 -3.92
N TRP B 281 -4.67 7.94 -4.91
CA TRP B 281 -5.35 6.69 -5.26
C TRP B 281 -5.39 5.78 -4.05
N LYS B 282 -4.24 5.61 -3.38
CA LYS B 282 -4.18 4.80 -2.17
C LYS B 282 -5.07 5.33 -1.04
N GLN B 283 -5.08 6.65 -0.86
CA GLN B 283 -5.93 7.25 0.14
C GLN B 283 -7.41 7.00 -0.15
N VAL B 284 -7.79 7.09 -1.41
CA VAL B 284 -9.17 6.84 -1.80
C VAL B 284 -9.50 5.38 -1.48
N ALA B 285 -8.61 4.48 -1.84
CA ALA B 285 -8.83 3.06 -1.51
C ALA B 285 -8.95 2.83 0.00
N GLN B 286 -8.08 3.46 0.78
CA GLN B 286 -8.11 3.31 2.24
C GLN B 286 -9.48 3.70 2.81
N ASN B 287 -10.07 4.74 2.24
CA ASN B 287 -11.34 5.26 2.71
C ASN B 287 -12.56 4.73 1.94
N LEU B 288 -12.36 3.69 1.14
CA LEU B 288 -13.39 3.23 0.19
C LEU B 288 -14.76 2.97 0.84
N ASP B 289 -14.75 2.38 2.02
CA ASP B 289 -16.00 2.05 2.72
C ASP B 289 -16.76 3.28 3.23
N ARG B 290 -16.10 4.44 3.27
CA ARG B 290 -16.73 5.63 3.84
C ARG B 290 -17.44 6.51 2.82
N PHE B 291 -17.19 6.29 1.53
CA PHE B 291 -17.76 7.15 0.50
C PHE B 291 -19.19 6.78 0.17
N HIS B 292 -20.04 7.78 -0.09
CA HIS B 292 -21.42 7.50 -0.47
C HIS B 292 -21.50 7.03 -1.92
N THR B 293 -20.50 7.40 -2.72
CA THR B 293 -20.41 6.90 -4.08
C THR B 293 -18.93 6.57 -4.41
N PHE B 294 -18.70 5.69 -5.38
CA PHE B 294 -17.33 5.30 -5.77
C PHE B 294 -16.62 6.46 -6.46
N PRO B 295 -15.55 6.99 -5.84
CA PRO B 295 -14.87 8.13 -6.47
C PRO B 295 -14.19 7.76 -7.78
N ARG B 296 -14.33 8.62 -8.77
CA ARG B 296 -13.64 8.42 -10.03
C ARG B 296 -12.35 9.21 -10.01
N LEU B 297 -11.28 8.58 -10.52
CA LEU B 297 -9.96 9.18 -10.45
C LEU B 297 -9.43 9.48 -11.85
N ALA B 298 -8.99 10.73 -12.04
CA ALA B 298 -8.45 11.15 -13.33
C ALA B 298 -7.08 11.76 -13.10
N GLY B 299 -6.07 11.12 -13.66
CA GLY B 299 -4.71 11.55 -13.43
C GLY B 299 -3.93 11.72 -14.72
N GLU B 300 -3.37 12.92 -14.88
CA GLU B 300 -2.48 13.21 -15.99
C GLU B 300 -1.07 13.40 -15.44
N CYS B 301 -0.19 12.43 -15.71
CA CYS B 301 1.18 12.44 -15.20
C CYS B 301 2.20 11.83 -16.19
N GLY B 302 3.48 12.05 -15.92
CA GLY B 302 4.56 11.67 -16.82
C GLY B 302 5.12 12.96 -17.40
N GLY B 303 6.15 12.90 -18.24
CA GLY B 303 6.87 11.69 -18.55
C GLY B 303 8.22 12.13 -19.10
N LYS B 304 9.10 11.20 -19.43
CA LYS B 304 10.40 11.58 -19.95
C LYS B 304 10.33 11.47 -21.47
N ASN B 305 9.92 12.54 -22.15
CA ASN B 305 9.55 12.42 -23.56
C ASN B 305 10.73 12.43 -24.52
N PHE B 306 10.58 11.75 -25.66
CA PHE B 306 11.72 11.50 -26.55
C PHE B 306 11.55 11.97 -27.98
N HIS B 307 12.67 12.24 -28.64
CA HIS B 307 12.75 12.35 -30.10
C HIS B 307 13.73 11.30 -30.58
N PHE B 308 13.27 10.43 -31.47
CA PHE B 308 14.13 9.42 -32.03
C PHE B 308 14.46 9.85 -33.44
N VAL B 309 15.73 9.82 -33.80
CA VAL B 309 16.16 10.22 -35.12
C VAL B 309 16.75 9.06 -35.89
N HIS B 310 16.27 8.85 -37.11
CA HIS B 310 16.87 7.87 -38.00
C HIS B 310 17.84 8.58 -38.93
N ARG B 311 18.82 7.87 -39.47
CA ARG B 311 19.87 8.55 -40.24
C ARG B 311 19.34 9.22 -41.52
N SER B 312 18.11 8.87 -41.90
CA SER B 312 17.48 9.45 -43.08
C SER B 312 16.74 10.76 -42.78
N ALA B 313 16.79 11.19 -41.53
CA ALA B 313 16.03 12.37 -41.09
C ALA B 313 16.53 13.66 -41.71
N ASP B 314 15.61 14.60 -41.91
CA ASP B 314 15.96 15.96 -42.26
C ASP B 314 16.64 16.63 -41.08
N VAL B 315 17.95 16.87 -41.19
CA VAL B 315 18.73 17.42 -40.07
C VAL B 315 18.15 18.70 -39.45
N GLU B 316 17.65 19.59 -40.29
CA GLU B 316 17.12 20.87 -39.81
C GLU B 316 15.79 20.72 -39.08
N SER B 317 14.97 19.78 -39.55
CA SER B 317 13.73 19.44 -38.88
C SER B 317 14.05 18.91 -37.49
N VAL B 318 15.04 18.03 -37.42
CA VAL B 318 15.48 17.49 -36.13
C VAL B 318 15.92 18.61 -35.18
N VAL B 319 16.91 19.38 -35.62
CA VAL B 319 17.47 20.44 -34.79
C VAL B 319 16.43 21.47 -34.35
N SER B 320 15.61 21.92 -35.30
CA SER B 320 14.61 22.93 -34.99
C SER B 320 13.55 22.38 -34.03
N GLY B 321 13.01 21.23 -34.41
CA GLY B 321 11.99 20.59 -33.58
C GLY B 321 12.47 20.25 -32.18
N THR B 322 13.73 19.85 -32.06
CA THR B 322 14.26 19.38 -30.78
C THR B 322 14.59 20.53 -29.84
N LEU B 323 15.23 21.58 -30.36
CA LEU B 323 15.50 22.76 -29.55
C LEU B 323 14.19 23.36 -29.05
N ARG B 324 13.21 23.46 -29.93
CA ARG B 324 11.94 24.06 -29.54
C ARG B 324 11.19 23.20 -28.52
N SER B 325 11.15 21.89 -28.77
CA SER B 325 10.47 21.02 -27.82
C SER B 325 11.16 21.03 -26.47
N ALA B 326 12.48 21.00 -26.47
CA ALA B 326 13.25 20.90 -25.23
C ALA B 326 13.27 22.21 -24.42
N PHE B 327 13.23 23.33 -25.12
CA PHE B 327 13.54 24.61 -24.47
C PHE B 327 12.41 25.64 -24.43
N GLU B 328 11.35 25.43 -25.20
CA GLU B 328 10.20 26.33 -25.10
C GLU B 328 9.67 26.24 -23.68
N TYR B 329 9.40 27.42 -23.10
CA TYR B 329 8.92 27.54 -21.73
C TYR B 329 9.87 26.86 -20.75
N GLY B 330 11.16 26.87 -21.09
CA GLY B 330 12.17 26.26 -20.25
C GLY B 330 12.03 24.75 -20.10
N GLY B 331 11.42 24.09 -21.08
CA GLY B 331 11.16 22.67 -20.99
C GLY B 331 10.14 22.30 -19.92
N GLN B 332 9.36 23.28 -19.47
CA GLN B 332 8.38 23.06 -18.40
C GLN B 332 7.00 22.72 -18.95
N LYS B 333 6.95 21.80 -19.90
CA LYS B 333 5.70 21.27 -20.40
C LYS B 333 5.68 19.77 -20.14
N CYS B 334 4.52 19.24 -19.80
CA CYS B 334 4.33 17.81 -19.66
C CYS B 334 4.79 17.07 -20.93
N SER B 335 4.79 17.77 -22.05
CA SER B 335 5.08 17.17 -23.36
C SER B 335 6.49 17.46 -23.89
N ALA B 336 7.28 18.24 -23.15
CA ALA B 336 8.61 18.62 -23.60
C ALA B 336 9.55 17.44 -23.86
N CYS B 337 10.36 17.57 -24.91
CA CYS B 337 11.39 16.57 -25.21
C CYS B 337 12.59 16.75 -24.28
N SER B 338 13.00 15.69 -23.60
CA SER B 338 14.21 15.76 -22.80
C SER B 338 15.21 14.68 -23.16
N ARG B 339 14.87 13.80 -24.10
CA ARG B 339 15.87 12.85 -24.59
C ARG B 339 15.88 12.75 -26.11
N LEU B 340 17.08 12.78 -26.67
CA LEU B 340 17.29 12.72 -28.11
C LEU B 340 18.20 11.55 -28.45
N TYR B 341 17.73 10.67 -29.33
CA TYR B 341 18.49 9.52 -29.80
C TYR B 341 18.93 9.76 -31.24
N VAL B 342 20.23 9.83 -31.47
CA VAL B 342 20.76 10.13 -32.81
C VAL B 342 21.75 9.07 -33.22
N PRO B 343 21.75 8.69 -34.51
CA PRO B 343 22.66 7.67 -35.03
C PRO B 343 24.06 8.23 -35.18
N HIS B 344 25.05 7.40 -34.91
CA HIS B 344 26.46 7.82 -34.96
C HIS B 344 26.77 8.59 -36.23
N SER B 345 26.28 8.12 -37.38
CA SER B 345 26.60 8.73 -38.67
C SER B 345 26.15 10.18 -38.82
N LEU B 346 24.99 10.51 -38.25
CA LEU B 346 24.38 11.83 -38.40
C LEU B 346 24.77 12.79 -37.28
N TRP B 347 25.33 12.25 -36.21
CA TRP B 347 25.69 13.04 -35.04
C TRP B 347 26.56 14.29 -35.31
N PRO B 348 27.63 14.16 -36.13
CA PRO B 348 28.46 15.37 -36.33
C PRO B 348 27.71 16.57 -36.92
N GLN B 349 26.84 16.30 -37.90
CA GLN B 349 26.05 17.36 -38.53
C GLN B 349 24.98 17.90 -37.58
N ILE B 350 24.30 16.99 -36.88
CA ILE B 350 23.29 17.38 -35.92
C ILE B 350 23.94 18.14 -34.77
N LYS B 351 24.99 17.57 -34.19
CA LYS B 351 25.69 18.19 -33.06
C LYS B 351 26.13 19.60 -33.41
N GLY B 352 26.72 19.75 -34.60
CA GLY B 352 27.16 21.03 -35.08
C GLY B 352 26.04 22.05 -35.19
N ARG B 353 24.96 21.68 -35.86
CA ARG B 353 23.83 22.60 -36.01
C ARG B 353 23.15 22.93 -34.68
N LEU B 354 22.98 21.91 -33.83
CA LEU B 354 22.41 22.12 -32.49
C LEU B 354 23.13 23.24 -31.77
N LEU B 355 24.46 23.19 -31.81
CA LEU B 355 25.28 24.14 -31.06
C LEU B 355 25.20 25.54 -31.66
N GLU B 356 25.25 25.62 -32.98
CA GLU B 356 25.08 26.89 -33.69
C GLU B 356 23.72 27.51 -33.40
N GLU B 357 22.66 26.72 -33.47
CA GLU B 357 21.30 27.22 -33.22
C GLU B 357 21.05 27.50 -31.74
N HIS B 358 21.68 26.72 -30.87
CA HIS B 358 21.67 26.98 -29.43
C HIS B 358 22.13 28.41 -29.13
N SER B 359 23.05 28.91 -29.93
CA SER B 359 23.62 30.24 -29.70
C SER B 359 22.65 31.38 -29.98
N ARG B 360 21.59 31.09 -30.71
CA ARG B 360 20.60 32.10 -31.08
C ARG B 360 19.52 32.24 -30.01
N ILE B 361 19.47 31.30 -29.08
CA ILE B 361 18.37 31.25 -28.10
C ILE B 361 18.50 32.35 -27.04
N LYS B 362 17.55 33.27 -27.08
CA LYS B 362 17.54 34.40 -26.15
C LYS B 362 16.77 34.08 -24.86
N VAL B 363 17.47 34.17 -23.74
CA VAL B 363 16.87 33.94 -22.43
C VAL B 363 16.79 35.27 -21.70
N GLY B 364 15.60 35.64 -21.24
CA GLY B 364 15.45 36.90 -20.52
C GLY B 364 14.03 37.22 -20.07
N ASP B 365 13.79 38.52 -19.82
CA ASP B 365 12.51 39.05 -19.38
C ASP B 365 11.54 39.05 -20.55
N PRO B 366 10.47 38.23 -20.48
CA PRO B 366 9.56 38.09 -21.63
C PRO B 366 8.66 39.32 -21.81
N ALA B 367 8.41 40.04 -20.71
CA ALA B 367 7.58 41.23 -20.78
C ALA B 367 8.35 42.37 -21.45
N GLU B 368 9.65 42.44 -21.18
CA GLU B 368 10.49 43.53 -21.72
C GLU B 368 10.90 43.26 -23.16
N ASP B 369 11.09 41.98 -23.50
CA ASP B 369 11.62 41.63 -24.82
C ASP B 369 10.81 40.51 -25.47
N PHE B 370 9.96 40.87 -26.44
CA PHE B 370 9.16 39.86 -27.15
C PHE B 370 10.00 38.96 -28.06
N GLY B 371 11.30 39.25 -28.15
CA GLY B 371 12.22 38.38 -28.87
C GLY B 371 12.71 37.22 -28.02
N THR B 372 12.30 37.21 -26.76
CA THR B 372 12.74 36.19 -25.82
C THR B 372 12.27 34.80 -26.23
N PHE B 373 13.20 33.84 -26.22
CA PHE B 373 12.90 32.45 -26.59
C PHE B 373 12.21 31.76 -25.43
N PHE B 374 12.85 31.79 -24.26
CA PHE B 374 12.17 31.43 -23.01
C PHE B 374 12.76 32.20 -21.84
N SER B 375 12.12 32.09 -20.69
CA SER B 375 12.49 32.94 -19.56
C SER B 375 12.92 32.08 -18.39
N ALA B 376 12.95 32.67 -17.21
CA ALA B 376 13.30 31.95 -15.99
C ALA B 376 12.36 30.78 -15.74
N VAL B 377 12.85 29.79 -14.99
CA VAL B 377 12.00 28.67 -14.58
C VAL B 377 11.08 29.13 -13.44
N ILE B 378 10.12 28.27 -13.09
CA ILE B 378 8.95 28.68 -12.32
C ILE B 378 9.21 29.19 -10.89
N ASP B 379 10.07 28.51 -10.14
CA ASP B 379 10.31 28.92 -8.74
C ASP B 379 11.65 28.46 -8.17
N ALA B 380 11.89 28.80 -6.91
CA ALA B 380 13.15 28.49 -6.26
C ALA B 380 13.38 26.99 -6.15
N LYS B 381 12.36 26.27 -5.72
CA LYS B 381 12.44 24.81 -5.66
C LYS B 381 12.90 24.19 -6.98
N SER B 382 12.31 24.63 -8.09
CA SER B 382 12.70 24.09 -9.39
C SER B 382 14.08 24.52 -9.83
N PHE B 383 14.45 25.76 -9.51
CA PHE B 383 15.79 26.26 -9.82
C PHE B 383 16.80 25.35 -9.14
N ALA B 384 16.51 24.98 -7.89
CA ALA B 384 17.42 24.15 -7.11
C ALA B 384 17.59 22.77 -7.75
N ARG B 385 16.47 22.13 -8.05
CA ARG B 385 16.46 20.80 -8.68
C ARG B 385 17.26 20.78 -9.99
N ILE B 386 16.95 21.71 -10.86
CA ILE B 386 17.64 21.83 -12.14
C ILE B 386 19.15 22.06 -11.96
N LYS B 387 19.52 22.89 -10.98
CA LYS B 387 20.94 23.17 -10.74
C LYS B 387 21.69 21.90 -10.34
N LYS B 388 21.02 21.06 -9.55
CA LYS B 388 21.61 19.77 -9.14
C LYS B 388 21.85 18.91 -10.38
N TRP B 389 20.90 18.95 -11.31
CA TRP B 389 21.03 18.19 -12.54
C TRP B 389 22.18 18.71 -13.41
N LEU B 390 22.34 20.03 -13.47
CA LEU B 390 23.45 20.61 -14.20
C LEU B 390 24.78 20.17 -13.60
N GLU B 391 24.82 20.12 -12.27
CA GLU B 391 26.03 19.70 -11.58
C GLU B 391 26.32 18.23 -11.87
N HIS B 392 25.26 17.44 -11.97
CA HIS B 392 25.37 16.02 -12.27
C HIS B 392 25.93 15.82 -13.67
N ALA B 393 25.43 16.60 -14.63
CA ALA B 393 25.94 16.51 -15.99
C ALA B 393 27.43 16.85 -16.02
N ARG B 394 27.82 17.84 -15.23
CA ARG B 394 29.21 18.31 -15.24
C ARG B 394 30.17 17.39 -14.47
N SER B 395 29.64 16.42 -13.75
CA SER B 395 30.48 15.53 -12.95
C SER B 395 30.45 14.06 -13.39
N SER B 396 29.27 13.54 -13.74
CA SER B 396 29.14 12.13 -14.12
C SER B 396 30.03 11.76 -15.30
N PRO B 397 30.78 10.65 -15.18
CA PRO B 397 31.76 10.26 -16.20
C PRO B 397 31.09 9.85 -17.51
N SER B 398 29.77 9.66 -17.47
CA SER B 398 29.00 9.31 -18.65
C SER B 398 28.52 10.56 -19.37
N LEU B 399 28.60 11.70 -18.70
CA LEU B 399 27.97 12.92 -19.22
C LEU B 399 28.94 14.04 -19.63
N THR B 400 28.63 14.67 -20.76
CA THR B 400 29.36 15.83 -21.24
C THR B 400 28.36 16.93 -21.58
N ILE B 401 28.50 18.10 -20.96
CA ILE B 401 27.71 19.26 -21.35
C ILE B 401 28.28 19.81 -22.65
N LEU B 402 27.43 19.92 -23.66
CA LEU B 402 27.87 20.36 -24.97
C LEU B 402 27.56 21.85 -25.15
N ALA B 403 26.54 22.31 -24.43
CA ALA B 403 26.09 23.69 -24.57
C ALA B 403 25.33 24.16 -23.32
N GLY B 404 25.41 25.46 -23.04
CA GLY B 404 24.80 26.01 -21.85
C GLY B 404 25.48 25.46 -20.60
N GLY B 405 24.70 25.25 -19.54
CA GLY B 405 25.21 24.70 -18.30
C GLY B 405 25.16 25.66 -17.11
N LYS B 406 25.04 26.96 -17.37
CA LYS B 406 25.10 27.95 -16.30
C LYS B 406 23.72 28.35 -15.84
N CYS B 407 23.62 28.74 -14.58
CA CYS B 407 22.40 29.29 -14.02
C CYS B 407 22.72 30.43 -13.08
N ASP B 408 21.78 31.36 -12.92
CA ASP B 408 21.96 32.50 -12.02
C ASP B 408 20.61 32.91 -11.42
N ASP B 409 20.51 32.90 -10.10
CA ASP B 409 19.25 33.22 -9.43
C ASP B 409 19.26 34.57 -8.72
N SER B 410 20.13 35.49 -9.16
CA SER B 410 20.24 36.77 -8.46
C SER B 410 19.04 37.71 -8.71
N VAL B 411 18.50 37.70 -9.92
CA VAL B 411 17.37 38.57 -10.26
C VAL B 411 16.12 37.74 -10.54
N GLY B 412 16.32 36.64 -11.25
CA GLY B 412 15.25 35.72 -11.57
C GLY B 412 15.75 34.28 -11.55
N TYR B 413 14.86 33.31 -11.71
CA TYR B 413 15.31 31.91 -11.67
C TYR B 413 15.84 31.48 -13.03
N PHE B 414 16.97 32.06 -13.43
CA PHE B 414 17.44 31.95 -14.81
C PHE B 414 18.39 30.79 -15.06
N VAL B 415 18.06 29.98 -16.06
CA VAL B 415 18.85 28.81 -16.44
C VAL B 415 19.08 28.80 -17.95
N GLU B 416 20.33 28.74 -18.36
CA GLU B 416 20.64 28.64 -19.78
C GLU B 416 20.09 27.34 -20.29
N PRO B 417 19.62 27.31 -21.56
CA PRO B 417 19.26 26.04 -22.19
C PRO B 417 20.48 25.15 -22.19
N CYS B 418 20.31 23.89 -21.77
CA CYS B 418 21.45 23.00 -21.62
C CYS B 418 21.31 21.71 -22.44
N ILE B 419 22.35 21.41 -23.21
CA ILE B 419 22.41 20.19 -24.00
C ILE B 419 23.52 19.31 -23.45
N VAL B 420 23.16 18.06 -23.14
CA VAL B 420 24.07 17.15 -22.46
C VAL B 420 24.15 15.80 -23.19
N GLU B 421 25.35 15.36 -23.57
CA GLU B 421 25.48 14.04 -24.16
C GLU B 421 25.72 12.97 -23.11
N SER B 422 25.00 11.86 -23.21
CA SER B 422 25.25 10.72 -22.34
C SER B 422 25.80 9.54 -23.15
N LYS B 423 26.86 8.93 -22.63
CA LYS B 423 27.39 7.69 -23.21
C LYS B 423 26.56 6.48 -22.73
N ASP B 424 25.74 6.69 -21.72
CA ASP B 424 24.97 5.61 -21.10
C ASP B 424 23.46 5.80 -21.28
N PRO B 425 22.83 4.92 -22.07
CA PRO B 425 21.40 5.06 -22.35
C PRO B 425 20.54 4.80 -21.11
N GLN B 426 21.16 4.24 -20.08
CA GLN B 426 20.47 3.95 -18.82
C GLN B 426 20.80 4.97 -17.74
N GLU B 427 21.55 6.02 -18.11
CA GLU B 427 21.93 7.06 -17.14
C GLU B 427 20.67 7.68 -16.54
N PRO B 428 20.73 8.02 -15.23
CA PRO B 428 19.61 8.72 -14.59
C PRO B 428 19.13 9.92 -15.40
N ILE B 429 20.03 10.70 -15.98
CA ILE B 429 19.61 11.87 -16.75
C ILE B 429 18.77 11.49 -17.99
N MET B 430 18.79 10.21 -18.37
CA MET B 430 18.01 9.72 -19.50
C MET B 430 16.61 9.28 -19.06
N LYS B 431 16.44 9.03 -17.76
CA LYS B 431 15.21 8.42 -17.27
C LYS B 431 14.37 9.28 -16.31
N GLU B 432 15.00 10.24 -15.63
CA GLU B 432 14.28 11.01 -14.61
C GLU B 432 13.85 12.37 -15.13
N GLU B 433 12.62 12.76 -14.80
CA GLU B 433 12.06 14.03 -15.27
C GLU B 433 12.69 15.22 -14.55
N ILE B 434 13.18 16.19 -15.31
CA ILE B 434 13.85 17.37 -14.76
C ILE B 434 12.86 18.53 -14.73
N PHE B 435 11.98 18.55 -15.72
CA PHE B 435 11.01 19.63 -15.90
C PHE B 435 11.79 20.95 -15.93
N GLY B 436 12.77 21.03 -16.83
CA GLY B 436 13.65 22.18 -16.93
C GLY B 436 14.31 22.13 -18.29
N PRO B 437 15.10 23.15 -18.62
CA PRO B 437 15.66 23.28 -19.97
C PRO B 437 16.93 22.44 -20.13
N VAL B 438 16.78 21.12 -19.98
CA VAL B 438 17.91 20.21 -20.03
C VAL B 438 17.63 19.06 -20.97
N LEU B 439 18.34 19.04 -22.09
CA LEU B 439 18.15 18.02 -23.11
C LEU B 439 19.29 17.02 -23.04
N SER B 440 18.97 15.72 -22.94
CA SER B 440 20.00 14.69 -22.97
C SER B 440 20.06 14.01 -24.36
N VAL B 441 21.27 13.66 -24.80
CA VAL B 441 21.44 13.08 -26.12
C VAL B 441 22.15 11.75 -26.00
N TYR B 442 21.57 10.72 -26.61
CA TYR B 442 22.28 9.45 -26.74
C TYR B 442 22.61 9.15 -28.20
N VAL B 443 23.89 8.98 -28.48
CA VAL B 443 24.32 8.62 -29.83
C VAL B 443 24.42 7.10 -29.96
N TYR B 444 23.60 6.54 -30.83
CA TYR B 444 23.58 5.08 -30.98
C TYR B 444 24.26 4.64 -32.27
N PRO B 445 24.77 3.40 -32.30
CA PRO B 445 25.39 2.90 -33.54
C PRO B 445 24.37 2.68 -34.65
N ASP B 446 24.71 3.13 -35.85
CA ASP B 446 23.79 3.05 -37.00
C ASP B 446 23.30 1.64 -37.28
N ASP B 447 24.14 0.65 -36.99
CA ASP B 447 23.73 -0.75 -37.23
C ASP B 447 22.84 -1.27 -36.10
N LYS B 448 22.54 -0.41 -35.14
CA LYS B 448 21.74 -0.84 -33.99
C LYS B 448 20.46 -0.01 -33.80
N TYR B 449 19.88 0.47 -34.89
CA TYR B 449 18.72 1.35 -34.77
C TYR B 449 17.50 0.62 -34.24
N LYS B 450 17.27 -0.59 -34.76
CA LYS B 450 16.16 -1.42 -34.33
C LYS B 450 16.27 -1.69 -32.84
N GLU B 451 17.46 -2.11 -32.40
CA GLU B 451 17.68 -2.34 -30.98
C GLU B 451 17.46 -1.06 -30.17
N THR B 452 17.81 0.09 -30.76
CA THR B 452 17.68 1.34 -30.03
C THR B 452 16.21 1.73 -29.89
N LEU B 453 15.41 1.47 -30.92
CA LEU B 453 13.97 1.69 -30.81
C LEU B 453 13.41 0.96 -29.60
N GLN B 454 13.76 -0.32 -29.47
CA GLN B 454 13.33 -1.14 -28.32
C GLN B 454 13.85 -0.55 -27.01
N LEU B 455 15.06 -0.01 -27.05
CA LEU B 455 15.65 0.67 -25.91
C LEU B 455 14.86 1.91 -25.47
N VAL B 456 14.38 2.68 -26.44
CA VAL B 456 13.61 3.88 -26.13
C VAL B 456 12.36 3.46 -25.33
N ASP B 457 11.70 2.41 -25.82
CA ASP B 457 10.50 1.92 -25.14
C ASP B 457 10.81 1.38 -23.75
N SER B 458 11.86 0.55 -23.63
CA SER B 458 12.14 -0.14 -22.38
C SER B 458 12.65 0.80 -21.29
N THR B 459 13.13 1.97 -21.68
CA THR B 459 13.58 2.94 -20.71
C THR B 459 12.54 4.04 -20.53
N THR B 460 11.34 3.79 -21.05
CA THR B 460 10.24 4.72 -20.89
C THR B 460 9.38 4.27 -19.71
N SER B 461 9.31 5.09 -18.67
CA SER B 461 8.46 4.73 -17.53
C SER B 461 7.02 5.22 -17.70
N TYR B 462 6.83 6.53 -17.84
CA TYR B 462 5.48 7.05 -17.96
C TYR B 462 5.38 7.96 -19.17
N GLY B 463 5.52 7.37 -20.35
CA GLY B 463 5.69 8.13 -21.57
C GLY B 463 4.46 8.80 -22.15
N LEU B 464 4.52 10.13 -22.19
CA LEU B 464 3.43 10.96 -22.64
C LEU B 464 3.49 11.23 -24.14
N THR B 465 4.61 11.81 -24.58
CA THR B 465 4.75 12.18 -25.98
C THR B 465 6.08 11.68 -26.51
N GLY B 466 6.21 11.71 -27.82
CA GLY B 466 7.39 11.19 -28.47
C GLY B 466 7.31 11.51 -29.93
N ALA B 467 8.45 11.43 -30.62
CA ALA B 467 8.49 11.72 -32.03
C ALA B 467 9.58 10.90 -32.70
N VAL B 468 9.37 10.59 -33.97
CA VAL B 468 10.37 9.96 -34.80
C VAL B 468 10.65 10.86 -35.98
N PHE B 469 11.93 11.10 -36.23
CA PHE B 469 12.35 11.79 -37.45
C PHE B 469 13.01 10.81 -38.42
N SER B 470 12.43 10.71 -39.61
CA SER B 470 12.90 9.79 -40.62
C SER B 470 12.21 10.09 -41.92
N GLN B 471 12.98 10.07 -43.01
CA GLN B 471 12.42 10.24 -44.35
C GLN B 471 12.05 8.87 -44.88
N ASP B 472 12.70 7.85 -44.31
CA ASP B 472 12.43 6.47 -44.70
C ASP B 472 11.06 6.03 -44.15
N LYS B 473 10.12 5.76 -45.06
CA LYS B 473 8.78 5.37 -44.67
C LYS B 473 8.74 4.03 -43.94
N ASP B 474 9.57 3.08 -44.38
CA ASP B 474 9.67 1.79 -43.74
C ASP B 474 10.04 1.92 -42.26
N VAL B 475 11.06 2.73 -41.97
CA VAL B 475 11.51 2.98 -40.60
C VAL B 475 10.40 3.58 -39.73
N VAL B 476 9.63 4.50 -40.31
CA VAL B 476 8.53 5.14 -39.59
C VAL B 476 7.46 4.13 -39.15
N GLN B 477 7.10 3.23 -40.06
CA GLN B 477 6.16 2.16 -39.75
C GLN B 477 6.71 1.30 -38.60
N GLU B 478 7.98 0.92 -38.71
CA GLU B 478 8.63 0.12 -37.68
C GLU B 478 8.54 0.80 -36.32
N ALA B 479 9.03 2.04 -36.25
CA ALA B 479 9.02 2.82 -35.01
C ALA B 479 7.63 3.00 -34.43
N THR B 480 6.64 3.23 -35.30
CA THR B 480 5.26 3.39 -34.85
C THR B 480 4.75 2.14 -34.12
N LYS B 481 5.17 0.97 -34.57
CA LYS B 481 4.80 -0.26 -33.89
C LYS B 481 5.58 -0.45 -32.60
N VAL B 482 6.90 -0.29 -32.66
CA VAL B 482 7.73 -0.57 -31.49
C VAL B 482 7.44 0.38 -30.35
N LEU B 483 7.13 1.63 -30.71
CA LEU B 483 6.94 2.69 -29.75
C LEU B 483 5.45 2.92 -29.42
N ARG B 484 4.63 1.96 -29.81
CA ARG B 484 3.17 2.06 -29.68
C ARG B 484 2.69 2.42 -28.29
N ASN B 485 3.36 1.93 -27.26
CA ASN B 485 3.01 2.31 -25.88
C ASN B 485 4.08 3.14 -25.18
N ALA B 486 4.97 3.70 -25.98
CA ALA B 486 5.99 4.58 -25.43
C ALA B 486 5.56 6.06 -25.46
N ALA B 487 4.42 6.35 -26.10
CA ALA B 487 3.89 7.73 -26.13
C ALA B 487 2.41 7.76 -26.50
N GLY B 488 1.64 8.54 -25.76
CA GLY B 488 0.22 8.72 -26.06
C GLY B 488 -0.01 9.66 -27.23
N ASN B 489 0.76 10.75 -27.27
CA ASN B 489 0.78 11.62 -28.44
C ASN B 489 2.10 11.39 -29.17
N PHE B 490 2.00 10.83 -30.37
CA PHE B 490 3.16 10.40 -31.14
C PHE B 490 3.22 11.20 -32.42
N TYR B 491 4.40 11.76 -32.71
CA TYR B 491 4.59 12.64 -33.87
C TYR B 491 5.58 12.07 -34.86
N ILE B 492 5.30 12.27 -36.14
CA ILE B 492 6.20 11.86 -37.21
C ILE B 492 6.73 13.10 -37.93
N ASN B 493 8.05 13.29 -37.85
CA ASN B 493 8.73 14.44 -38.43
C ASN B 493 8.19 15.78 -37.94
N ASP B 494 7.87 15.84 -36.64
CA ASP B 494 7.53 17.09 -35.98
C ASP B 494 7.78 16.95 -34.47
N LYS B 495 7.64 18.04 -33.72
CA LYS B 495 8.11 18.03 -32.34
C LYS B 495 7.10 17.51 -31.32
N SER B 496 7.64 16.96 -30.23
CA SER B 496 6.82 16.24 -29.24
C SER B 496 5.85 17.14 -28.50
N THR B 497 6.08 18.46 -28.52
CA THR B 497 5.17 19.40 -27.87
C THR B 497 4.02 19.81 -28.79
N GLY B 498 3.99 19.26 -29.99
CA GLY B 498 2.93 19.55 -30.95
C GLY B 498 3.23 20.79 -31.77
N SER B 499 2.36 21.11 -32.72
CA SER B 499 2.54 22.29 -33.57
C SER B 499 1.21 22.99 -33.82
N ILE B 500 1.26 24.23 -34.29
CA ILE B 500 0.05 24.97 -34.61
C ILE B 500 -0.12 25.11 -36.12
N GLY B 508 -11.42 19.30 -32.77
CA GLY B 508 -11.55 19.51 -31.33
C GLY B 508 -10.71 20.68 -30.85
N ALA B 509 -10.59 20.82 -29.53
CA ALA B 509 -9.68 21.81 -28.93
C ALA B 509 -8.29 21.60 -29.51
N ARG B 510 -7.66 22.70 -29.95
CA ARG B 510 -6.34 22.63 -30.57
C ARG B 510 -5.29 21.95 -29.67
N ALA B 511 -5.43 22.12 -28.35
CA ALA B 511 -4.51 21.47 -27.42
C ALA B 511 -5.00 20.11 -26.95
N SER B 512 -6.08 19.60 -27.54
CA SER B 512 -6.54 18.25 -27.18
C SER B 512 -5.59 17.16 -27.69
N GLY B 513 -5.58 16.02 -26.99
CA GLY B 513 -4.75 14.91 -27.39
C GLY B 513 -5.24 13.60 -26.82
N THR B 514 -4.29 12.70 -26.57
CA THR B 514 -4.60 11.36 -26.08
C THR B 514 -5.49 11.40 -24.84
N ASN B 515 -5.16 12.27 -23.89
CA ASN B 515 -5.88 12.35 -22.62
C ASN B 515 -7.37 12.73 -22.74
N ASP B 516 -7.74 13.34 -23.87
CA ASP B 516 -9.11 13.83 -24.07
C ASP B 516 -9.94 12.94 -24.98
N LYS B 517 -9.29 11.93 -25.57
CA LYS B 517 -9.99 11.04 -26.49
C LYS B 517 -10.77 9.96 -25.73
N PRO B 518 -11.77 9.36 -26.39
CA PRO B 518 -12.49 8.29 -25.69
C PRO B 518 -11.54 7.17 -25.22
N GLY B 519 -11.62 6.80 -23.94
CA GLY B 519 -10.69 5.84 -23.34
C GLY B 519 -9.60 6.55 -22.57
N GLY B 520 -9.43 7.83 -22.84
CA GLY B 520 -8.44 8.65 -22.18
C GLY B 520 -8.87 9.00 -20.75
N PRO B 521 -7.89 9.30 -19.86
CA PRO B 521 -8.17 9.62 -18.46
C PRO B 521 -9.03 10.88 -18.28
N HIS B 522 -8.91 11.83 -19.19
CA HIS B 522 -9.63 13.12 -19.05
C HIS B 522 -10.82 13.26 -20.01
N TYR B 523 -11.26 12.13 -20.56
CA TYR B 523 -12.43 12.10 -21.44
C TYR B 523 -13.61 12.64 -20.64
N ILE B 524 -14.30 13.64 -21.19
CA ILE B 524 -15.26 14.43 -20.42
C ILE B 524 -16.46 13.60 -19.92
N LEU B 525 -16.72 12.49 -20.59
CA LEU B 525 -17.81 11.57 -20.24
C LEU B 525 -17.62 10.97 -18.86
N ARG B 526 -16.37 10.96 -18.39
CA ARG B 526 -16.08 10.43 -17.07
C ARG B 526 -16.72 11.27 -15.96
N TRP B 527 -17.11 12.49 -16.26
CA TRP B 527 -17.72 13.37 -15.27
C TRP B 527 -19.25 13.35 -15.30
N THR B 528 -19.81 12.39 -16.01
CA THR B 528 -21.26 12.17 -15.98
C THR B 528 -21.57 10.70 -15.67
N SER B 529 -22.69 10.45 -14.99
CA SER B 529 -23.19 9.08 -14.86
C SER B 529 -24.53 9.03 -15.56
N PRO B 530 -24.58 8.37 -16.73
CA PRO B 530 -25.83 8.34 -17.48
C PRO B 530 -26.91 7.53 -16.76
N GLN B 531 -28.10 8.10 -16.71
CA GLN B 531 -29.26 7.40 -16.19
C GLN B 531 -30.19 7.07 -17.35
N VAL B 532 -30.62 5.80 -17.45
CA VAL B 532 -31.60 5.42 -18.45
C VAL B 532 -33.01 5.40 -17.87
N ILE B 533 -33.91 6.21 -18.42
CA ILE B 533 -35.29 6.23 -17.96
C ILE B 533 -36.21 5.57 -18.97
N LYS B 534 -37.00 4.60 -18.53
CA LYS B 534 -37.89 3.89 -19.45
C LYS B 534 -39.34 3.92 -18.96
N GLU B 535 -40.21 4.50 -19.78
CA GLU B 535 -41.61 4.61 -19.43
C GLU B 535 -42.46 3.72 -20.33
N THR B 536 -43.31 2.92 -19.71
CA THR B 536 -44.24 2.07 -20.46
C THR B 536 -45.65 2.67 -20.45
N HIS B 537 -46.30 2.66 -21.60
CA HIS B 537 -47.66 3.17 -21.75
C HIS B 537 -48.60 2.04 -22.16
N ARG C 9 20.17 -37.02 36.72
CA ARG C 9 21.55 -37.27 36.32
C ARG C 9 22.34 -35.97 36.08
N TRP C 10 23.31 -36.04 35.16
CA TRP C 10 24.26 -34.95 34.95
C TRP C 10 24.78 -34.86 33.50
N LYS C 11 25.41 -33.74 33.17
CA LYS C 11 26.00 -33.53 31.84
C LYS C 11 27.04 -32.41 31.85
N HIS C 12 28.15 -32.61 31.14
CA HIS C 12 29.17 -31.57 31.02
C HIS C 12 28.71 -30.49 30.03
N THR C 13 28.75 -29.23 30.47
CA THR C 13 28.36 -28.11 29.62
C THR C 13 29.57 -27.22 29.33
N SER C 14 29.39 -26.24 28.45
CA SER C 14 30.49 -25.40 28.02
C SER C 14 30.02 -24.06 27.46
N SER C 15 30.70 -23.00 27.89
CA SER C 15 30.43 -21.65 27.41
C SER C 15 31.74 -21.03 26.94
N LEU C 16 31.71 -19.76 26.56
CA LEU C 16 32.89 -19.11 26.02
C LEU C 16 33.25 -17.86 26.82
N LYS C 17 34.53 -17.65 27.04
CA LYS C 17 35.02 -16.36 27.52
C LYS C 17 35.87 -15.75 26.41
N VAL C 18 35.71 -14.45 26.18
CA VAL C 18 36.52 -13.81 25.14
C VAL C 18 37.02 -12.46 25.61
N ALA C 19 38.21 -12.09 25.12
CA ALA C 19 38.80 -10.80 25.38
C ALA C 19 38.80 -9.96 24.11
N ASN C 20 38.93 -8.65 24.25
CA ASN C 20 39.06 -7.76 23.10
C ASN C 20 40.35 -8.02 22.35
N GLU C 21 40.30 -7.89 21.02
CA GLU C 21 41.48 -7.98 20.18
C GLU C 21 42.35 -6.74 20.39
N PRO C 22 43.65 -6.96 20.68
CA PRO C 22 44.58 -5.84 20.87
C PRO C 22 44.72 -4.99 19.60
N VAL C 23 44.77 -3.67 19.77
CA VAL C 23 45.04 -2.76 18.65
C VAL C 23 46.55 -2.48 18.60
N LEU C 24 47.20 -2.94 17.52
CA LEU C 24 48.66 -2.84 17.41
C LEU C 24 49.13 -1.42 17.09
N ALA C 25 50.36 -1.11 17.48
CA ALA C 25 50.85 0.27 17.42
C ALA C 25 51.45 0.63 16.05
N PHE C 26 52.07 -0.36 15.40
CA PHE C 26 52.74 -0.17 14.10
C PHE C 26 53.81 0.93 14.17
N THR C 27 54.53 0.97 15.29
CA THR C 27 55.63 1.90 15.47
C THR C 27 56.76 1.53 14.53
N GLN C 28 57.61 2.51 14.22
CA GLN C 28 58.75 2.28 13.33
C GLN C 28 59.61 1.13 13.83
N GLY C 29 59.82 0.12 12.98
CA GLY C 29 60.67 -0.99 13.30
C GLY C 29 59.94 -2.22 13.81
N SER C 30 58.68 -2.05 14.20
CA SER C 30 57.88 -3.14 14.76
C SER C 30 57.71 -4.30 13.77
N PRO C 31 57.34 -5.50 14.26
CA PRO C 31 57.16 -6.62 13.31
C PRO C 31 55.85 -6.50 12.53
N GLU C 32 54.81 -5.96 13.15
CA GLU C 32 53.55 -5.78 12.45
C GLU C 32 53.75 -4.79 11.31
N ARG C 33 54.60 -3.79 11.53
CA ARG C 33 54.92 -2.81 10.49
C ARG C 33 55.61 -3.45 9.29
N ASP C 34 56.61 -4.29 9.56
CA ASP C 34 57.29 -5.01 8.48
C ASP C 34 56.30 -5.89 7.73
N ALA C 35 55.47 -6.63 8.46
CA ALA C 35 54.49 -7.53 7.86
C ALA C 35 53.47 -6.78 6.99
N LEU C 36 52.94 -5.68 7.51
CA LEU C 36 52.06 -4.84 6.73
C LEU C 36 52.78 -4.33 5.47
N GLN C 37 54.02 -3.90 5.65
CA GLN C 37 54.81 -3.38 4.53
C GLN C 37 54.91 -4.41 3.42
N LYS C 38 55.09 -5.67 3.78
CA LYS C 38 55.17 -6.73 2.79
C LYS C 38 53.84 -6.96 2.07
N ALA C 39 52.74 -6.95 2.83
CA ALA C 39 51.42 -7.19 2.25
C ALA C 39 51.00 -6.03 1.34
N LEU C 40 51.45 -4.82 1.68
CA LEU C 40 51.17 -3.66 0.85
C LEU C 40 51.94 -3.75 -0.48
N LYS C 41 53.20 -4.17 -0.40
CA LYS C 41 54.00 -4.39 -1.61
C LYS C 41 53.32 -5.44 -2.49
N ASP C 42 52.79 -6.48 -1.88
CA ASP C 42 52.09 -7.54 -2.62
C ASP C 42 50.88 -7.03 -3.42
N LEU C 43 50.36 -5.86 -3.06
CA LEU C 43 49.19 -5.31 -3.75
C LEU C 43 49.53 -4.26 -4.82
N LYS C 44 50.71 -3.67 -4.75
CA LYS C 44 51.05 -2.55 -5.62
C LYS C 44 50.97 -2.98 -7.08
N GLY C 45 50.21 -2.24 -7.88
CA GLY C 45 50.01 -2.56 -9.28
C GLY C 45 49.17 -3.80 -9.58
N ARG C 46 48.62 -4.45 -8.56
CA ARG C 46 47.92 -5.71 -8.84
C ARG C 46 46.41 -5.65 -8.69
N MET C 47 45.72 -6.48 -9.47
CA MET C 47 44.26 -6.54 -9.49
C MET C 47 43.80 -7.98 -9.28
N GLU C 48 42.79 -8.17 -8.44
CA GLU C 48 42.18 -9.49 -8.31
C GLU C 48 40.84 -9.51 -9.03
N ALA C 49 40.58 -10.60 -9.75
CA ALA C 49 39.31 -10.79 -10.41
C ALA C 49 38.40 -11.55 -9.44
N ILE C 50 37.34 -10.87 -9.00
CA ILE C 50 36.47 -11.41 -7.95
C ILE C 50 35.12 -11.76 -8.51
N PRO C 51 34.80 -13.06 -8.51
CA PRO C 51 33.56 -13.55 -9.13
C PRO C 51 32.43 -13.47 -8.12
N CYS C 52 31.19 -13.57 -8.56
CA CYS C 52 30.12 -13.88 -7.63
C CYS C 52 30.35 -15.32 -7.18
N VAL C 53 29.97 -15.63 -5.94
CA VAL C 53 30.06 -17.00 -5.45
C VAL C 53 28.69 -17.47 -4.96
N VAL C 54 28.17 -18.49 -5.65
CA VAL C 54 26.93 -19.15 -5.24
C VAL C 54 27.27 -20.59 -4.92
N GLY C 55 27.10 -20.98 -3.66
CA GLY C 55 27.62 -22.26 -3.19
C GLY C 55 29.14 -22.27 -3.30
N ASP C 56 29.68 -23.21 -4.09
CA ASP C 56 31.11 -23.22 -4.37
C ASP C 56 31.38 -22.80 -5.82
N GLU C 57 30.34 -22.39 -6.53
CA GLU C 57 30.50 -22.02 -7.94
C GLU C 57 30.94 -20.57 -8.07
N GLU C 58 32.08 -20.33 -8.74
CA GLU C 58 32.47 -18.96 -9.10
C GLU C 58 31.74 -18.58 -10.39
N VAL C 59 30.94 -17.51 -10.35
CA VAL C 59 30.08 -17.14 -11.47
C VAL C 59 30.39 -15.74 -12.00
N TRP C 60 30.52 -15.62 -13.32
CA TRP C 60 30.76 -14.34 -13.96
C TRP C 60 29.59 -13.92 -14.82
N THR C 61 29.20 -12.64 -14.73
CA THR C 61 28.22 -12.07 -15.66
C THR C 61 28.96 -11.13 -16.59
N SER C 62 28.24 -10.56 -17.55
CA SER C 62 28.83 -9.63 -18.51
C SER C 62 28.91 -8.23 -17.95
N ASP C 63 28.27 -8.03 -16.79
CA ASP C 63 28.22 -6.72 -16.16
C ASP C 63 29.45 -6.52 -15.28
N VAL C 64 30.59 -6.30 -15.92
CA VAL C 64 31.87 -6.19 -15.26
C VAL C 64 32.04 -4.83 -14.59
N GLN C 65 32.61 -4.83 -13.39
CA GLN C 65 32.82 -3.59 -12.65
C GLN C 65 34.22 -3.60 -12.06
N TYR C 66 34.73 -2.43 -11.72
CA TYR C 66 36.06 -2.35 -11.11
C TYR C 66 36.05 -1.55 -9.82
N GLN C 67 36.93 -1.94 -8.90
CA GLN C 67 37.22 -1.13 -7.73
C GLN C 67 38.60 -0.49 -7.93
N VAL C 68 38.72 0.80 -7.70
CA VAL C 68 40.05 1.43 -7.82
C VAL C 68 40.55 1.92 -6.46
N SER C 69 41.86 2.09 -6.37
CA SER C 69 42.49 2.62 -5.16
C SER C 69 42.17 4.10 -5.07
N PRO C 70 41.55 4.53 -3.97
CA PRO C 70 41.11 5.93 -3.87
C PRO C 70 42.24 6.95 -4.08
N PHE C 71 43.43 6.67 -3.55
CA PHE C 71 44.55 7.61 -3.66
C PHE C 71 45.34 7.43 -4.96
N ASN C 72 44.90 6.49 -5.79
CA ASN C 72 45.56 6.29 -7.09
C ASN C 72 44.61 5.53 -7.98
N HIS C 73 43.67 6.25 -8.57
CA HIS C 73 42.53 5.61 -9.23
C HIS C 73 42.90 4.96 -10.55
N GLY C 74 44.15 5.14 -10.97
CA GLY C 74 44.71 4.39 -12.08
C GLY C 74 44.94 2.94 -11.69
N HIS C 75 45.04 2.69 -10.40
CA HIS C 75 45.25 1.34 -9.87
C HIS C 75 43.91 0.65 -9.65
N LYS C 76 43.54 -0.22 -10.59
CA LYS C 76 42.36 -1.05 -10.41
C LYS C 76 42.75 -2.21 -9.49
N VAL C 77 42.15 -2.25 -8.29
CA VAL C 77 42.52 -3.27 -7.32
C VAL C 77 41.67 -4.51 -7.44
N ALA C 78 40.53 -4.38 -8.10
CA ALA C 78 39.65 -5.53 -8.22
C ALA C 78 38.79 -5.41 -9.45
N LYS C 79 38.58 -6.56 -10.10
CA LYS C 79 37.60 -6.67 -11.16
C LYS C 79 36.55 -7.61 -10.63
N PHE C 80 35.30 -7.19 -10.75
CA PHE C 80 34.18 -8.02 -10.31
C PHE C 80 33.01 -7.82 -11.25
N CYS C 81 31.86 -8.37 -10.89
CA CYS C 81 30.70 -8.24 -11.76
C CYS C 81 29.43 -8.21 -10.92
N TYR C 82 28.39 -7.64 -11.50
CA TYR C 82 27.07 -7.55 -10.84
C TYR C 82 26.19 -8.76 -11.15
N ALA C 83 25.73 -9.45 -10.11
CA ALA C 83 24.78 -10.54 -10.32
C ALA C 83 23.52 -9.99 -11.00
N ASP C 84 22.96 -10.76 -11.93
CA ASP C 84 21.69 -10.40 -12.56
C ASP C 84 20.53 -11.04 -11.79
N LYS C 85 19.29 -10.71 -12.18
CA LYS C 85 18.11 -11.20 -11.46
C LYS C 85 18.10 -12.72 -11.42
N SER C 86 18.49 -13.34 -12.53
CA SER C 86 18.51 -14.79 -12.64
C SER C 86 19.48 -15.42 -11.64
N LEU C 87 20.68 -14.86 -11.56
CA LEU C 87 21.69 -15.39 -10.67
C LEU C 87 21.28 -15.20 -9.20
N LEU C 88 20.64 -14.06 -8.91
CA LEU C 88 20.20 -13.77 -7.56
C LEU C 88 19.15 -14.79 -7.13
N ASN C 89 18.20 -15.03 -8.01
CA ASN C 89 17.15 -16.00 -7.72
C ASN C 89 17.73 -17.39 -7.49
N LYS C 90 18.76 -17.72 -8.26
CA LYS C 90 19.41 -19.02 -8.12
C LYS C 90 20.12 -19.12 -6.78
N ALA C 91 20.77 -18.02 -6.38
CA ALA C 91 21.49 -17.98 -5.13
C ALA C 91 20.51 -18.16 -3.98
N ILE C 92 19.33 -17.58 -4.14
CA ILE C 92 18.29 -17.74 -3.13
C ILE C 92 17.90 -19.20 -3.02
N GLU C 93 17.55 -19.82 -4.15
CA GLU C 93 17.12 -21.22 -4.17
C GLU C 93 18.21 -22.10 -3.55
N ALA C 94 19.46 -21.82 -3.91
CA ALA C 94 20.57 -22.59 -3.39
C ALA C 94 20.73 -22.41 -1.87
N ALA C 95 20.66 -21.18 -1.39
CA ALA C 95 20.79 -20.93 0.05
C ALA C 95 19.69 -21.63 0.82
N LEU C 96 18.46 -21.53 0.33
CA LEU C 96 17.34 -22.17 1.01
C LEU C 96 17.53 -23.69 1.16
N ALA C 97 18.16 -24.31 0.16
CA ALA C 97 18.38 -25.77 0.19
C ALA C 97 19.30 -26.18 1.34
N ALA C 98 20.24 -25.31 1.70
CA ALA C 98 21.23 -25.64 2.71
C ALA C 98 20.84 -25.20 4.12
N ARG C 99 19.82 -24.35 4.23
CA ARG C 99 19.47 -23.69 5.49
C ARG C 99 19.13 -24.62 6.65
N LYS C 100 18.30 -25.63 6.37
CA LYS C 100 17.77 -26.50 7.42
C LYS C 100 18.90 -27.18 8.18
N GLU C 101 19.81 -27.81 7.44
CA GLU C 101 20.96 -28.46 8.06
C GLU C 101 21.77 -27.47 8.91
N TRP C 102 21.97 -26.28 8.37
CA TRP C 102 22.75 -25.24 9.05
C TRP C 102 22.10 -24.81 10.36
N ASP C 103 20.80 -24.51 10.30
CA ASP C 103 20.02 -24.15 11.48
C ASP C 103 20.11 -25.25 12.53
N LEU C 104 20.14 -26.50 12.09
CA LEU C 104 20.20 -27.62 13.01
C LEU C 104 21.60 -27.88 13.59
N LYS C 105 22.64 -27.42 12.91
CA LYS C 105 23.99 -27.54 13.44
C LYS C 105 24.05 -26.84 14.79
N PRO C 106 24.62 -27.51 15.81
CA PRO C 106 24.72 -26.94 17.15
C PRO C 106 25.44 -25.59 17.15
N ILE C 107 24.93 -24.64 17.94
CA ILE C 107 25.46 -23.29 17.96
C ILE C 107 26.96 -23.27 18.26
N ALA C 108 27.40 -24.16 19.14
CA ALA C 108 28.83 -24.28 19.47
C ALA C 108 29.68 -24.60 18.23
N ASP C 109 29.13 -25.40 17.32
CA ASP C 109 29.85 -25.76 16.10
C ASP C 109 29.83 -24.61 15.08
N ARG C 110 28.73 -23.86 15.04
CA ARG C 110 28.68 -22.68 14.18
C ARG C 110 29.64 -21.61 14.70
N ALA C 111 29.65 -21.44 16.02
CA ALA C 111 30.50 -20.42 16.62
C ALA C 111 31.98 -20.69 16.39
N GLN C 112 32.35 -21.97 16.37
CA GLN C 112 33.74 -22.38 16.15
C GLN C 112 34.26 -21.89 14.81
N ILE C 113 33.39 -21.86 13.80
CA ILE C 113 33.79 -21.38 12.49
C ILE C 113 34.15 -19.92 12.58
N PHE C 114 33.33 -19.15 13.29
CA PHE C 114 33.58 -17.73 13.45
C PHE C 114 34.76 -17.41 14.35
N LEU C 115 34.99 -18.23 15.37
CA LEU C 115 36.17 -18.04 16.20
C LEU C 115 37.45 -18.28 15.39
N LYS C 116 37.43 -19.31 14.55
CA LYS C 116 38.56 -19.63 13.69
C LYS C 116 38.82 -18.51 12.69
N ALA C 117 37.76 -18.01 12.06
CA ALA C 117 37.90 -16.89 11.12
C ALA C 117 38.50 -15.68 11.82
N ALA C 118 38.04 -15.41 13.04
CA ALA C 118 38.57 -14.30 13.84
C ALA C 118 40.08 -14.45 14.13
N ASP C 119 40.47 -15.67 14.48
CA ASP C 119 41.87 -15.97 14.79
C ASP C 119 42.75 -15.86 13.54
N MET C 120 42.24 -16.32 12.40
CA MET C 120 42.98 -16.17 11.14
C MET C 120 43.21 -14.69 10.84
N LEU C 121 42.13 -13.92 10.88
CA LEU C 121 42.19 -12.48 10.69
C LEU C 121 43.11 -11.82 11.69
N SER C 122 43.14 -12.37 12.90
CA SER C 122 43.94 -11.80 13.99
C SER C 122 45.46 -12.03 13.80
N GLY C 123 45.81 -13.18 13.23
CA GLY C 123 47.21 -13.59 13.12
C GLY C 123 47.74 -13.61 11.69
N PRO C 124 47.68 -14.78 11.05
CA PRO C 124 48.27 -14.97 9.73
C PRO C 124 47.67 -14.13 8.61
N ARG C 125 46.44 -13.66 8.77
CA ARG C 125 45.78 -12.89 7.70
C ARG C 125 45.59 -11.40 8.02
N ARG C 126 46.13 -10.95 9.14
CA ARG C 126 45.97 -9.56 9.57
C ARG C 126 46.60 -8.59 8.57
N ALA C 127 47.86 -8.84 8.20
CA ALA C 127 48.53 -7.97 7.25
C ALA C 127 47.73 -7.87 5.95
N GLU C 128 47.20 -9.01 5.49
CA GLU C 128 46.42 -9.03 4.26
C GLU C 128 45.16 -8.14 4.34
N ILE C 129 44.38 -8.29 5.41
CA ILE C 129 43.14 -7.53 5.54
C ILE C 129 43.44 -6.02 5.67
N LEU C 130 44.47 -5.67 6.43
CA LEU C 130 44.86 -4.28 6.59
C LEU C 130 45.27 -3.67 5.26
N ALA C 131 46.12 -4.38 4.54
CA ALA C 131 46.63 -3.88 3.26
C ALA C 131 45.50 -3.72 2.26
N LYS C 132 44.52 -4.64 2.29
CA LYS C 132 43.42 -4.55 1.34
C LYS C 132 42.44 -3.39 1.65
N THR C 133 42.27 -3.06 2.92
CA THR C 133 41.42 -1.92 3.28
C THR C 133 42.14 -0.60 3.05
N MET C 134 43.45 -0.59 3.32
CA MET C 134 44.25 0.61 3.07
C MET C 134 44.28 0.91 1.57
N VAL C 135 44.69 -0.08 0.78
CA VAL C 135 44.83 0.13 -0.67
C VAL C 135 43.49 0.25 -1.38
N GLY C 136 42.54 -0.59 -0.99
CA GLY C 136 41.21 -0.59 -1.57
C GLY C 136 40.26 0.52 -1.14
N GLN C 137 40.34 0.91 0.14
CA GLN C 137 39.39 1.87 0.70
C GLN C 137 40.04 3.18 1.17
N GLY C 138 41.36 3.25 1.05
CA GLY C 138 42.08 4.48 1.34
C GLY C 138 42.34 4.71 2.81
N LYS C 139 42.11 3.69 3.64
CA LYS C 139 42.35 3.82 5.07
C LYS C 139 43.85 3.99 5.39
N THR C 140 44.15 4.79 6.41
CA THR C 140 45.48 4.80 7.00
C THR C 140 45.70 3.51 7.80
N VAL C 141 46.95 3.23 8.16
CA VAL C 141 47.26 2.01 8.90
C VAL C 141 46.47 1.94 10.22
N ILE C 142 46.38 3.07 10.93
CA ILE C 142 45.68 3.04 12.22
C ILE C 142 44.17 2.85 12.07
N GLN C 143 43.60 3.49 11.06
CA GLN C 143 42.18 3.35 10.79
C GLN C 143 41.87 1.92 10.38
N ALA C 144 42.69 1.34 9.49
CA ALA C 144 42.50 -0.03 9.05
C ALA C 144 42.59 -0.98 10.24
N GLU C 145 43.57 -0.72 11.09
CA GLU C 145 43.85 -1.57 12.24
C GLU C 145 42.72 -1.52 13.27
N ILE C 146 42.26 -0.31 13.61
CA ILE C 146 41.16 -0.15 14.57
C ILE C 146 39.92 -0.88 14.06
N ASP C 147 39.62 -0.71 12.78
CA ASP C 147 38.46 -1.34 12.18
C ASP C 147 38.58 -2.87 12.13
N ALA C 148 39.78 -3.38 11.85
CA ALA C 148 40.01 -4.82 11.82
C ALA C 148 39.82 -5.43 13.21
N ALA C 149 40.43 -4.79 14.22
CA ALA C 149 40.34 -5.27 15.60
C ALA C 149 38.96 -5.07 16.23
N ALA C 150 38.57 -3.80 16.35
CA ALA C 150 37.43 -3.38 17.14
C ALA C 150 36.12 -3.76 16.48
N GLU C 151 36.14 -3.92 15.16
CA GLU C 151 34.89 -4.25 14.47
C GLU C 151 34.87 -5.70 13.98
N LEU C 152 35.68 -6.01 12.97
CA LEU C 152 35.64 -7.31 12.32
C LEU C 152 35.95 -8.51 13.26
N ILE C 153 37.15 -8.50 13.87
CA ILE C 153 37.56 -9.61 14.74
C ILE C 153 36.73 -9.67 16.03
N ASP C 154 36.60 -8.54 16.70
CA ASP C 154 35.81 -8.49 17.92
C ASP C 154 34.34 -8.91 17.70
N PHE C 155 33.76 -8.55 16.57
CA PHE C 155 32.37 -8.93 16.36
C PHE C 155 32.20 -10.42 16.15
N PHE C 156 33.14 -11.02 15.44
CA PHE C 156 33.14 -12.46 15.27
C PHE C 156 33.22 -13.15 16.63
N ARG C 157 34.17 -12.77 17.45
CA ARG C 157 34.37 -13.43 18.74
C ARG C 157 33.23 -13.20 19.75
N PHE C 158 32.82 -11.95 19.90
CA PHE C 158 31.79 -11.61 20.89
C PHE C 158 30.39 -12.08 20.49
N ASN C 159 30.10 -12.08 19.19
CA ASN C 159 28.83 -12.63 18.73
C ASN C 159 28.83 -14.11 19.07
N ALA C 160 29.98 -14.75 18.89
CA ALA C 160 30.08 -16.17 19.12
C ALA C 160 29.81 -16.47 20.59
N LYS C 161 30.40 -15.66 21.46
CA LYS C 161 30.16 -15.76 22.89
C LYS C 161 28.68 -15.54 23.24
N TYR C 162 28.09 -14.47 22.75
CA TYR C 162 26.68 -14.17 23.04
C TYR C 162 25.76 -15.31 22.60
N ALA C 163 26.01 -15.85 21.41
CA ALA C 163 25.14 -16.90 20.90
C ALA C 163 25.23 -18.13 21.80
N VAL C 164 26.45 -18.48 22.20
CA VAL C 164 26.66 -19.66 23.03
C VAL C 164 26.08 -19.46 24.44
N GLU C 165 26.26 -18.26 25.00
CA GLU C 165 25.70 -17.93 26.31
C GLU C 165 24.18 -17.92 26.27
N LEU C 166 23.63 -17.49 25.15
CA LEU C 166 22.19 -17.43 24.98
C LEU C 166 21.62 -18.84 24.99
N GLU C 167 22.34 -19.75 24.36
CA GLU C 167 21.96 -21.15 24.35
C GLU C 167 21.88 -21.67 25.79
N GLY C 168 22.85 -21.25 26.60
CA GLY C 168 22.89 -21.64 27.99
C GLY C 168 21.75 -21.09 28.83
N GLN C 169 21.08 -20.06 28.32
CA GLN C 169 19.97 -19.44 29.04
C GLN C 169 18.69 -20.28 28.90
N GLN C 170 18.46 -21.13 29.89
CA GLN C 170 17.38 -22.11 29.85
C GLN C 170 16.46 -22.00 31.06
N PRO C 171 15.14 -22.24 30.86
CA PRO C 171 14.16 -22.09 31.94
C PRO C 171 14.26 -23.19 32.99
N ILE C 172 13.74 -22.91 34.19
CA ILE C 172 13.68 -23.90 35.27
C ILE C 172 12.56 -24.90 35.00
N SER C 173 12.82 -26.18 35.26
CA SER C 173 11.87 -27.23 34.96
C SER C 173 11.24 -27.85 36.21
N VAL C 174 10.08 -27.34 36.60
CA VAL C 174 9.36 -27.86 37.75
C VAL C 174 8.34 -28.92 37.31
N PRO C 175 8.51 -30.16 37.78
CA PRO C 175 7.65 -31.31 37.48
C PRO C 175 6.14 -31.00 37.55
N PRO C 176 5.31 -31.80 36.84
CA PRO C 176 5.72 -32.96 36.05
C PRO C 176 6.17 -32.57 34.65
N SER C 177 6.66 -31.34 34.49
CA SER C 177 7.00 -30.84 33.18
C SER C 177 8.43 -30.34 33.01
N THR C 178 9.00 -30.61 31.85
CA THR C 178 10.32 -30.11 31.46
C THR C 178 10.16 -28.92 30.51
N ASN C 179 11.05 -27.94 30.62
CA ASN C 179 11.03 -26.79 29.72
C ASN C 179 12.37 -26.57 29.04
N SER C 180 12.32 -26.27 27.75
CA SER C 180 13.51 -26.00 26.96
C SER C 180 13.22 -24.86 26.01
N THR C 181 14.25 -24.09 25.72
CA THR C 181 14.15 -23.02 24.74
C THR C 181 15.11 -23.34 23.61
N VAL C 182 14.58 -23.35 22.38
CA VAL C 182 15.38 -23.64 21.21
C VAL C 182 15.47 -22.37 20.38
N TYR C 183 16.69 -21.91 20.12
CA TYR C 183 16.83 -20.67 19.37
C TYR C 183 16.93 -20.97 17.89
N ARG C 184 15.82 -20.77 17.17
CA ARG C 184 15.77 -21.09 15.76
C ARG C 184 16.30 -19.96 14.88
N GLY C 185 17.09 -20.32 13.87
CA GLY C 185 17.37 -19.41 12.79
C GLY C 185 16.07 -19.10 12.06
N LEU C 186 16.03 -17.97 11.39
CA LEU C 186 14.81 -17.55 10.71
C LEU C 186 14.56 -18.37 9.46
N GLU C 187 13.30 -18.65 9.21
CA GLU C 187 12.92 -19.50 8.08
C GLU C 187 12.84 -18.70 6.78
N GLY C 188 13.83 -18.88 5.92
CA GLY C 188 13.93 -18.13 4.68
C GLY C 188 15.38 -17.74 4.45
N PHE C 189 15.63 -16.63 3.73
CA PHE C 189 16.99 -16.07 3.63
C PHE C 189 17.04 -14.62 4.09
N VAL C 190 18.21 -14.21 4.56
CA VAL C 190 18.44 -12.83 4.95
C VAL C 190 19.30 -12.15 3.88
N ALA C 191 18.93 -10.93 3.50
CA ALA C 191 19.76 -10.15 2.57
C ALA C 191 20.63 -9.15 3.34
N ALA C 192 21.94 -9.25 3.15
CA ALA C 192 22.88 -8.34 3.79
C ALA C 192 23.32 -7.30 2.77
N ILE C 193 22.99 -6.03 3.04
CA ILE C 193 23.13 -5.00 2.04
C ILE C 193 23.97 -3.81 2.50
N SER C 194 25.04 -3.52 1.78
CA SER C 194 25.72 -2.24 1.98
C SER C 194 25.86 -1.51 0.65
N PRO C 195 25.73 -0.18 0.67
CA PRO C 195 25.64 0.55 -0.61
C PRO C 195 26.91 0.44 -1.43
N PHE C 196 26.80 0.61 -2.75
CA PHE C 196 27.90 0.44 -3.70
C PHE C 196 29.16 1.24 -3.33
N ASN C 197 28.99 2.45 -2.84
CA ASN C 197 30.15 3.27 -2.51
C ASN C 197 30.40 3.45 -1.01
N PHE C 198 30.02 2.45 -0.22
CA PHE C 198 30.26 2.51 1.22
C PHE C 198 31.74 2.32 1.57
N THR C 199 32.11 2.88 2.71
CA THR C 199 33.49 2.88 3.16
C THR C 199 33.83 1.67 4.04
N ALA C 200 32.84 0.83 4.31
CA ALA C 200 33.02 -0.30 5.23
C ALA C 200 32.73 -1.67 4.63
N ILE C 201 33.41 -2.69 5.13
CA ILE C 201 33.11 -4.06 4.74
C ILE C 201 31.70 -4.45 5.21
N GLY C 202 31.39 -4.11 6.46
CA GLY C 202 30.14 -4.51 7.07
C GLY C 202 30.06 -6.02 7.21
N GLY C 203 31.18 -6.64 7.52
CA GLY C 203 31.27 -8.08 7.70
C GLY C 203 30.23 -8.62 8.67
N ASN C 204 29.87 -7.82 9.66
CA ASN C 204 28.88 -8.22 10.65
C ASN C 204 27.46 -8.29 10.06
N LEU C 205 27.24 -7.58 8.95
CA LEU C 205 25.93 -7.60 8.28
C LEU C 205 25.55 -9.02 7.85
N ALA C 206 26.53 -9.73 7.34
CA ALA C 206 26.36 -11.12 6.90
C ALA C 206 26.73 -12.10 8.03
N GLY C 207 27.74 -11.72 8.84
CA GLY C 207 28.24 -12.60 9.88
C GLY C 207 27.28 -12.94 11.01
N ALA C 208 26.62 -11.92 11.54
CA ALA C 208 25.71 -12.12 12.67
C ALA C 208 24.51 -13.03 12.34
N PRO C 209 23.78 -12.76 11.24
CA PRO C 209 22.67 -13.67 10.86
C PRO C 209 23.14 -15.09 10.55
N ALA C 210 24.25 -15.22 9.83
CA ALA C 210 24.78 -16.54 9.51
C ALA C 210 25.08 -17.30 10.79
N LEU C 211 25.68 -16.63 11.77
CA LEU C 211 26.01 -17.27 13.03
C LEU C 211 24.75 -17.81 13.71
N MET C 212 23.66 -17.07 13.63
CA MET C 212 22.42 -17.46 14.31
C MET C 212 21.63 -18.46 13.48
N GLY C 213 22.28 -19.12 12.53
CA GLY C 213 21.65 -20.21 11.82
C GLY C 213 20.87 -19.78 10.59
N ASN C 214 21.13 -18.57 10.11
CA ASN C 214 20.51 -18.12 8.87
C ASN C 214 21.38 -18.32 7.65
N VAL C 215 20.75 -18.25 6.49
CA VAL C 215 21.45 -18.23 5.22
C VAL C 215 21.29 -16.83 4.64
N VAL C 216 22.30 -16.40 3.91
CA VAL C 216 22.48 -15.00 3.59
C VAL C 216 22.89 -14.76 2.14
N LEU C 217 22.17 -13.87 1.48
CA LEU C 217 22.70 -13.27 0.25
C LEU C 217 23.41 -11.97 0.61
N TRP C 218 24.73 -11.94 0.43
CA TRP C 218 25.51 -10.75 0.78
C TRP C 218 25.86 -9.91 -0.45
N LYS C 219 25.33 -8.69 -0.51
CA LYS C 219 25.70 -7.75 -1.54
C LYS C 219 26.71 -6.79 -0.94
N PRO C 220 28.00 -7.05 -1.16
CA PRO C 220 29.04 -6.22 -0.52
C PRO C 220 29.11 -4.84 -1.16
N SER C 221 29.86 -3.93 -0.57
CA SER C 221 30.02 -2.60 -1.15
C SER C 221 31.04 -2.63 -2.30
N ASP C 222 30.69 -2.07 -3.47
CA ASP C 222 31.61 -2.00 -4.62
C ASP C 222 32.98 -1.41 -4.25
N THR C 223 32.99 -0.40 -3.38
CA THR C 223 34.24 0.28 -3.04
C THR C 223 35.02 -0.43 -1.93
N ALA C 224 34.53 -1.58 -1.48
CA ALA C 224 35.25 -2.37 -0.49
C ALA C 224 35.37 -3.82 -0.92
N MET C 225 35.19 -4.05 -2.22
CA MET C 225 35.11 -5.41 -2.80
C MET C 225 36.32 -6.28 -2.48
N LEU C 226 37.51 -5.73 -2.64
CA LEU C 226 38.74 -6.46 -2.43
C LEU C 226 38.82 -7.06 -1.02
N ALA C 227 38.63 -6.23 -0.01
CA ALA C 227 38.73 -6.71 1.36
C ALA C 227 37.51 -7.55 1.73
N SER C 228 36.35 -7.21 1.17
CA SER C 228 35.13 -7.96 1.49
C SER C 228 35.29 -9.41 1.05
N TYR C 229 35.88 -9.62 -0.13
CA TYR C 229 36.06 -10.99 -0.63
C TYR C 229 37.12 -11.70 0.22
N ALA C 230 38.10 -10.95 0.71
CA ALA C 230 39.13 -11.53 1.55
C ALA C 230 38.51 -12.11 2.81
N VAL C 231 37.54 -11.40 3.37
CA VAL C 231 36.85 -11.89 4.56
C VAL C 231 36.00 -13.12 4.21
N TYR C 232 35.31 -13.06 3.07
CA TYR C 232 34.49 -14.17 2.60
C TYR C 232 35.33 -15.44 2.42
N ARG C 233 36.48 -15.30 1.78
CA ARG C 233 37.35 -16.44 1.55
C ARG C 233 37.84 -17.03 2.86
N ILE C 234 38.16 -16.15 3.81
CA ILE C 234 38.58 -16.59 5.14
C ILE C 234 37.49 -17.36 5.89
N LEU C 235 36.25 -16.87 5.81
CA LEU C 235 35.12 -17.59 6.40
C LEU C 235 35.01 -19.00 5.81
N ARG C 236 35.05 -19.08 4.48
CA ARG C 236 34.95 -20.37 3.81
C ARG C 236 36.11 -21.27 4.24
N GLU C 237 37.34 -20.75 4.18
CA GLU C 237 38.50 -21.51 4.60
C GLU C 237 38.39 -21.92 6.06
N ALA C 238 37.72 -21.11 6.86
CA ALA C 238 37.61 -21.43 8.29
C ALA C 238 36.54 -22.49 8.53
N GLY C 239 35.83 -22.87 7.47
CA GLY C 239 34.87 -23.95 7.57
C GLY C 239 33.40 -23.64 7.29
N LEU C 240 33.09 -22.40 6.92
CA LEU C 240 31.71 -22.08 6.56
C LEU C 240 31.32 -22.94 5.35
N PRO C 241 30.22 -23.72 5.49
CA PRO C 241 29.77 -24.60 4.42
C PRO C 241 29.27 -23.81 3.22
N PRO C 242 29.19 -24.45 2.05
CA PRO C 242 28.66 -23.75 0.87
C PRO C 242 27.19 -23.38 1.05
N ASN C 243 26.78 -22.33 0.34
CA ASN C 243 25.41 -21.83 0.35
C ASN C 243 24.91 -21.21 1.67
N ILE C 244 25.80 -20.99 2.63
CA ILE C 244 25.43 -20.28 3.85
C ILE C 244 25.52 -18.75 3.66
N ILE C 245 26.60 -18.30 3.05
CA ILE C 245 26.68 -16.92 2.57
C ILE C 245 26.98 -16.91 1.08
N GLN C 246 26.07 -16.37 0.29
CA GLN C 246 26.31 -16.22 -1.14
C GLN C 246 26.96 -14.86 -1.39
N PHE C 247 28.11 -14.86 -2.05
CA PHE C 247 28.83 -13.61 -2.31
C PHE C 247 28.31 -13.06 -3.61
N VAL C 248 27.42 -12.07 -3.52
CA VAL C 248 26.73 -11.58 -4.72
C VAL C 248 26.69 -10.06 -4.88
N PRO C 249 27.81 -9.48 -5.33
CA PRO C 249 27.79 -8.09 -5.75
C PRO C 249 26.69 -7.89 -6.79
N ALA C 250 26.05 -6.73 -6.76
CA ALA C 250 24.97 -6.45 -7.70
C ALA C 250 24.65 -4.97 -7.66
N ASP C 251 23.94 -4.50 -8.67
CA ASP C 251 23.42 -3.14 -8.65
C ASP C 251 22.46 -3.06 -7.47
N GLY C 252 22.57 -1.99 -6.69
CA GLY C 252 21.74 -1.80 -5.51
C GLY C 252 20.24 -1.93 -5.76
N PRO C 253 19.69 -1.08 -6.64
CA PRO C 253 18.25 -1.15 -6.89
C PRO C 253 17.79 -2.52 -7.39
N LEU C 254 18.55 -3.14 -8.29
CA LEU C 254 18.17 -4.45 -8.81
C LEU C 254 18.20 -5.49 -7.70
N PHE C 255 19.24 -5.43 -6.88
CA PHE C 255 19.38 -6.38 -5.78
C PHE C 255 18.21 -6.22 -4.81
N GLY C 256 17.90 -4.96 -4.47
CA GLY C 256 16.77 -4.67 -3.60
C GLY C 256 15.46 -5.19 -4.18
N ASP C 257 15.25 -4.99 -5.47
CA ASP C 257 14.01 -5.43 -6.10
C ASP C 257 13.85 -6.94 -6.04
N THR C 258 14.96 -7.64 -6.28
CA THR C 258 14.94 -9.09 -6.36
C THR C 258 14.66 -9.75 -5.00
N VAL C 259 15.37 -9.33 -3.97
CA VAL C 259 15.22 -10.00 -2.68
C VAL C 259 13.85 -9.69 -2.06
N THR C 260 13.36 -8.46 -2.25
CA THR C 260 12.05 -8.10 -1.69
C THR C 260 10.86 -8.70 -2.48
N SER C 261 11.14 -9.23 -3.67
CA SER C 261 10.12 -9.93 -4.47
C SER C 261 10.10 -11.42 -4.16
N SER C 262 11.09 -11.89 -3.39
CA SER C 262 11.17 -13.32 -3.07
C SER C 262 10.30 -13.66 -1.88
N GLU C 263 9.43 -14.64 -2.06
CA GLU C 263 8.54 -15.04 -1.00
C GLU C 263 9.34 -15.68 0.14
N HIS C 264 10.62 -15.94 -0.11
CA HIS C 264 11.47 -16.55 0.91
C HIS C 264 12.28 -15.55 1.74
N LEU C 265 12.10 -14.25 1.51
CA LEU C 265 12.83 -13.27 2.31
C LEU C 265 12.40 -13.34 3.77
N CYS C 266 13.34 -13.49 4.69
CA CYS C 266 13.00 -13.39 6.11
C CYS C 266 13.72 -12.24 6.84
N GLY C 267 14.62 -11.55 6.15
CA GLY C 267 15.27 -10.43 6.78
C GLY C 267 16.15 -9.59 5.87
N ILE C 268 16.33 -8.33 6.25
CA ILE C 268 17.26 -7.44 5.59
C ILE C 268 18.10 -6.81 6.67
N ASN C 269 19.41 -6.95 6.53
CA ASN C 269 20.35 -6.33 7.44
C ASN C 269 21.08 -5.29 6.61
N PHE C 270 20.85 -4.03 6.91
CA PHE C 270 21.25 -2.94 6.03
C PHE C 270 22.04 -1.89 6.75
N THR C 271 23.10 -1.39 6.12
CA THR C 271 23.71 -0.14 6.55
C THR C 271 23.77 0.78 5.33
N GLY C 272 23.45 2.06 5.53
CA GLY C 272 23.44 3.01 4.43
C GLY C 272 22.49 4.16 4.69
N SER C 273 21.93 4.74 3.64
CA SER C 273 21.14 5.97 3.75
C SER C 273 19.70 5.70 4.16
N VAL C 274 19.08 6.69 4.81
CA VAL C 274 17.69 6.58 5.19
C VAL C 274 16.72 6.40 4.02
N PRO C 275 16.85 7.21 2.95
CA PRO C 275 15.89 6.97 1.86
C PRO C 275 16.01 5.58 1.23
N THR C 276 17.21 5.03 1.18
CA THR C 276 17.36 3.66 0.69
C THR C 276 16.65 2.68 1.62
N PHE C 277 16.91 2.81 2.92
CA PHE C 277 16.29 1.90 3.89
C PHE C 277 14.77 2.01 3.86
N LYS C 278 14.26 3.24 3.78
CA LYS C 278 12.81 3.44 3.65
C LYS C 278 12.26 2.78 2.40
N HIS C 279 12.99 2.91 1.29
CA HIS C 279 12.59 2.27 0.04
C HIS C 279 12.46 0.75 0.21
N LEU C 280 13.47 0.15 0.83
CA LEU C 280 13.47 -1.29 1.06
C LEU C 280 12.28 -1.70 1.95
N TRP C 281 12.09 -0.95 3.03
CA TRP C 281 10.96 -1.15 3.94
C TRP C 281 9.64 -1.12 3.19
N LYS C 282 9.45 -0.12 2.35
CA LYS C 282 8.25 -0.02 1.53
C LYS C 282 8.08 -1.20 0.60
N GLN C 283 9.19 -1.66 0.01
CA GLN C 283 9.09 -2.77 -0.92
C GLN C 283 8.63 -3.99 -0.16
N VAL C 284 9.18 -4.19 1.04
CA VAL C 284 8.80 -5.35 1.82
C VAL C 284 7.30 -5.28 2.13
N ALA C 285 6.86 -4.08 2.50
CA ALA C 285 5.46 -3.86 2.87
C ALA C 285 4.49 -4.17 1.74
N GLN C 286 4.80 -3.67 0.54
CA GLN C 286 3.99 -3.92 -0.66
C GLN C 286 3.87 -5.41 -0.92
N ASN C 287 4.93 -6.15 -0.62
CA ASN C 287 4.95 -7.57 -0.93
C ASN C 287 4.63 -8.44 0.27
N LEU C 288 3.98 -7.87 1.29
CA LEU C 288 3.76 -8.60 2.55
C LEU C 288 3.05 -9.95 2.38
N ASP C 289 2.08 -10.02 1.49
CA ASP C 289 1.27 -11.23 1.34
C ASP C 289 2.07 -12.47 0.93
N ARG C 290 3.11 -12.27 0.14
CA ARG C 290 3.84 -13.40 -0.44
C ARG C 290 4.82 -14.06 0.51
N PHE C 291 5.25 -13.34 1.56
CA PHE C 291 6.27 -13.89 2.45
C PHE C 291 5.72 -14.97 3.35
N HIS C 292 6.46 -16.06 3.46
CA HIS C 292 6.04 -17.17 4.28
C HIS C 292 6.29 -16.87 5.76
N THR C 293 7.11 -15.86 6.03
CA THR C 293 7.19 -15.28 7.38
C THR C 293 7.42 -13.77 7.28
N PHE C 294 7.06 -13.04 8.33
CA PHE C 294 7.28 -11.59 8.38
C PHE C 294 8.78 -11.27 8.40
N PRO C 295 9.28 -10.57 7.36
CA PRO C 295 10.71 -10.23 7.31
C PRO C 295 11.11 -9.23 8.39
N ARG C 296 12.29 -9.43 8.96
CA ARG C 296 12.83 -8.55 9.97
C ARG C 296 13.79 -7.58 9.31
N LEU C 297 13.56 -6.29 9.52
CA LEU C 297 14.38 -5.25 8.91
C LEU C 297 15.24 -4.60 9.97
N ALA C 298 16.54 -4.53 9.69
CA ALA C 298 17.49 -3.89 10.55
C ALA C 298 18.24 -2.88 9.70
N GLY C 299 18.17 -1.63 10.09
CA GLY C 299 18.82 -0.57 9.35
C GLY C 299 19.64 0.35 10.24
N GLU C 300 20.90 0.48 9.86
CA GLU C 300 21.80 1.41 10.50
C GLU C 300 22.08 2.53 9.50
N CYS C 301 21.49 3.70 9.75
CA CYS C 301 21.65 4.83 8.84
C CYS C 301 22.29 6.01 9.52
N GLY C 302 23.46 6.42 9.02
CA GLY C 302 24.24 7.53 9.56
C GLY C 302 23.50 8.85 9.71
N GLY C 303 24.21 9.86 10.22
CA GLY C 303 23.59 11.12 10.53
C GLY C 303 24.52 12.31 10.39
N LYS C 304 24.00 13.47 10.76
CA LYS C 304 24.77 14.72 10.65
C LYS C 304 25.23 15.01 12.08
N ASN C 305 26.36 14.42 12.47
CA ASN C 305 26.75 14.39 13.88
C ASN C 305 27.38 15.69 14.39
N PHE C 306 27.16 16.02 15.66
CA PHE C 306 27.52 17.33 16.20
C PHE C 306 28.52 17.28 17.36
N HIS C 307 29.29 18.34 17.50
CA HIS C 307 30.04 18.62 18.72
C HIS C 307 29.48 19.94 19.27
N PHE C 308 28.98 19.93 20.50
CA PHE C 308 28.48 21.16 21.11
C PHE C 308 29.46 21.61 22.17
N VAL C 309 29.88 22.86 22.09
CA VAL C 309 30.86 23.38 23.02
C VAL C 309 30.23 24.41 23.93
N HIS C 310 30.37 24.23 25.24
CA HIS C 310 30.00 25.24 26.22
C HIS C 310 31.20 26.15 26.47
N ARG C 311 30.99 27.32 27.04
CA ARG C 311 32.08 28.29 27.19
C ARG C 311 33.11 27.84 28.23
N SER C 312 32.74 26.86 29.05
CA SER C 312 33.63 26.35 30.08
C SER C 312 34.58 25.26 29.59
N ALA C 313 34.46 24.89 28.31
CA ALA C 313 35.16 23.70 27.80
C ALA C 313 36.68 23.84 27.76
N ASP C 314 37.36 22.70 27.84
CA ASP C 314 38.80 22.66 27.61
C ASP C 314 39.05 22.82 26.11
N VAL C 315 39.64 23.95 25.72
CA VAL C 315 39.79 24.27 24.29
C VAL C 315 40.67 23.27 23.53
N GLU C 316 41.77 22.87 24.14
CA GLU C 316 42.64 21.91 23.47
C GLU C 316 41.90 20.58 23.22
N SER C 317 41.02 20.20 24.13
CA SER C 317 40.19 19.01 23.94
C SER C 317 39.17 19.20 22.83
N VAL C 318 38.54 20.37 22.79
CA VAL C 318 37.61 20.70 21.71
C VAL C 318 38.31 20.57 20.37
N VAL C 319 39.47 21.21 20.26
CA VAL C 319 40.20 21.27 19.00
C VAL C 319 40.67 19.90 18.51
N SER C 320 41.36 19.16 19.37
CA SER C 320 41.84 17.84 18.99
C SER C 320 40.70 16.86 18.70
N GLY C 321 39.70 16.80 19.57
CA GLY C 321 38.58 15.90 19.35
C GLY C 321 37.79 16.24 18.09
N THR C 322 37.58 17.53 17.84
CA THR C 322 36.81 17.93 16.67
C THR C 322 37.56 17.65 15.36
N LEU C 323 38.86 17.93 15.34
CA LEU C 323 39.63 17.66 14.12
C LEU C 323 39.69 16.17 13.84
N ARG C 324 39.92 15.36 14.87
CA ARG C 324 39.94 13.91 14.70
C ARG C 324 38.58 13.37 14.24
N SER C 325 37.50 13.74 14.94
CA SER C 325 36.17 13.27 14.53
C SER C 325 35.77 13.71 13.13
N ALA C 326 36.11 14.94 12.76
CA ALA C 326 35.71 15.48 11.47
C ALA C 326 36.54 14.95 10.30
N PHE C 327 37.79 14.64 10.55
CA PHE C 327 38.70 14.43 9.43
C PHE C 327 39.36 13.07 9.37
N GLU C 328 39.25 12.28 10.44
CA GLU C 328 39.75 10.91 10.36
C GLU C 328 38.98 10.15 9.27
N TYR C 329 39.74 9.47 8.41
CA TYR C 329 39.18 8.74 7.27
C TYR C 329 38.38 9.66 6.37
N GLY C 330 38.80 10.92 6.32
CA GLY C 330 38.15 11.91 5.47
C GLY C 330 36.73 12.23 5.88
N GLY C 331 36.42 12.05 7.17
CA GLY C 331 35.06 12.21 7.65
C GLY C 331 34.10 11.17 7.10
N GLN C 332 34.64 10.09 6.52
CA GLN C 332 33.79 9.06 5.94
C GLN C 332 33.38 7.98 6.95
N LYS C 333 32.91 8.44 8.10
CA LYS C 333 32.42 7.54 9.14
C LYS C 333 30.99 7.94 9.47
N CYS C 334 30.15 6.95 9.79
CA CYS C 334 28.78 7.21 10.19
C CYS C 334 28.72 8.10 11.43
N SER C 335 29.79 8.08 12.22
CA SER C 335 29.83 8.77 13.50
C SER C 335 30.60 10.09 13.46
N ALA C 336 31.12 10.45 12.28
CA ALA C 336 31.99 11.63 12.15
C ALA C 336 31.26 12.93 12.51
N CYS C 337 31.96 13.81 13.22
CA CYS C 337 31.44 15.14 13.48
C CYS C 337 31.46 15.98 12.22
N SER C 338 30.31 16.53 11.84
CA SER C 338 30.29 17.46 10.71
C SER C 338 29.66 18.82 11.07
N ARG C 339 29.27 19.00 12.32
CA ARG C 339 28.83 20.34 12.71
C ARG C 339 29.31 20.67 14.12
N LEU C 340 29.86 21.87 14.27
CA LEU C 340 30.46 22.32 15.51
C LEU C 340 29.76 23.60 15.94
N TYR C 341 29.23 23.61 17.16
CA TYR C 341 28.54 24.77 17.70
C TYR C 341 29.42 25.34 18.80
N VAL C 342 29.88 26.58 18.62
CA VAL C 342 30.81 27.17 19.58
C VAL C 342 30.36 28.55 20.05
N PRO C 343 30.60 28.85 21.33
CA PRO C 343 30.12 30.09 21.94
C PRO C 343 30.98 31.26 21.49
N HIS C 344 30.34 32.39 21.24
CA HIS C 344 31.01 33.59 20.72
C HIS C 344 32.25 33.95 21.51
N SER C 345 32.19 33.77 22.82
CA SER C 345 33.30 34.13 23.70
C SER C 345 34.55 33.29 23.49
N LEU C 346 34.39 31.99 23.19
CA LEU C 346 35.54 31.10 22.98
C LEU C 346 36.04 31.08 21.54
N TRP C 347 35.24 31.61 20.62
CA TRP C 347 35.50 31.44 19.19
C TRP C 347 36.87 31.96 18.68
N PRO C 348 37.28 33.18 19.08
CA PRO C 348 38.61 33.65 18.67
C PRO C 348 39.70 32.62 18.97
N GLN C 349 39.67 32.12 20.19
CA GLN C 349 40.65 31.14 20.63
C GLN C 349 40.55 29.83 19.86
N ILE C 350 39.33 29.29 19.76
CA ILE C 350 39.13 28.00 19.08
C ILE C 350 39.46 28.08 17.60
N LYS C 351 38.96 29.11 16.95
CA LYS C 351 39.26 29.37 15.55
C LYS C 351 40.75 29.41 15.34
N GLY C 352 41.46 30.15 16.20
CA GLY C 352 42.90 30.23 16.14
C GLY C 352 43.58 28.89 16.19
N ARG C 353 43.22 28.09 17.19
CA ARG C 353 43.81 26.77 17.34
C ARG C 353 43.38 25.80 16.24
N LEU C 354 42.10 25.83 15.88
CA LEU C 354 41.60 25.03 14.76
C LEU C 354 42.44 25.23 13.50
N LEU C 355 42.67 26.47 13.12
CA LEU C 355 43.39 26.75 11.87
C LEU C 355 44.86 26.36 11.93
N GLU C 356 45.51 26.58 13.08
CA GLU C 356 46.91 26.21 13.25
C GLU C 356 47.05 24.71 13.09
N GLU C 357 46.24 23.98 13.85
CA GLU C 357 46.31 22.51 13.83
C GLU C 357 45.91 21.96 12.46
N HIS C 358 44.89 22.57 11.85
CA HIS C 358 44.45 22.20 10.51
C HIS C 358 45.64 22.18 9.56
N SER C 359 46.53 23.16 9.69
CA SER C 359 47.66 23.31 8.76
C SER C 359 48.69 22.19 8.90
N ARG C 360 48.64 21.44 9.99
CA ARG C 360 49.50 20.28 10.20
C ARG C 360 48.89 18.97 9.69
N ILE C 361 47.65 19.02 9.19
CA ILE C 361 46.98 17.79 8.74
C ILE C 361 47.50 17.30 7.39
N LYS C 362 48.18 16.15 7.41
CA LYS C 362 48.83 15.63 6.20
C LYS C 362 47.88 14.75 5.39
N VAL C 363 47.61 15.16 4.16
CA VAL C 363 46.81 14.35 3.25
C VAL C 363 47.78 13.70 2.23
N GLY C 364 47.76 12.37 2.12
CA GLY C 364 48.59 11.67 1.15
C GLY C 364 48.30 10.19 0.94
N ASP C 365 49.29 9.50 0.36
CA ASP C 365 49.26 8.07 0.11
C ASP C 365 49.54 7.32 1.41
N PRO C 366 48.54 6.58 1.92
CA PRO C 366 48.64 5.92 3.22
C PRO C 366 49.52 4.68 3.21
N ALA C 367 49.69 4.07 2.04
CA ALA C 367 50.59 2.95 1.92
C ALA C 367 52.05 3.45 1.87
N GLU C 368 52.27 4.58 1.21
CA GLU C 368 53.61 5.16 1.09
C GLU C 368 54.09 5.90 2.33
N ASP C 369 53.18 6.54 3.05
CA ASP C 369 53.57 7.46 4.12
C ASP C 369 52.69 7.24 5.35
N PHE C 370 53.21 6.46 6.30
CA PHE C 370 52.46 6.16 7.52
C PHE C 370 52.25 7.39 8.39
N GLY C 371 52.83 8.53 8.00
CA GLY C 371 52.56 9.78 8.68
C GLY C 371 51.27 10.46 8.22
N THR C 372 50.59 9.85 7.25
CA THR C 372 49.39 10.42 6.66
C THR C 372 48.28 10.45 7.71
N PHE C 373 47.60 11.58 7.82
CA PHE C 373 46.47 11.67 8.73
C PHE C 373 45.22 11.05 8.09
N PHE C 374 44.94 11.45 6.85
CA PHE C 374 43.90 10.79 6.05
C PHE C 374 44.18 10.91 4.55
N SER C 375 43.58 10.04 3.77
CA SER C 375 43.91 9.95 2.36
C SER C 375 42.73 10.43 1.54
N ALA C 376 42.75 10.09 0.24
CA ALA C 376 41.67 10.41 -0.69
C ALA C 376 40.30 9.89 -0.22
N VAL C 377 39.24 10.56 -0.65
CA VAL C 377 37.88 10.07 -0.44
C VAL C 377 37.62 8.87 -1.36
N ILE C 378 36.55 8.13 -1.07
CA ILE C 378 36.43 6.75 -1.54
C ILE C 378 36.30 6.55 -3.06
N ASP C 379 35.58 7.43 -3.75
CA ASP C 379 35.39 7.27 -5.18
C ASP C 379 35.03 8.57 -5.90
N ALA C 380 34.92 8.50 -7.22
CA ALA C 380 34.62 9.68 -8.02
C ALA C 380 33.29 10.29 -7.63
N LYS C 381 32.32 9.44 -7.29
CA LYS C 381 31.01 9.90 -6.87
C LYS C 381 31.09 10.79 -5.63
N SER C 382 31.89 10.36 -4.64
CA SER C 382 31.99 11.12 -3.41
C SER C 382 32.82 12.38 -3.62
N PHE C 383 33.84 12.26 -4.47
CA PHE C 383 34.63 13.44 -4.83
C PHE C 383 33.75 14.48 -5.48
N ALA C 384 32.86 14.04 -6.37
CA ALA C 384 31.99 14.98 -7.05
C ALA C 384 31.01 15.65 -6.07
N ARG C 385 30.41 14.85 -5.20
CA ARG C 385 29.45 15.36 -4.21
C ARG C 385 30.12 16.39 -3.28
N ILE C 386 31.30 16.04 -2.78
CA ILE C 386 32.04 16.92 -1.89
C ILE C 386 32.44 18.20 -2.61
N LYS C 387 32.89 18.07 -3.86
CA LYS C 387 33.28 19.24 -4.65
C LYS C 387 32.11 20.22 -4.81
N LYS C 388 30.91 19.66 -5.01
CA LYS C 388 29.71 20.48 -5.14
C LYS C 388 29.41 21.27 -3.85
N TRP C 389 29.62 20.62 -2.70
CA TRP C 389 29.45 21.30 -1.42
C TRP C 389 30.49 22.40 -1.18
N LEU C 390 31.72 22.14 -1.61
CA LEU C 390 32.75 23.16 -1.50
C LEU C 390 32.40 24.39 -2.35
N GLU C 391 31.89 24.17 -3.56
CA GLU C 391 31.50 25.27 -4.42
C GLU C 391 30.30 26.01 -3.83
N HIS C 392 29.40 25.25 -3.22
CA HIS C 392 28.23 25.85 -2.57
C HIS C 392 28.61 26.73 -1.38
N ALA C 393 29.59 26.29 -0.61
CA ALA C 393 30.10 27.09 0.52
C ALA C 393 30.80 28.34 0.00
N ARG C 394 31.49 28.20 -1.12
CA ARG C 394 32.15 29.34 -1.75
C ARG C 394 31.13 30.37 -2.25
N SER C 395 30.04 29.88 -2.85
CA SER C 395 29.09 30.78 -3.51
C SER C 395 27.98 31.27 -2.59
N SER C 396 27.74 30.59 -1.48
CA SER C 396 26.70 31.01 -0.56
C SER C 396 27.19 32.16 0.32
N PRO C 397 26.30 33.13 0.60
CA PRO C 397 26.62 34.35 1.36
C PRO C 397 26.70 34.08 2.86
N SER C 398 25.84 33.19 3.34
CA SER C 398 25.85 32.83 4.75
C SER C 398 27.03 31.93 5.08
N LEU C 399 27.76 31.49 4.05
CA LEU C 399 28.86 30.54 4.22
C LEU C 399 30.22 31.10 3.86
N THR C 400 31.20 30.82 4.72
CA THR C 400 32.58 31.22 4.44
C THR C 400 33.58 30.11 4.75
N ILE C 401 34.47 29.80 3.80
CA ILE C 401 35.50 28.79 4.01
C ILE C 401 36.66 29.35 4.85
N LEU C 402 36.98 28.68 5.94
CA LEU C 402 37.98 29.19 6.88
C LEU C 402 39.34 28.56 6.63
N ALA C 403 39.30 27.30 6.21
CA ALA C 403 40.50 26.52 5.96
C ALA C 403 40.16 25.46 4.92
N GLY C 404 41.14 25.07 4.13
CA GLY C 404 40.94 24.09 3.08
C GLY C 404 40.11 24.64 1.95
N GLY C 405 39.42 23.75 1.23
CA GLY C 405 38.58 24.16 0.14
C GLY C 405 39.08 23.67 -1.21
N LYS C 406 40.34 23.25 -1.27
CA LYS C 406 40.91 22.71 -2.50
C LYS C 406 40.70 21.20 -2.61
N CYS C 407 40.55 20.73 -3.84
CA CYS C 407 40.50 19.31 -4.15
C CYS C 407 41.07 19.10 -5.55
N ASP C 408 41.68 17.93 -5.77
CA ASP C 408 42.30 17.61 -7.06
C ASP C 408 42.21 16.11 -7.36
N ASP C 409 41.54 15.76 -8.47
CA ASP C 409 41.31 14.36 -8.81
C ASP C 409 42.24 13.82 -9.92
N SER C 410 43.38 14.47 -10.10
CA SER C 410 44.28 14.08 -11.19
C SER C 410 44.92 12.70 -10.96
N VAL C 411 45.25 12.39 -9.71
CA VAL C 411 45.90 11.11 -9.37
C VAL C 411 44.98 10.26 -8.49
N GLY C 412 44.53 10.86 -7.39
CA GLY C 412 43.55 10.23 -6.51
C GLY C 412 42.41 11.20 -6.27
N TYR C 413 41.41 10.76 -5.52
CA TYR C 413 40.28 11.62 -5.18
C TYR C 413 40.61 12.47 -3.95
N PHE C 414 41.55 13.39 -4.15
CA PHE C 414 42.14 14.12 -3.06
C PHE C 414 41.41 15.40 -2.73
N VAL C 415 40.96 15.50 -1.49
CA VAL C 415 40.26 16.69 -0.99
C VAL C 415 40.91 17.19 0.28
N GLU C 416 41.26 18.46 0.34
CA GLU C 416 41.78 19.07 1.56
C GLU C 416 40.71 18.98 2.63
N PRO C 417 41.12 18.81 3.89
CA PRO C 417 40.11 18.97 4.94
C PRO C 417 39.62 20.40 4.91
N CYS C 418 38.31 20.57 5.01
CA CYS C 418 37.72 21.90 4.87
C CYS C 418 36.92 22.27 6.10
N ILE C 419 37.10 23.51 6.55
CA ILE C 419 36.32 24.03 7.65
C ILE C 419 35.51 25.20 7.12
N VAL C 420 34.19 25.11 7.26
CA VAL C 420 33.28 26.14 6.75
C VAL C 420 32.52 26.79 7.90
N GLU C 421 32.52 28.13 7.97
CA GLU C 421 31.65 28.81 8.93
C GLU C 421 30.31 29.17 8.32
N SER C 422 29.23 28.84 9.02
CA SER C 422 27.89 29.25 8.63
C SER C 422 27.32 30.29 9.59
N LYS C 423 26.76 31.36 9.04
CA LYS C 423 26.07 32.37 9.85
C LYS C 423 24.61 31.98 10.05
N ASP C 424 24.19 30.94 9.35
CA ASP C 424 22.83 30.45 9.45
C ASP C 424 22.83 29.01 9.96
N PRO C 425 22.25 28.79 11.15
CA PRO C 425 22.19 27.45 11.74
C PRO C 425 21.20 26.54 11.01
N GLN C 426 20.41 27.10 10.10
CA GLN C 426 19.47 26.31 9.30
C GLN C 426 19.98 26.09 7.87
N GLU C 427 21.18 26.59 7.58
CA GLU C 427 21.77 26.42 6.24
C GLU C 427 21.84 24.94 5.92
N PRO C 428 21.45 24.57 4.69
CA PRO C 428 21.55 23.18 4.20
C PRO C 428 22.85 22.46 4.58
N ILE C 429 23.97 23.17 4.63
CA ILE C 429 25.25 22.56 5.00
C ILE C 429 25.31 22.13 6.49
N MET C 430 24.37 22.62 7.29
CA MET C 430 24.32 22.21 8.70
C MET C 430 23.35 21.04 8.88
N LYS C 431 22.69 20.66 7.80
CA LYS C 431 21.64 19.65 7.88
C LYS C 431 21.91 18.41 7.04
N GLU C 432 22.61 18.57 5.93
CA GLU C 432 22.74 17.47 4.99
C GLU C 432 24.07 16.74 5.16
N GLU C 433 24.02 15.41 5.10
CA GLU C 433 25.22 14.59 5.20
C GLU C 433 26.06 14.73 3.95
N ILE C 434 27.32 15.09 4.14
CA ILE C 434 28.25 15.20 3.02
C ILE C 434 29.10 13.93 2.89
N PHE C 435 29.33 13.29 4.04
CA PHE C 435 30.15 12.09 4.16
C PHE C 435 31.53 12.32 3.56
N GLY C 436 32.14 13.43 3.98
CA GLY C 436 33.44 13.85 3.49
C GLY C 436 34.10 14.73 4.53
N PRO C 437 35.29 15.25 4.22
CA PRO C 437 36.03 16.02 5.21
C PRO C 437 35.64 17.50 5.21
N VAL C 438 34.39 17.77 5.55
CA VAL C 438 33.89 19.14 5.52
C VAL C 438 33.18 19.47 6.84
N LEU C 439 33.81 20.29 7.65
CA LEU C 439 33.28 20.64 8.96
C LEU C 439 32.59 22.01 8.93
N SER C 440 31.32 22.04 9.33
CA SER C 440 30.57 23.28 9.38
C SER C 440 30.54 23.82 10.81
N VAL C 441 30.79 25.12 10.96
CA VAL C 441 30.91 25.74 12.27
C VAL C 441 29.87 26.84 12.38
N TYR C 442 29.04 26.75 13.43
CA TYR C 442 28.12 27.81 13.78
C TYR C 442 28.50 28.42 15.13
N VAL C 443 28.78 29.73 15.13
CA VAL C 443 29.17 30.43 16.33
C VAL C 443 27.93 31.06 16.97
N TYR C 444 27.58 30.61 18.17
CA TYR C 444 26.35 31.06 18.84
C TYR C 444 26.66 32.04 19.96
N PRO C 445 25.70 32.93 20.29
CA PRO C 445 25.97 33.85 21.39
C PRO C 445 25.92 33.12 22.72
N ASP C 446 26.88 33.38 23.60
CA ASP C 446 26.96 32.75 24.92
C ASP C 446 25.65 32.77 25.67
N ASP C 447 24.96 33.90 25.61
CA ASP C 447 23.69 34.08 26.32
C ASP C 447 22.54 33.24 25.76
N LYS C 448 22.79 32.50 24.69
CA LYS C 448 21.74 31.69 24.10
C LYS C 448 22.16 30.22 24.03
N TYR C 449 23.01 29.80 24.95
CA TYR C 449 23.47 28.41 24.97
C TYR C 449 22.31 27.45 25.15
N LYS C 450 21.35 27.83 25.99
CA LYS C 450 20.19 26.98 26.24
C LYS C 450 19.37 26.80 24.96
N GLU C 451 19.09 27.90 24.28
CA GLU C 451 18.32 27.84 23.05
C GLU C 451 19.10 27.14 21.94
N THR C 452 20.43 27.29 21.94
CA THR C 452 21.26 26.67 20.92
C THR C 452 21.27 25.15 21.10
N LEU C 453 21.25 24.67 22.34
CA LEU C 453 21.08 23.25 22.62
C LEU C 453 19.78 22.76 21.99
N GLN C 454 18.72 23.53 22.17
CA GLN C 454 17.41 23.19 21.61
C GLN C 454 17.51 23.19 20.09
N LEU C 455 18.27 24.13 19.57
CA LEU C 455 18.49 24.24 18.14
C LEU C 455 19.21 23.02 17.57
N VAL C 456 20.21 22.53 18.31
CA VAL C 456 20.97 21.36 17.87
C VAL C 456 20.02 20.18 17.71
N ASP C 457 19.14 20.00 18.68
CA ASP C 457 18.18 18.90 18.64
C ASP C 457 17.18 19.08 17.49
N SER C 458 16.62 20.29 17.38
CA SER C 458 15.55 20.54 16.44
C SER C 458 15.99 20.50 14.99
N THR C 459 17.29 20.64 14.75
CA THR C 459 17.79 20.55 13.40
C THR C 459 18.50 19.21 13.15
N THR C 460 18.35 18.28 14.09
CA THR C 460 18.88 16.93 13.93
C THR C 460 17.83 16.09 13.22
N SER C 461 18.21 15.53 12.07
CA SER C 461 17.27 14.76 11.26
C SER C 461 17.25 13.27 11.66
N TYR C 462 18.42 12.65 11.67
CA TYR C 462 18.53 11.27 12.15
C TYR C 462 19.89 11.10 12.79
N GLY C 463 20.03 11.66 13.99
CA GLY C 463 21.32 11.81 14.63
C GLY C 463 21.83 10.55 15.29
N LEU C 464 23.05 10.17 14.93
CA LEU C 464 23.62 8.93 15.40
C LEU C 464 24.54 9.16 16.57
N THR C 465 25.44 10.14 16.43
CA THR C 465 26.36 10.48 17.50
C THR C 465 26.43 11.98 17.78
N GLY C 466 26.98 12.33 18.94
CA GLY C 466 27.04 13.73 19.33
C GLY C 466 27.94 13.85 20.53
N ALA C 467 28.43 15.05 20.77
CA ALA C 467 29.30 15.26 21.92
C ALA C 467 29.03 16.64 22.52
N VAL C 468 29.19 16.74 23.83
CA VAL C 468 29.17 18.03 24.49
C VAL C 468 30.51 18.22 25.17
N PHE C 469 31.11 19.39 24.96
CA PHE C 469 32.34 19.73 25.65
C PHE C 469 32.03 20.81 26.68
N SER C 470 32.26 20.47 27.94
CA SER C 470 31.97 21.40 29.03
C SER C 470 32.60 20.92 30.32
N GLN C 471 33.26 21.84 31.02
CA GLN C 471 33.78 21.57 32.36
C GLN C 471 32.69 21.77 33.43
N ASP C 472 31.64 22.51 33.06
CA ASP C 472 30.50 22.76 33.94
C ASP C 472 29.60 21.52 33.98
N LYS C 473 29.59 20.84 35.13
CA LYS C 473 28.82 19.60 35.27
C LYS C 473 27.30 19.79 35.18
N ASP C 474 26.80 20.93 35.63
CA ASP C 474 25.38 21.20 35.53
C ASP C 474 24.96 21.25 34.05
N VAL C 475 25.77 21.94 33.25
CA VAL C 475 25.53 22.05 31.82
C VAL C 475 25.58 20.68 31.16
N VAL C 476 26.54 19.85 31.57
CA VAL C 476 26.62 18.48 31.07
C VAL C 476 25.31 17.73 31.34
N GLN C 477 24.81 17.83 32.57
CA GLN C 477 23.54 17.23 32.92
C GLN C 477 22.42 17.79 32.03
N GLU C 478 22.39 19.11 31.87
CA GLU C 478 21.36 19.78 31.08
C GLU C 478 21.41 19.34 29.62
N ALA C 479 22.60 19.37 29.02
CA ALA C 479 22.74 18.99 27.61
C ALA C 479 22.34 17.54 27.39
N THR C 480 22.65 16.69 28.36
CA THR C 480 22.30 15.29 28.28
C THR C 480 20.79 15.09 28.16
N LYS C 481 20.01 15.89 28.88
CA LYS C 481 18.56 15.78 28.80
C LYS C 481 18.00 16.42 27.53
N VAL C 482 18.53 17.57 27.17
CA VAL C 482 18.02 18.29 26.01
C VAL C 482 18.26 17.47 24.74
N LEU C 483 19.46 16.90 24.65
CA LEU C 483 19.90 16.18 23.45
C LEU C 483 19.65 14.66 23.55
N ARG C 484 18.76 14.26 24.46
CA ARG C 484 18.50 12.84 24.71
C ARG C 484 18.16 12.04 23.45
N ASN C 485 17.47 12.68 22.52
CA ASN C 485 17.14 12.00 21.28
C ASN C 485 17.83 12.60 20.08
N ALA C 486 18.91 13.32 20.33
CA ALA C 486 19.73 13.87 19.24
C ALA C 486 20.93 12.98 18.89
N ALA C 487 21.18 11.97 19.72
CA ALA C 487 22.26 11.01 19.42
C ALA C 487 22.08 9.68 20.16
N GLY C 488 22.36 8.58 19.47
CA GLY C 488 22.35 7.27 20.09
C GLY C 488 23.63 7.01 20.87
N ASN C 489 24.74 7.52 20.35
CA ASN C 489 26.00 7.49 21.07
C ASN C 489 26.43 8.87 21.46
N PHE C 490 26.42 9.15 22.75
CA PHE C 490 26.60 10.51 23.22
C PHE C 490 27.86 10.62 24.06
N TYR C 491 28.71 11.58 23.74
CA TYR C 491 29.98 11.71 24.42
C TYR C 491 30.08 13.02 25.20
N ILE C 492 30.72 12.93 26.36
CA ILE C 492 30.94 14.08 27.21
C ILE C 492 32.45 14.33 27.25
N ASN C 493 32.87 15.47 26.72
CA ASN C 493 34.29 15.80 26.59
C ASN C 493 35.14 14.74 25.90
N ASP C 494 34.55 14.05 24.93
CA ASP C 494 35.34 13.22 24.02
C ASP C 494 34.69 13.32 22.65
N LYS C 495 35.34 12.77 21.63
CA LYS C 495 34.92 12.97 20.25
C LYS C 495 33.82 12.01 19.84
N SER C 496 32.99 12.44 18.89
CA SER C 496 31.80 11.70 18.50
C SER C 496 32.07 10.35 17.80
N THR C 497 33.31 10.12 17.36
CA THR C 497 33.65 8.86 16.70
C THR C 497 34.17 7.83 17.70
N GLY C 498 34.16 8.20 18.98
CA GLY C 498 34.65 7.30 20.00
C GLY C 498 36.16 7.37 20.15
N SER C 499 36.69 6.67 21.14
CA SER C 499 38.11 6.78 21.47
C SER C 499 38.65 5.46 22.01
N ALA C 509 32.34 -5.91 22.19
CA ALA C 509 33.22 -5.53 21.09
C ALA C 509 33.59 -4.05 21.16
N ARG C 510 34.85 -3.70 20.89
CA ARG C 510 35.32 -2.32 21.09
C ARG C 510 34.57 -1.29 20.25
N ALA C 511 33.99 -1.73 19.14
CA ALA C 511 33.16 -0.87 18.28
C ALA C 511 31.66 -1.08 18.53
N SER C 512 31.32 -1.79 19.60
CA SER C 512 29.92 -1.97 19.97
C SER C 512 29.35 -0.64 20.46
N GLY C 513 28.11 -0.35 20.07
CA GLY C 513 27.47 0.90 20.43
C GLY C 513 25.98 0.77 20.65
N THR C 514 25.26 1.88 20.49
CA THR C 514 23.82 1.91 20.71
C THR C 514 23.11 0.86 19.85
N ASN C 515 23.56 0.74 18.59
CA ASN C 515 22.93 -0.16 17.62
C ASN C 515 23.01 -1.65 17.98
N ASP C 516 23.99 -2.02 18.80
CA ASP C 516 24.20 -3.42 19.18
C ASP C 516 23.60 -3.80 20.55
N LYS C 517 23.07 -2.81 21.26
CA LYS C 517 22.46 -3.03 22.58
C LYS C 517 21.00 -3.50 22.44
N PRO C 518 20.47 -4.21 23.47
CA PRO C 518 19.07 -4.64 23.42
C PRO C 518 18.11 -3.49 23.14
N GLY C 519 17.29 -3.61 22.10
CA GLY C 519 16.40 -2.52 21.70
C GLY C 519 16.94 -1.78 20.49
N GLY C 520 18.22 -2.01 20.18
CA GLY C 520 18.82 -1.45 18.98
C GLY C 520 18.54 -2.28 17.74
N PRO C 521 18.62 -1.66 16.55
CA PRO C 521 18.37 -2.34 15.27
C PRO C 521 19.23 -3.59 15.07
N HIS C 522 20.49 -3.53 15.47
CA HIS C 522 21.44 -4.63 15.22
C HIS C 522 21.65 -5.58 16.41
N TYR C 523 20.74 -5.55 17.39
CA TYR C 523 20.79 -6.53 18.47
C TYR C 523 20.74 -7.93 17.86
N ILE C 524 21.71 -8.78 18.19
CA ILE C 524 21.84 -10.10 17.54
C ILE C 524 20.65 -11.02 17.79
N LEU C 525 19.89 -10.73 18.83
CA LEU C 525 18.69 -11.49 19.14
C LEU C 525 17.68 -11.42 18.01
N ARG C 526 17.83 -10.46 17.10
CA ARG C 526 16.82 -10.25 16.07
C ARG C 526 16.92 -11.28 14.96
N TRP C 527 18.01 -12.03 14.93
CA TRP C 527 18.19 -13.04 13.88
C TRP C 527 17.85 -14.47 14.36
N THR C 528 17.20 -14.56 15.50
CA THR C 528 16.72 -15.84 16.02
C THR C 528 15.26 -15.75 16.40
N SER C 529 14.55 -16.88 16.31
CA SER C 529 13.16 -16.94 16.74
C SER C 529 13.06 -18.02 17.81
N PRO C 530 12.96 -17.60 19.07
CA PRO C 530 12.92 -18.56 20.18
C PRO C 530 11.67 -19.43 20.07
N GLN C 531 11.83 -20.73 20.32
CA GLN C 531 10.71 -21.65 20.40
C GLN C 531 10.74 -22.27 21.79
N VAL C 532 9.61 -22.21 22.48
CA VAL C 532 9.50 -22.76 23.81
C VAL C 532 8.92 -24.18 23.74
N ILE C 533 9.65 -25.14 24.29
CA ILE C 533 9.18 -26.53 24.32
C ILE C 533 8.88 -26.96 25.75
N LYS C 534 7.67 -27.44 25.98
CA LYS C 534 7.27 -27.96 27.28
C LYS C 534 6.82 -29.41 27.18
N GLU C 535 7.46 -30.28 27.97
CA GLU C 535 7.07 -31.70 28.01
C GLU C 535 6.52 -32.05 29.39
N THR C 536 5.35 -32.68 29.43
CA THR C 536 4.72 -33.06 30.70
C THR C 536 4.80 -34.57 30.89
N HIS C 537 4.92 -35.00 32.14
CA HIS C 537 4.93 -36.43 32.47
C HIS C 537 3.89 -36.76 33.55
N ARG D 9 34.91 4.06 41.27
CA ARG D 9 33.48 4.38 41.31
C ARG D 9 32.60 3.13 41.45
N TRP D 10 31.30 3.37 41.54
CA TRP D 10 30.34 2.30 41.78
C TRP D 10 28.96 2.72 41.34
N LYS D 11 28.08 1.75 41.12
CA LYS D 11 26.70 2.00 40.79
C LYS D 11 25.83 1.03 41.57
N HIS D 12 24.99 1.57 42.45
CA HIS D 12 24.12 0.76 43.27
C HIS D 12 22.73 0.80 42.65
N THR D 13 22.42 -0.23 41.87
CA THR D 13 21.19 -0.27 41.09
C THR D 13 20.09 -1.10 41.75
N SER D 14 18.85 -0.72 41.48
CA SER D 14 17.70 -1.43 42.03
C SER D 14 17.50 -2.76 41.30
N SER D 15 16.74 -3.65 41.93
CA SER D 15 16.50 -4.98 41.40
C SER D 15 15.18 -5.50 41.98
N LEU D 16 14.61 -6.53 41.37
CA LEU D 16 13.26 -6.95 41.74
C LEU D 16 13.07 -8.47 41.72
N LYS D 17 12.71 -9.03 42.88
CA LYS D 17 12.31 -10.43 42.93
C LYS D 17 10.79 -10.53 42.89
N VAL D 18 10.28 -11.38 42.01
CA VAL D 18 8.85 -11.46 41.74
C VAL D 18 8.38 -12.89 41.76
N ALA D 19 7.25 -13.13 42.43
CA ALA D 19 6.60 -14.44 42.41
C ALA D 19 5.35 -14.39 41.52
N ASN D 20 4.95 -15.56 41.01
CA ASN D 20 3.72 -15.67 40.23
C ASN D 20 2.49 -15.47 41.11
N GLU D 21 1.46 -14.85 40.55
CA GLU D 21 0.22 -14.60 41.30
C GLU D 21 -0.55 -15.90 41.45
N PRO D 22 -0.89 -16.28 42.69
CA PRO D 22 -1.61 -17.54 42.87
C PRO D 22 -2.97 -17.51 42.18
N VAL D 23 -3.38 -18.63 41.62
CA VAL D 23 -4.72 -18.75 41.06
C VAL D 23 -5.65 -19.28 42.17
N LEU D 24 -6.66 -18.49 42.51
CA LEU D 24 -7.58 -18.85 43.58
C LEU D 24 -8.52 -20.00 43.21
N ALA D 25 -8.91 -20.76 44.23
CA ALA D 25 -9.72 -21.97 44.06
C ALA D 25 -11.21 -21.67 43.89
N PHE D 26 -11.68 -20.62 44.57
CA PHE D 26 -13.09 -20.22 44.55
C PHE D 26 -14.05 -21.33 45.02
N THR D 27 -13.67 -21.99 46.11
CA THR D 27 -14.52 -23.05 46.67
C THR D 27 -15.76 -22.44 47.33
N GLN D 28 -16.76 -23.27 47.62
CA GLN D 28 -17.97 -22.79 48.27
C GLN D 28 -17.65 -22.15 49.62
N GLY D 29 -18.35 -21.07 49.94
CA GLY D 29 -18.14 -20.35 51.18
C GLY D 29 -16.81 -19.64 51.28
N SER D 30 -15.97 -19.79 50.27
CA SER D 30 -14.64 -19.16 50.28
C SER D 30 -14.75 -17.64 50.24
N PRO D 31 -13.71 -16.94 50.73
CA PRO D 31 -13.75 -15.48 50.76
C PRO D 31 -13.88 -14.89 49.36
N GLU D 32 -13.10 -15.43 48.44
CA GLU D 32 -13.06 -14.87 47.09
C GLU D 32 -14.36 -15.13 46.34
N ARG D 33 -14.97 -16.29 46.60
CA ARG D 33 -16.24 -16.63 45.97
C ARG D 33 -17.34 -15.69 46.44
N ASP D 34 -17.37 -15.41 47.74
CA ASP D 34 -18.36 -14.49 48.29
C ASP D 34 -18.21 -13.10 47.66
N ALA D 35 -16.98 -12.61 47.56
CA ALA D 35 -16.74 -11.30 46.97
C ALA D 35 -17.15 -11.27 45.49
N LEU D 36 -16.89 -12.36 44.78
CA LEU D 36 -17.24 -12.43 43.36
C LEU D 36 -18.75 -12.40 43.12
N GLN D 37 -19.47 -13.21 43.90
CA GLN D 37 -20.92 -13.26 43.83
C GLN D 37 -21.49 -11.86 43.99
N LYS D 38 -20.98 -11.15 44.99
CA LYS D 38 -21.36 -9.76 45.26
C LYS D 38 -21.12 -8.87 44.05
N ALA D 39 -19.90 -8.92 43.52
CA ALA D 39 -19.55 -8.10 42.36
C ALA D 39 -20.39 -8.44 41.15
N LEU D 40 -20.69 -9.72 40.93
CA LEU D 40 -21.55 -10.12 39.82
C LEU D 40 -22.97 -9.59 39.98
N LYS D 41 -23.48 -9.67 41.20
CA LYS D 41 -24.82 -9.21 41.50
C LYS D 41 -24.93 -7.72 41.19
N ASP D 42 -23.87 -6.97 41.48
CA ASP D 42 -23.87 -5.54 41.26
C ASP D 42 -23.90 -5.14 39.77
N LEU D 43 -23.32 -5.98 38.91
CA LEU D 43 -23.35 -5.73 37.47
C LEU D 43 -24.67 -6.10 36.78
N LYS D 44 -25.38 -7.10 37.31
CA LYS D 44 -26.59 -7.61 36.64
C LYS D 44 -27.59 -6.48 36.41
N GLY D 45 -28.01 -6.32 35.16
CA GLY D 45 -28.98 -5.29 34.81
C GLY D 45 -28.54 -3.85 35.06
N ARG D 46 -27.24 -3.59 34.94
CA ARG D 46 -26.71 -2.25 35.14
C ARG D 46 -25.72 -1.94 34.01
N MET D 47 -25.72 -0.70 33.55
CA MET D 47 -24.89 -0.29 32.43
C MET D 47 -23.98 0.86 32.88
N GLU D 48 -22.67 0.69 32.72
CA GLU D 48 -21.75 1.76 33.08
C GLU D 48 -21.54 2.74 31.92
N ALA D 49 -21.47 4.02 32.24
CA ALA D 49 -21.19 5.03 31.24
C ALA D 49 -19.69 5.25 31.22
N ILE D 50 -19.04 4.87 30.13
CA ILE D 50 -17.58 4.93 30.07
C ILE D 50 -17.18 5.97 29.03
N PRO D 51 -16.57 7.08 29.47
CA PRO D 51 -16.22 8.16 28.56
C PRO D 51 -14.87 7.89 27.92
N CYS D 52 -14.50 8.62 26.88
CA CYS D 52 -13.10 8.65 26.49
C CYS D 52 -12.35 9.46 27.55
N VAL D 53 -11.07 9.15 27.76
CA VAL D 53 -10.30 9.89 28.74
C VAL D 53 -9.00 10.40 28.11
N VAL D 54 -8.88 11.71 27.99
CA VAL D 54 -7.67 12.33 27.47
C VAL D 54 -7.13 13.25 28.55
N GLY D 55 -5.91 12.98 29.03
CA GLY D 55 -5.44 13.61 30.24
C GLY D 55 -6.32 13.15 31.39
N ASP D 56 -6.90 14.11 32.09
CA ASP D 56 -7.88 13.80 33.12
C ASP D 56 -9.29 14.17 32.70
N GLU D 57 -9.45 14.55 31.44
CA GLU D 57 -10.75 15.00 30.94
C GLU D 57 -11.64 13.86 30.41
N GLU D 58 -12.86 13.79 30.89
CA GLU D 58 -13.76 12.75 30.41
C GLU D 58 -14.55 13.29 29.24
N VAL D 59 -14.40 12.63 28.08
CA VAL D 59 -14.98 13.17 26.87
C VAL D 59 -16.07 12.27 26.27
N TRP D 60 -17.23 12.88 26.02
CA TRP D 60 -18.33 12.23 25.34
C TRP D 60 -18.49 12.78 23.94
N THR D 61 -18.35 11.93 22.94
CA THR D 61 -18.75 12.33 21.58
C THR D 61 -20.19 11.90 21.35
N SER D 62 -20.75 12.25 20.20
CA SER D 62 -22.12 11.86 19.92
C SER D 62 -22.16 10.48 19.26
N ASP D 63 -21.00 9.84 19.13
CA ASP D 63 -20.93 8.52 18.49
C ASP D 63 -21.00 7.41 19.54
N VAL D 64 -22.14 7.34 20.21
CA VAL D 64 -22.33 6.44 21.34
C VAL D 64 -22.38 4.97 20.92
N GLN D 65 -21.72 4.12 21.70
CA GLN D 65 -21.71 2.67 21.46
C GLN D 65 -22.11 1.92 22.73
N TYR D 66 -22.42 0.63 22.59
CA TYR D 66 -22.80 -0.22 23.73
C TYR D 66 -22.06 -1.56 23.71
N GLN D 67 -21.64 -2.01 24.89
CA GLN D 67 -21.11 -3.38 25.03
C GLN D 67 -22.22 -4.21 25.67
N VAL D 68 -22.47 -5.41 25.14
CA VAL D 68 -23.49 -6.29 25.73
C VAL D 68 -22.84 -7.54 26.31
N SER D 69 -23.49 -8.13 27.31
CA SER D 69 -23.08 -9.43 27.83
C SER D 69 -23.31 -10.50 26.75
N PRO D 70 -22.24 -11.23 26.35
CA PRO D 70 -22.37 -12.24 25.28
C PRO D 70 -23.47 -13.27 25.53
N PHE D 71 -23.63 -13.71 26.77
CA PHE D 71 -24.61 -14.75 27.09
C PHE D 71 -26.00 -14.19 27.37
N ASN D 72 -26.13 -12.87 27.38
CA ASN D 72 -27.42 -12.22 27.60
C ASN D 72 -27.36 -10.85 26.96
N HIS D 73 -27.62 -10.80 25.65
CA HIS D 73 -27.32 -9.60 24.87
C HIS D 73 -28.35 -8.48 25.02
N GLY D 74 -29.46 -8.75 25.70
CA GLY D 74 -30.36 -7.68 26.08
C GLY D 74 -29.81 -6.86 27.25
N HIS D 75 -28.71 -7.34 27.81
CA HIS D 75 -28.02 -6.63 28.88
C HIS D 75 -26.91 -5.75 28.30
N LYS D 76 -27.10 -4.43 28.34
CA LYS D 76 -26.04 -3.51 27.99
C LYS D 76 -25.20 -3.29 29.24
N VAL D 77 -23.94 -3.73 29.20
CA VAL D 77 -23.08 -3.63 30.38
C VAL D 77 -22.32 -2.30 30.39
N ALA D 78 -22.17 -1.70 29.21
CA ALA D 78 -21.49 -0.42 29.10
C ALA D 78 -22.01 0.42 27.94
N LYS D 79 -22.15 1.72 28.20
CA LYS D 79 -22.32 2.72 27.17
C LYS D 79 -20.98 3.44 27.04
N PHE D 80 -20.40 3.44 25.84
CA PHE D 80 -19.19 4.21 25.67
C PHE D 80 -19.32 5.05 24.40
N CYS D 81 -18.24 5.67 23.95
CA CYS D 81 -18.33 6.37 22.69
C CYS D 81 -17.03 6.26 21.92
N TYR D 82 -17.13 6.42 20.61
CA TYR D 82 -15.97 6.36 19.72
C TYR D 82 -15.37 7.74 19.58
N ALA D 83 -14.07 7.85 19.86
CA ALA D 83 -13.35 9.09 19.58
C ALA D 83 -13.47 9.42 18.09
N ASP D 84 -13.66 10.69 17.75
CA ASP D 84 -13.57 11.13 16.36
C ASP D 84 -12.11 11.46 16.05
N LYS D 85 -11.78 11.70 14.77
CA LYS D 85 -10.41 12.01 14.38
C LYS D 85 -9.88 13.21 15.17
N SER D 86 -10.73 14.21 15.36
CA SER D 86 -10.38 15.39 16.14
C SER D 86 -9.92 15.05 17.57
N LEU D 87 -10.68 14.21 18.26
CA LEU D 87 -10.30 13.81 19.62
C LEU D 87 -8.99 13.00 19.64
N LEU D 88 -8.80 12.13 18.66
CA LEU D 88 -7.55 11.39 18.54
C LEU D 88 -6.36 12.35 18.35
N ASN D 89 -6.52 13.33 17.48
CA ASN D 89 -5.47 14.32 17.31
C ASN D 89 -5.17 15.13 18.57
N LYS D 90 -6.22 15.47 19.31
CA LYS D 90 -6.03 16.15 20.58
C LYS D 90 -5.30 15.26 21.57
N ALA D 91 -5.66 13.98 21.58
CA ALA D 91 -5.01 13.03 22.49
C ALA D 91 -3.54 12.86 22.13
N ILE D 92 -3.24 12.84 20.84
CA ILE D 92 -1.84 12.75 20.43
C ILE D 92 -1.05 13.95 20.96
N GLU D 93 -1.56 15.16 20.69
CA GLU D 93 -0.87 16.37 21.11
C GLU D 93 -0.65 16.41 22.61
N ALA D 94 -1.67 16.01 23.37
CA ALA D 94 -1.57 16.07 24.83
C ALA D 94 -0.54 15.07 25.37
N ALA D 95 -0.55 13.86 24.82
CA ALA D 95 0.42 12.82 25.18
C ALA D 95 1.85 13.28 24.91
N LEU D 96 2.06 13.86 23.74
CA LEU D 96 3.42 14.27 23.33
C LEU D 96 3.99 15.31 24.29
N ALA D 97 3.13 16.21 24.74
CA ALA D 97 3.53 17.25 25.68
C ALA D 97 3.84 16.67 27.06
N ALA D 98 3.35 15.46 27.34
CA ALA D 98 3.64 14.80 28.62
C ALA D 98 4.82 13.84 28.56
N ARG D 99 5.26 13.52 27.35
CA ARG D 99 6.18 12.41 27.13
C ARG D 99 7.55 12.62 27.76
N LYS D 100 8.17 13.78 27.50
CA LYS D 100 9.53 14.03 27.98
C LYS D 100 9.69 13.84 29.51
N GLU D 101 8.79 14.41 30.31
CA GLU D 101 8.92 14.27 31.76
C GLU D 101 8.75 12.80 32.17
N TRP D 102 7.80 12.12 31.53
CA TRP D 102 7.57 10.69 31.81
C TRP D 102 8.79 9.82 31.52
N ASP D 103 9.34 9.98 30.31
CA ASP D 103 10.56 9.28 29.91
C ASP D 103 11.75 9.53 30.86
N LEU D 104 11.86 10.74 31.40
CA LEU D 104 12.95 11.09 32.31
C LEU D 104 12.75 10.59 33.73
N LYS D 105 11.51 10.28 34.09
CA LYS D 105 11.21 9.65 35.38
C LYS D 105 11.97 8.31 35.46
N PRO D 106 12.68 8.06 36.56
CA PRO D 106 13.47 6.83 36.69
C PRO D 106 12.58 5.61 36.56
N ILE D 107 13.09 4.55 35.92
CA ILE D 107 12.30 3.34 35.68
C ILE D 107 11.67 2.83 36.97
N ALA D 108 12.41 2.87 38.08
CA ALA D 108 11.92 2.38 39.36
C ALA D 108 10.64 3.09 39.79
N ASP D 109 10.57 4.39 39.52
CA ASP D 109 9.38 5.19 39.80
C ASP D 109 8.24 4.76 38.88
N ARG D 110 8.53 4.56 37.61
CA ARG D 110 7.51 4.10 36.67
C ARG D 110 7.06 2.69 37.02
N ALA D 111 8.00 1.81 37.34
CA ALA D 111 7.68 0.43 37.71
C ALA D 111 6.76 0.35 38.92
N GLN D 112 6.97 1.25 39.87
CA GLN D 112 6.20 1.24 41.13
C GLN D 112 4.71 1.41 40.89
N ILE D 113 4.35 2.23 39.89
CA ILE D 113 2.96 2.42 39.52
C ILE D 113 2.33 1.09 39.08
N PHE D 114 3.04 0.38 38.22
CA PHE D 114 2.56 -0.92 37.76
C PHE D 114 2.55 -1.99 38.82
N LEU D 115 3.51 -1.94 39.74
CA LEU D 115 3.49 -2.88 40.88
C LEU D 115 2.28 -2.63 41.79
N LYS D 116 1.94 -1.36 41.97
CA LYS D 116 0.80 -1.01 42.82
C LYS D 116 -0.49 -1.45 42.14
N ALA D 117 -0.54 -1.32 40.82
CA ALA D 117 -1.73 -1.65 40.06
C ALA D 117 -1.95 -3.15 40.15
N ALA D 118 -0.86 -3.90 40.00
CA ALA D 118 -0.91 -5.36 40.10
C ALA D 118 -1.44 -5.80 41.47
N ASP D 119 -0.93 -5.19 42.53
CA ASP D 119 -1.38 -5.52 43.88
C ASP D 119 -2.86 -5.15 44.11
N MET D 120 -3.32 -4.08 43.48
CA MET D 120 -4.73 -3.69 43.62
C MET D 120 -5.61 -4.73 42.94
N LEU D 121 -5.21 -5.17 41.75
CA LEU D 121 -5.97 -6.16 40.99
C LEU D 121 -5.94 -7.49 41.68
N SER D 122 -4.82 -7.77 42.34
CA SER D 122 -4.66 -9.00 43.10
C SER D 122 -5.59 -9.04 44.31
N GLY D 123 -5.74 -7.90 44.99
CA GLY D 123 -6.47 -7.89 46.26
C GLY D 123 -7.85 -7.28 46.19
N PRO D 124 -7.96 -5.99 46.52
CA PRO D 124 -9.23 -5.28 46.66
C PRO D 124 -10.01 -5.11 45.36
N ARG D 125 -9.36 -5.24 44.21
CA ARG D 125 -10.06 -5.05 42.94
C ARG D 125 -10.22 -6.37 42.20
N ARG D 126 -9.88 -7.47 42.87
CA ARG D 126 -9.92 -8.75 42.19
C ARG D 126 -11.33 -9.16 41.80
N ALA D 127 -12.26 -9.09 42.74
CA ALA D 127 -13.62 -9.51 42.46
C ALA D 127 -14.19 -8.68 41.31
N GLU D 128 -13.88 -7.38 41.33
CA GLU D 128 -14.35 -6.46 40.31
C GLU D 128 -13.90 -6.86 38.89
N ILE D 129 -12.61 -7.12 38.73
CA ILE D 129 -12.09 -7.43 37.38
C ILE D 129 -12.63 -8.77 36.85
N LEU D 130 -12.68 -9.76 37.73
CA LEU D 130 -13.26 -11.06 37.38
C LEU D 130 -14.70 -10.90 36.95
N ALA D 131 -15.48 -10.17 37.73
CA ALA D 131 -16.91 -10.02 37.44
C ALA D 131 -17.10 -9.31 36.12
N LYS D 132 -16.35 -8.23 35.92
CA LYS D 132 -16.45 -7.45 34.70
C LYS D 132 -16.05 -8.24 33.44
N THR D 133 -15.03 -9.08 33.54
CA THR D 133 -14.68 -9.94 32.41
C THR D 133 -15.67 -11.10 32.22
N MET D 134 -16.27 -11.57 33.31
CA MET D 134 -17.30 -12.61 33.21
C MET D 134 -18.55 -12.08 32.51
N VAL D 135 -19.11 -11.01 33.06
CA VAL D 135 -20.32 -10.43 32.50
C VAL D 135 -20.11 -9.80 31.13
N GLY D 136 -19.01 -9.05 30.97
CA GLY D 136 -18.73 -8.35 29.73
C GLY D 136 -18.18 -9.20 28.60
N GLN D 137 -17.43 -10.26 28.92
CA GLN D 137 -16.73 -11.02 27.88
C GLN D 137 -17.13 -12.50 27.81
N GLY D 138 -18.00 -12.93 28.71
CA GLY D 138 -18.53 -14.27 28.67
C GLY D 138 -17.60 -15.32 29.25
N LYS D 139 -16.62 -14.89 30.04
CA LYS D 139 -15.68 -15.83 30.64
C LYS D 139 -16.30 -16.55 31.82
N THR D 140 -15.92 -17.81 32.02
CA THR D 140 -16.28 -18.51 33.26
C THR D 140 -15.41 -17.96 34.39
N VAL D 141 -15.73 -18.32 35.63
CA VAL D 141 -14.97 -17.87 36.77
C VAL D 141 -13.51 -18.31 36.67
N ILE D 142 -13.26 -19.57 36.31
CA ILE D 142 -11.88 -20.05 36.24
C ILE D 142 -11.08 -19.41 35.10
N GLN D 143 -11.74 -19.21 33.96
CA GLN D 143 -11.12 -18.59 32.81
C GLN D 143 -10.72 -17.14 33.14
N ALA D 144 -11.65 -16.43 33.77
CA ALA D 144 -11.42 -15.05 34.20
C ALA D 144 -10.30 -15.00 35.22
N GLU D 145 -10.31 -15.92 36.18
CA GLU D 145 -9.26 -15.98 37.20
C GLU D 145 -7.87 -16.22 36.62
N ILE D 146 -7.73 -17.20 35.72
CA ILE D 146 -6.45 -17.48 35.09
C ILE D 146 -5.96 -16.29 34.26
N ASP D 147 -6.88 -15.70 33.50
CA ASP D 147 -6.48 -14.60 32.64
C ASP D 147 -6.09 -13.36 33.45
N ALA D 148 -6.73 -13.13 34.60
CA ALA D 148 -6.34 -11.99 35.44
C ALA D 148 -4.98 -12.23 36.12
N ALA D 149 -4.79 -13.43 36.65
CA ALA D 149 -3.51 -13.78 37.26
C ALA D 149 -2.36 -13.73 36.26
N ALA D 150 -2.59 -14.16 35.02
CA ALA D 150 -1.52 -14.23 34.02
C ALA D 150 -1.42 -13.00 33.10
N GLU D 151 -2.46 -12.79 32.29
CA GLU D 151 -2.43 -11.73 31.29
C GLU D 151 -2.42 -10.32 31.89
N LEU D 152 -2.69 -10.23 33.19
CA LEU D 152 -2.85 -8.92 33.81
C LEU D 152 -1.87 -8.71 34.97
N ILE D 153 -2.08 -9.42 36.07
CA ILE D 153 -1.23 -9.27 37.25
C ILE D 153 0.23 -9.65 37.02
N ASP D 154 0.49 -10.87 36.57
CA ASP D 154 1.87 -11.29 36.28
C ASP D 154 2.55 -10.41 35.24
N PHE D 155 1.83 -10.02 34.20
CA PHE D 155 2.41 -9.17 33.17
C PHE D 155 2.94 -7.88 33.78
N PHE D 156 2.15 -7.25 34.65
CA PHE D 156 2.58 -6.00 35.29
C PHE D 156 3.79 -6.24 36.19
N ARG D 157 3.74 -7.28 37.02
CA ARG D 157 4.85 -7.50 37.95
C ARG D 157 6.16 -7.89 37.24
N PHE D 158 6.12 -8.88 36.35
CA PHE D 158 7.32 -9.32 35.66
C PHE D 158 7.90 -8.32 34.65
N ASN D 159 7.04 -7.59 33.96
CA ASN D 159 7.54 -6.52 33.11
C ASN D 159 8.28 -5.47 33.91
N ALA D 160 7.77 -5.18 35.12
CA ALA D 160 8.41 -4.21 36.00
C ALA D 160 9.76 -4.75 36.42
N LYS D 161 9.81 -6.05 36.74
CA LYS D 161 11.07 -6.69 37.09
C LYS D 161 12.10 -6.62 35.96
N TYR D 162 11.66 -6.93 34.74
CA TYR D 162 12.57 -6.95 33.60
C TYR D 162 13.09 -5.55 33.31
N ALA D 163 12.20 -4.56 33.42
CA ALA D 163 12.60 -3.17 33.14
C ALA D 163 13.62 -2.64 34.14
N VAL D 164 13.38 -2.84 35.43
CA VAL D 164 14.33 -2.40 36.44
C VAL D 164 15.69 -3.12 36.29
N GLU D 165 15.65 -4.39 35.91
CA GLU D 165 16.88 -5.18 35.83
C GLU D 165 17.67 -4.86 34.57
N LEU D 166 16.98 -4.40 33.53
CA LEU D 166 17.61 -3.97 32.31
C LEU D 166 18.59 -2.84 32.65
N GLU D 167 18.14 -1.96 33.53
CA GLU D 167 18.97 -0.86 34.02
C GLU D 167 20.23 -1.34 34.72
N GLY D 168 20.13 -2.44 35.46
CA GLY D 168 21.26 -2.98 36.18
C GLY D 168 22.28 -3.67 35.28
N GLN D 169 21.86 -4.03 34.07
CA GLN D 169 22.77 -4.59 33.08
C GLN D 169 23.55 -3.44 32.44
N GLN D 170 24.73 -3.17 33.00
CA GLN D 170 25.50 -1.99 32.59
C GLN D 170 26.95 -2.31 32.21
N PRO D 171 27.49 -1.57 31.22
CA PRO D 171 28.88 -1.72 30.76
C PRO D 171 29.92 -1.33 31.82
N ILE D 172 31.17 -1.70 31.55
CA ILE D 172 32.27 -1.46 32.48
C ILE D 172 33.00 -0.15 32.17
N SER D 173 33.30 0.61 33.21
CA SER D 173 33.94 1.91 33.05
C SER D 173 35.38 1.88 33.54
N VAL D 174 36.31 1.74 32.60
CA VAL D 174 37.74 1.78 32.89
C VAL D 174 38.28 3.18 32.61
N PRO D 175 39.19 3.68 33.47
CA PRO D 175 39.66 5.07 33.42
C PRO D 175 40.33 5.44 32.09
N PRO D 176 40.32 6.75 31.74
CA PRO D 176 39.67 7.82 32.50
C PRO D 176 38.23 8.03 32.02
N SER D 177 37.55 6.94 31.72
CA SER D 177 36.23 7.01 31.09
C SER D 177 35.13 6.60 32.06
N THR D 178 33.91 6.96 31.71
CA THR D 178 32.72 6.52 32.42
C THR D 178 31.72 6.07 31.36
N ASN D 179 31.17 4.87 31.54
CA ASN D 179 30.27 4.29 30.56
C ASN D 179 28.91 3.93 31.17
N SER D 180 27.85 4.32 30.48
CA SER D 180 26.51 3.92 30.90
C SER D 180 25.53 3.86 29.74
N THR D 181 24.52 3.04 29.91
CA THR D 181 23.48 2.88 28.91
C THR D 181 22.18 3.45 29.49
N VAL D 182 21.54 4.32 28.73
CA VAL D 182 20.26 4.87 29.11
C VAL D 182 19.16 4.30 28.22
N TYR D 183 18.13 3.75 28.83
CA TYR D 183 17.04 3.15 28.06
C TYR D 183 15.91 4.14 27.83
N ARG D 184 15.95 4.81 26.68
CA ARG D 184 15.00 5.87 26.33
C ARG D 184 13.69 5.28 25.88
N GLY D 185 12.58 5.88 26.32
CA GLY D 185 11.31 5.62 25.67
C GLY D 185 11.45 6.05 24.22
N LEU D 186 10.55 5.59 23.36
CA LEU D 186 10.56 6.01 21.96
C LEU D 186 9.98 7.42 21.78
N GLU D 187 10.55 8.17 20.85
CA GLU D 187 10.17 9.56 20.64
C GLU D 187 8.92 9.65 19.76
N GLY D 188 7.78 10.02 20.35
CA GLY D 188 6.54 10.06 19.60
C GLY D 188 5.45 9.45 20.48
N PHE D 189 4.39 8.92 19.87
CA PHE D 189 3.38 8.20 20.66
C PHE D 189 3.23 6.77 20.13
N VAL D 190 2.83 5.88 21.02
CA VAL D 190 2.59 4.50 20.65
C VAL D 190 1.09 4.22 20.63
N ALA D 191 0.60 3.59 19.57
CA ALA D 191 -0.80 3.19 19.51
C ALA D 191 -0.98 1.75 19.93
N ALA D 192 -1.84 1.52 20.90
CA ALA D 192 -2.18 0.18 21.35
C ALA D 192 -3.55 -0.16 20.81
N ILE D 193 -3.59 -1.19 19.96
CA ILE D 193 -4.75 -1.48 19.14
C ILE D 193 -5.19 -2.92 19.34
N SER D 194 -6.44 -3.12 19.76
CA SER D 194 -7.03 -4.46 19.67
C SER D 194 -8.36 -4.33 18.94
N PRO D 195 -8.76 -5.35 18.16
CA PRO D 195 -9.93 -5.23 17.29
C PRO D 195 -11.22 -5.03 18.09
N PHE D 196 -12.24 -4.50 17.42
CA PHE D 196 -13.51 -4.14 18.03
C PHE D 196 -14.17 -5.28 18.83
N ASN D 197 -14.05 -6.51 18.33
CA ASN D 197 -14.73 -7.62 18.98
C ASN D 197 -13.76 -8.65 19.54
N PHE D 198 -12.53 -8.24 19.78
CA PHE D 198 -11.53 -9.12 20.35
C PHE D 198 -11.88 -9.50 21.79
N THR D 199 -11.23 -10.54 22.30
CA THR D 199 -11.62 -11.10 23.59
C THR D 199 -10.70 -10.71 24.75
N ALA D 200 -9.64 -9.98 24.45
CA ALA D 200 -8.65 -9.65 25.48
C ALA D 200 -8.79 -8.22 26.02
N ILE D 201 -8.49 -8.04 27.30
CA ILE D 201 -8.42 -6.70 27.86
C ILE D 201 -7.45 -5.84 27.05
N GLY D 202 -6.18 -6.24 27.02
CA GLY D 202 -5.14 -5.47 26.36
C GLY D 202 -4.35 -4.61 27.32
N GLY D 203 -4.45 -4.93 28.60
CA GLY D 203 -3.72 -4.22 29.63
C GLY D 203 -2.24 -4.13 29.34
N ASN D 204 -1.64 -5.24 28.91
CA ASN D 204 -0.21 -5.26 28.57
C ASN D 204 0.08 -4.57 27.21
N LEU D 205 -0.93 -4.47 26.34
CA LEU D 205 -0.76 -3.72 25.08
C LEU D 205 -0.43 -2.26 25.35
N ALA D 206 -1.16 -1.66 26.28
CA ALA D 206 -0.90 -0.28 26.62
C ALA D 206 0.18 -0.24 27.71
N GLY D 207 0.22 -1.28 28.53
CA GLY D 207 1.03 -1.28 29.73
C GLY D 207 2.53 -1.36 29.53
N ALA D 208 2.97 -2.34 28.74
CA ALA D 208 4.41 -2.48 28.49
C ALA D 208 5.05 -1.22 27.87
N PRO D 209 4.42 -0.64 26.84
CA PRO D 209 5.10 0.54 26.29
C PRO D 209 5.13 1.72 27.26
N ALA D 210 4.05 1.90 28.01
CA ALA D 210 3.97 2.94 29.02
C ALA D 210 5.08 2.77 30.05
N LEU D 211 5.24 1.55 30.53
CA LEU D 211 6.26 1.26 31.55
C LEU D 211 7.65 1.70 31.06
N MET D 212 7.89 1.53 29.76
CA MET D 212 9.21 1.82 29.20
C MET D 212 9.36 3.30 28.81
N GLY D 213 8.49 4.14 29.35
CA GLY D 213 8.63 5.58 29.19
C GLY D 213 7.93 6.15 27.97
N ASN D 214 7.08 5.35 27.35
CA ASN D 214 6.30 5.85 26.22
C ASN D 214 4.96 6.46 26.64
N VAL D 215 4.38 7.26 25.75
CA VAL D 215 2.99 7.67 25.89
C VAL D 215 2.16 6.93 24.86
N VAL D 216 0.90 6.67 25.19
CA VAL D 216 0.09 5.66 24.50
C VAL D 216 -1.33 6.12 24.22
N LEU D 217 -1.77 5.94 22.97
CA LEU D 217 -3.18 6.03 22.65
C LEU D 217 -3.72 4.61 22.60
N TRP D 218 -4.66 4.31 23.49
CA TRP D 218 -5.15 2.94 23.67
C TRP D 218 -6.58 2.84 23.13
N LYS D 219 -6.75 2.07 22.06
CA LYS D 219 -8.08 1.74 21.54
C LYS D 219 -8.43 0.34 22.01
N PRO D 220 -9.15 0.22 23.14
CA PRO D 220 -9.49 -1.11 23.64
C PRO D 220 -10.56 -1.78 22.78
N SER D 221 -10.77 -3.08 22.98
CA SER D 221 -11.83 -3.81 22.28
C SER D 221 -13.20 -3.39 22.81
N ASP D 222 -14.13 -3.04 21.92
CA ASP D 222 -15.53 -2.77 22.29
C ASP D 222 -16.12 -3.86 23.17
N THR D 223 -15.76 -5.09 22.86
CA THR D 223 -16.37 -6.24 23.53
C THR D 223 -15.76 -6.51 24.90
N ALA D 224 -14.78 -5.70 25.27
CA ALA D 224 -14.10 -5.83 26.55
C ALA D 224 -14.01 -4.50 27.28
N MET D 225 -14.82 -3.54 26.85
CA MET D 225 -14.77 -2.16 27.33
C MET D 225 -14.91 -2.03 28.85
N LEU D 226 -15.92 -2.69 29.43
CA LEU D 226 -16.16 -2.66 30.88
C LEU D 226 -14.89 -2.95 31.70
N ALA D 227 -14.30 -4.12 31.44
CA ALA D 227 -13.10 -4.54 32.14
C ALA D 227 -11.85 -3.72 31.76
N SER D 228 -11.77 -3.31 30.50
CA SER D 228 -10.64 -2.51 30.03
C SER D 228 -10.58 -1.17 30.76
N TYR D 229 -11.74 -0.53 30.92
CA TYR D 229 -11.84 0.73 31.63
C TYR D 229 -11.51 0.57 33.11
N ALA D 230 -11.86 -0.59 33.65
CA ALA D 230 -11.57 -0.88 35.06
C ALA D 230 -10.06 -0.92 35.27
N VAL D 231 -9.34 -1.56 34.35
CA VAL D 231 -7.88 -1.60 34.45
C VAL D 231 -7.28 -0.22 34.29
N TYR D 232 -7.80 0.54 33.32
CA TYR D 232 -7.37 1.91 33.09
C TYR D 232 -7.51 2.77 34.33
N ARG D 233 -8.68 2.71 34.95
CA ARG D 233 -8.94 3.48 36.15
C ARG D 233 -7.98 3.04 37.26
N ILE D 234 -7.69 1.75 37.30
CA ILE D 234 -6.78 1.26 38.33
C ILE D 234 -5.37 1.78 38.16
N LEU D 235 -4.89 1.81 36.90
CA LEU D 235 -3.57 2.36 36.63
C LEU D 235 -3.55 3.82 37.03
N ARG D 236 -4.59 4.57 36.66
CA ARG D 236 -4.66 5.98 37.07
C ARG D 236 -4.65 6.13 38.62
N GLU D 237 -5.46 5.34 39.32
CA GLU D 237 -5.47 5.43 40.78
C GLU D 237 -4.16 4.99 41.44
N ALA D 238 -3.40 4.14 40.76
CA ALA D 238 -2.09 3.69 41.25
C ALA D 238 -1.06 4.80 41.12
N GLY D 239 -1.40 5.86 40.37
CA GLY D 239 -0.52 7.00 40.23
C GLY D 239 0.00 7.31 38.84
N LEU D 240 -0.54 6.64 37.82
CA LEU D 240 -0.15 6.97 36.46
C LEU D 240 -0.54 8.42 36.18
N PRO D 241 0.42 9.25 35.76
CA PRO D 241 0.15 10.67 35.48
C PRO D 241 -0.82 10.82 34.29
N PRO D 242 -1.41 12.02 34.17
CA PRO D 242 -2.27 12.22 33.01
C PRO D 242 -1.48 12.23 31.70
N ASN D 243 -2.19 11.90 30.62
CA ASN D 243 -1.66 11.95 29.27
C ASN D 243 -0.58 10.92 28.97
N ILE D 244 -0.42 9.94 29.86
CA ILE D 244 0.52 8.86 29.59
C ILE D 244 -0.18 7.72 28.84
N ILE D 245 -1.37 7.35 29.30
CA ILE D 245 -2.24 6.50 28.50
C ILE D 245 -3.56 7.20 28.25
N GLN D 246 -3.85 7.43 26.98
CA GLN D 246 -5.13 8.03 26.62
C GLN D 246 -6.12 6.89 26.36
N PHE D 247 -7.27 6.92 27.03
CA PHE D 247 -8.28 5.88 26.88
C PHE D 247 -9.23 6.30 25.77
N VAL D 248 -8.99 5.81 24.55
CA VAL D 248 -9.71 6.33 23.39
C VAL D 248 -10.31 5.22 22.50
N PRO D 249 -11.42 4.61 22.97
CA PRO D 249 -12.22 3.75 22.09
C PRO D 249 -12.52 4.47 20.77
N ALA D 250 -12.58 3.72 19.70
CA ALA D 250 -12.78 4.30 18.37
C ALA D 250 -13.10 3.23 17.35
N ASP D 251 -13.73 3.64 16.27
CA ASP D 251 -13.84 2.75 15.13
C ASP D 251 -12.45 2.29 14.70
N GLY D 252 -12.32 0.98 14.46
CA GLY D 252 -11.03 0.37 14.19
C GLY D 252 -10.35 0.98 12.98
N PRO D 253 -11.01 0.91 11.81
CA PRO D 253 -10.45 1.55 10.61
C PRO D 253 -10.07 3.00 10.85
N LEU D 254 -10.95 3.79 11.48
CA LEU D 254 -10.69 5.21 11.67
C LEU D 254 -9.47 5.43 12.55
N PHE D 255 -9.38 4.67 13.64
CA PHE D 255 -8.27 4.81 14.57
C PHE D 255 -6.97 4.47 13.85
N GLY D 256 -6.98 3.36 13.12
CA GLY D 256 -5.81 2.94 12.37
C GLY D 256 -5.43 3.98 11.34
N ASP D 257 -6.42 4.45 10.57
CA ASP D 257 -6.14 5.40 9.51
C ASP D 257 -5.51 6.65 10.11
N THR D 258 -5.99 7.01 11.30
CA THR D 258 -5.59 8.25 11.94
C THR D 258 -4.19 8.21 12.54
N VAL D 259 -3.87 7.16 13.30
CA VAL D 259 -2.54 7.10 13.91
C VAL D 259 -1.44 6.83 12.86
N THR D 260 -1.74 6.04 11.84
CA THR D 260 -0.73 5.76 10.82
C THR D 260 -0.48 6.99 9.96
N SER D 261 -1.35 7.99 10.08
CA SER D 261 -1.24 9.24 9.33
C SER D 261 -0.58 10.34 10.15
N SER D 262 -0.31 10.07 11.41
CA SER D 262 0.31 11.07 12.26
C SER D 262 1.82 11.06 12.12
N GLU D 263 2.41 12.23 11.92
CA GLU D 263 3.86 12.36 11.82
C GLU D 263 4.55 11.93 13.12
N HIS D 264 3.80 11.91 14.23
CA HIS D 264 4.38 11.61 15.53
C HIS D 264 4.30 10.14 15.99
N LEU D 265 3.75 9.26 15.14
CA LEU D 265 3.68 7.84 15.49
C LEU D 265 5.07 7.23 15.63
N CYS D 266 5.33 6.56 16.75
CA CYS D 266 6.61 5.87 16.92
C CYS D 266 6.44 4.38 17.20
N GLY D 267 5.19 3.91 17.27
CA GLY D 267 4.96 2.50 17.45
C GLY D 267 3.51 2.03 17.40
N ILE D 268 3.34 0.76 17.05
CA ILE D 268 2.03 0.12 17.15
C ILE D 268 2.20 -1.19 17.88
N ASN D 269 1.44 -1.35 18.97
CA ASN D 269 1.41 -2.59 19.69
C ASN D 269 0.02 -3.18 19.48
N PHE D 270 -0.02 -4.28 18.73
CA PHE D 270 -1.27 -4.82 18.19
C PHE D 270 -1.48 -6.29 18.53
N THR D 271 -2.74 -6.65 18.77
CA THR D 271 -3.19 -8.05 18.87
C THR D 271 -4.46 -8.20 18.06
N GLY D 272 -4.62 -9.33 17.35
CA GLY D 272 -5.78 -9.53 16.51
C GLY D 272 -5.46 -10.42 15.34
N SER D 273 -6.19 -10.26 14.25
CA SER D 273 -5.99 -11.12 13.09
C SER D 273 -4.69 -10.79 12.36
N VAL D 274 -4.12 -11.79 11.71
CA VAL D 274 -2.93 -11.60 10.89
C VAL D 274 -3.14 -10.60 9.73
N PRO D 275 -4.27 -10.69 9.01
CA PRO D 275 -4.38 -9.72 7.91
C PRO D 275 -4.63 -8.28 8.38
N THR D 276 -5.19 -8.10 9.57
CA THR D 276 -5.36 -6.77 10.11
C THR D 276 -3.99 -6.18 10.41
N PHE D 277 -3.13 -7.00 11.05
CA PHE D 277 -1.75 -6.59 11.33
C PHE D 277 -1.01 -6.21 10.06
N LYS D 278 -1.07 -7.08 9.05
CA LYS D 278 -0.38 -6.78 7.80
C LYS D 278 -0.91 -5.48 7.21
N HIS D 279 -2.19 -5.21 7.41
CA HIS D 279 -2.78 -3.99 6.86
C HIS D 279 -2.19 -2.74 7.51
N LEU D 280 -2.05 -2.75 8.83
CA LEU D 280 -1.43 -1.62 9.53
C LEU D 280 0.03 -1.50 9.15
N TRP D 281 0.68 -2.66 9.06
CA TRP D 281 2.05 -2.81 8.58
C TRP D 281 2.11 -2.03 7.28
N LYS D 282 1.27 -2.43 6.34
CA LYS D 282 1.23 -1.77 5.04
C LYS D 282 0.99 -0.26 5.16
N GLN D 283 0.09 0.14 6.06
CA GLN D 283 -0.21 1.56 6.25
C GLN D 283 0.95 2.41 6.72
N VAL D 284 1.68 1.91 7.73
CA VAL D 284 2.85 2.64 8.20
C VAL D 284 3.85 2.89 7.06
N ALA D 285 4.05 1.87 6.24
CA ALA D 285 5.05 1.95 5.20
C ALA D 285 4.72 3.02 4.17
N GLN D 286 3.46 3.03 3.75
CA GLN D 286 2.98 4.02 2.78
C GLN D 286 3.23 5.42 3.30
N ASN D 287 3.20 5.57 4.62
CA ASN D 287 3.36 6.86 5.26
C ASN D 287 4.76 7.17 5.79
N LEU D 288 5.74 6.29 5.55
CA LEU D 288 7.10 6.43 6.13
C LEU D 288 7.72 7.82 6.08
N ASP D 289 7.47 8.54 5.00
CA ASP D 289 8.09 9.86 4.83
C ASP D 289 7.66 10.85 5.90
N ARG D 290 6.44 10.75 6.38
CA ARG D 290 5.96 11.77 7.33
C ARG D 290 6.48 11.59 8.76
N PHE D 291 6.90 10.38 9.13
CA PHE D 291 7.29 10.12 10.51
C PHE D 291 8.67 10.68 10.85
N HIS D 292 8.83 11.16 12.09
CA HIS D 292 10.10 11.70 12.56
C HIS D 292 11.03 10.61 13.07
N THR D 293 10.48 9.43 13.29
CA THR D 293 11.27 8.26 13.67
C THR D 293 10.64 7.02 13.05
N PHE D 294 11.44 5.99 12.78
CA PHE D 294 10.90 4.75 12.25
C PHE D 294 9.99 4.09 13.29
N PRO D 295 8.68 3.99 13.00
CA PRO D 295 7.78 3.35 13.97
C PRO D 295 8.12 1.89 14.16
N ARG D 296 7.92 1.38 15.37
CA ARG D 296 8.16 -0.04 15.61
C ARG D 296 6.82 -0.76 15.69
N LEU D 297 6.68 -1.90 15.02
CA LEU D 297 5.42 -2.64 15.06
C LEU D 297 5.57 -3.98 15.76
N ALA D 298 4.62 -4.29 16.62
CA ALA D 298 4.57 -5.58 17.25
C ALA D 298 3.16 -6.14 17.10
N GLY D 299 3.06 -7.40 16.70
CA GLY D 299 1.76 -8.04 16.58
C GLY D 299 1.69 -9.41 17.24
N GLU D 300 0.67 -9.60 18.07
CA GLU D 300 0.42 -10.89 18.69
C GLU D 300 -0.83 -11.48 18.05
N CYS D 301 -0.66 -12.46 17.19
CA CYS D 301 -1.78 -12.94 16.38
C CYS D 301 -2.18 -14.37 16.70
N GLY D 302 -3.33 -14.78 16.16
CA GLY D 302 -3.79 -16.15 16.32
C GLY D 302 -3.11 -17.11 15.36
N GLY D 303 -3.38 -18.39 15.56
CA GLY D 303 -2.88 -19.42 14.67
C GLY D 303 -3.91 -20.52 14.52
N LYS D 304 -3.71 -21.40 13.54
CA LYS D 304 -4.55 -22.58 13.40
C LYS D 304 -3.82 -23.73 14.07
N ASN D 305 -3.96 -23.81 15.39
CA ASN D 305 -3.08 -24.66 16.21
C ASN D 305 -3.48 -26.13 16.23
N PHE D 306 -2.48 -27.00 16.35
CA PHE D 306 -2.67 -28.43 16.13
C PHE D 306 -2.34 -29.30 17.35
N HIS D 307 -3.00 -30.44 17.45
CA HIS D 307 -2.55 -31.52 18.32
C HIS D 307 -2.28 -32.71 17.38
N PHE D 308 -1.03 -33.18 17.37
CA PHE D 308 -0.69 -34.38 16.59
C PHE D 308 -0.58 -35.58 17.50
N VAL D 309 -1.29 -36.65 17.14
CA VAL D 309 -1.29 -37.86 17.93
C VAL D 309 -0.58 -39.02 17.21
N HIS D 310 0.38 -39.64 17.89
CA HIS D 310 1.00 -40.86 17.40
C HIS D 310 0.24 -42.06 17.98
N ARG D 311 0.33 -43.21 17.33
CA ARG D 311 -0.41 -44.38 17.78
C ARG D 311 -0.05 -44.84 19.19
N SER D 312 1.05 -44.33 19.73
CA SER D 312 1.53 -44.76 21.04
C SER D 312 1.02 -43.87 22.15
N ALA D 313 0.21 -42.87 21.81
CA ALA D 313 -0.20 -41.86 22.77
C ALA D 313 -1.12 -42.39 23.87
N ASP D 314 -1.16 -41.67 24.98
CA ASP D 314 -2.10 -41.97 26.03
C ASP D 314 -3.45 -41.43 25.60
N VAL D 315 -4.40 -42.34 25.35
CA VAL D 315 -5.72 -41.94 24.88
C VAL D 315 -6.40 -40.93 25.79
N GLU D 316 -6.35 -41.15 27.10
CA GLU D 316 -7.00 -40.25 28.04
C GLU D 316 -6.45 -38.82 28.01
N SER D 317 -5.12 -38.70 28.01
CA SER D 317 -4.50 -37.37 27.95
C SER D 317 -4.82 -36.69 26.62
N VAL D 318 -4.90 -37.47 25.54
CA VAL D 318 -5.28 -36.91 24.25
C VAL D 318 -6.68 -36.30 24.33
N VAL D 319 -7.61 -37.04 24.92
CA VAL D 319 -9.00 -36.61 24.93
C VAL D 319 -9.24 -35.37 25.80
N SER D 320 -8.82 -35.43 27.06
CA SER D 320 -8.99 -34.28 27.95
C SER D 320 -8.21 -33.05 27.47
N GLY D 321 -6.97 -33.27 27.00
CA GLY D 321 -6.15 -32.16 26.53
C GLY D 321 -6.77 -31.45 25.34
N THR D 322 -7.29 -32.23 24.41
CA THR D 322 -7.84 -31.67 23.18
C THR D 322 -9.18 -31.00 23.43
N LEU D 323 -10.05 -31.62 24.22
CA LEU D 323 -11.30 -30.98 24.56
C LEU D 323 -11.05 -29.65 25.29
N ARG D 324 -10.11 -29.64 26.22
CA ARG D 324 -9.82 -28.42 26.96
C ARG D 324 -9.21 -27.33 26.08
N SER D 325 -8.26 -27.69 25.23
CA SER D 325 -7.63 -26.70 24.37
C SER D 325 -8.60 -26.19 23.30
N ALA D 326 -9.42 -27.09 22.75
CA ALA D 326 -10.37 -26.69 21.72
C ALA D 326 -11.53 -25.81 22.21
N PHE D 327 -11.99 -26.06 23.43
CA PHE D 327 -13.30 -25.55 23.86
C PHE D 327 -13.30 -24.59 25.05
N GLU D 328 -12.21 -24.55 25.79
CA GLU D 328 -12.08 -23.56 26.85
C GLU D 328 -12.26 -22.18 26.26
N TYR D 329 -13.07 -21.37 26.96
CA TYR D 329 -13.50 -20.05 26.49
C TYR D 329 -14.06 -20.13 25.07
N GLY D 330 -14.68 -21.27 24.75
CA GLY D 330 -15.27 -21.46 23.44
C GLY D 330 -14.27 -21.43 22.29
N GLY D 331 -13.03 -21.83 22.56
CA GLY D 331 -11.99 -21.86 21.54
C GLY D 331 -11.49 -20.46 21.19
N GLN D 332 -11.89 -19.48 21.98
CA GLN D 332 -11.54 -18.10 21.67
C GLN D 332 -10.19 -17.70 22.26
N LYS D 333 -9.18 -18.53 22.05
CA LYS D 333 -7.83 -18.19 22.45
C LYS D 333 -6.93 -18.27 21.23
N CYS D 334 -5.86 -17.49 21.25
CA CYS D 334 -4.91 -17.54 20.15
C CYS D 334 -4.22 -18.90 20.09
N SER D 335 -4.16 -19.56 21.23
CA SER D 335 -3.42 -20.82 21.36
C SER D 335 -4.30 -22.06 21.29
N ALA D 336 -5.60 -21.86 21.09
CA ALA D 336 -6.57 -22.97 21.08
C ALA D 336 -6.33 -24.04 20.00
N CYS D 337 -6.46 -25.30 20.36
CA CYS D 337 -6.36 -26.38 19.39
C CYS D 337 -7.60 -26.41 18.49
N SER D 338 -7.39 -26.35 17.18
CA SER D 338 -8.51 -26.43 16.23
C SER D 338 -8.36 -27.55 15.19
N ARG D 339 -7.21 -28.19 15.19
CA ARG D 339 -7.03 -29.37 14.32
C ARG D 339 -6.36 -30.51 15.07
N LEU D 340 -6.94 -31.69 14.91
CA LEU D 340 -6.49 -32.89 15.60
C LEU D 340 -6.15 -33.93 14.55
N TYR D 341 -4.92 -34.43 14.56
CA TYR D 341 -4.49 -35.48 13.64
C TYR D 341 -4.34 -36.80 14.39
N VAL D 342 -5.09 -37.82 13.99
CA VAL D 342 -5.16 -39.06 14.76
C VAL D 342 -4.96 -40.31 13.90
N PRO D 343 -4.15 -41.26 14.40
CA PRO D 343 -3.90 -42.47 13.61
C PRO D 343 -5.14 -43.36 13.61
N HIS D 344 -5.33 -44.04 12.48
CA HIS D 344 -6.47 -44.91 12.28
C HIS D 344 -6.66 -45.93 13.40
N SER D 345 -5.56 -46.51 13.89
CA SER D 345 -5.64 -47.57 14.90
C SER D 345 -6.20 -47.11 16.25
N LEU D 346 -5.97 -45.85 16.58
CA LEU D 346 -6.45 -45.31 17.85
C LEU D 346 -7.79 -44.63 17.71
N TRP D 347 -8.18 -44.35 16.47
CA TRP D 347 -9.35 -43.52 16.19
C TRP D 347 -10.67 -44.04 16.77
N PRO D 348 -10.93 -45.36 16.66
CA PRO D 348 -12.19 -45.82 17.28
C PRO D 348 -12.28 -45.49 18.77
N GLN D 349 -11.18 -45.68 19.48
CA GLN D 349 -11.13 -45.41 20.90
C GLN D 349 -11.24 -43.90 21.21
N ILE D 350 -10.48 -43.09 20.47
CA ILE D 350 -10.49 -41.65 20.69
C ILE D 350 -11.82 -41.02 20.29
N LYS D 351 -12.35 -41.42 19.14
CA LYS D 351 -13.66 -40.97 18.69
C LYS D 351 -14.75 -41.25 19.74
N GLY D 352 -14.74 -42.45 20.31
CA GLY D 352 -15.70 -42.81 21.33
C GLY D 352 -15.62 -41.92 22.56
N ARG D 353 -14.43 -41.80 23.13
CA ARG D 353 -14.25 -41.02 24.36
C ARG D 353 -14.52 -39.54 24.17
N LEU D 354 -14.09 -38.99 23.04
CA LEU D 354 -14.33 -37.58 22.71
C LEU D 354 -15.81 -37.30 22.69
N LEU D 355 -16.56 -38.21 22.09
CA LEU D 355 -17.99 -38.02 21.99
C LEU D 355 -18.64 -38.12 23.37
N GLU D 356 -18.22 -39.10 24.16
CA GLU D 356 -18.74 -39.31 25.52
C GLU D 356 -18.54 -38.06 26.38
N GLU D 357 -17.31 -37.55 26.36
CA GLU D 357 -16.97 -36.36 27.15
C GLU D 357 -17.68 -35.11 26.64
N HIS D 358 -17.94 -35.07 25.34
CA HIS D 358 -18.58 -33.93 24.72
C HIS D 358 -19.99 -33.72 25.25
N SER D 359 -20.67 -34.83 25.52
CA SER D 359 -22.04 -34.80 26.04
C SER D 359 -22.04 -34.26 27.46
N ARG D 360 -20.86 -34.20 28.08
CA ARG D 360 -20.71 -33.66 29.44
C ARG D 360 -20.46 -32.14 29.46
N ILE D 361 -20.11 -31.57 28.31
CA ILE D 361 -19.79 -30.13 28.26
C ILE D 361 -21.02 -29.26 28.46
N LYS D 362 -21.04 -28.48 29.53
CA LYS D 362 -22.19 -27.61 29.76
C LYS D 362 -21.92 -26.20 29.23
N VAL D 363 -22.71 -25.77 28.26
CA VAL D 363 -22.68 -24.39 27.79
C VAL D 363 -23.83 -23.61 28.46
N GLY D 364 -23.51 -22.46 29.05
CA GLY D 364 -24.51 -21.66 29.75
C GLY D 364 -24.03 -20.32 30.26
N ASP D 365 -24.85 -19.75 31.16
CA ASP D 365 -24.60 -18.49 31.86
C ASP D 365 -23.56 -18.71 32.97
N PRO D 366 -22.34 -18.13 32.80
CA PRO D 366 -21.24 -18.36 33.73
C PRO D 366 -21.41 -17.61 35.06
N ALA D 367 -22.28 -16.60 35.07
CA ALA D 367 -22.53 -15.85 36.29
C ALA D 367 -23.53 -16.60 37.16
N GLU D 368 -24.52 -17.25 36.53
CA GLU D 368 -25.59 -17.90 37.28
C GLU D 368 -25.26 -19.35 37.58
N ASP D 369 -24.42 -19.96 36.75
CA ASP D 369 -24.11 -21.37 36.93
C ASP D 369 -22.60 -21.55 36.85
N PHE D 370 -21.95 -21.67 38.01
CA PHE D 370 -20.49 -21.88 38.05
C PHE D 370 -20.10 -23.26 37.53
N GLY D 371 -21.08 -24.05 37.12
CA GLY D 371 -20.81 -25.35 36.54
C GLY D 371 -20.41 -25.21 35.08
N THR D 372 -20.72 -24.05 34.50
CA THR D 372 -20.50 -23.76 33.08
C THR D 372 -19.08 -24.04 32.64
N PHE D 373 -18.95 -24.89 31.61
CA PHE D 373 -17.64 -25.18 31.01
C PHE D 373 -17.20 -24.02 30.12
N PHE D 374 -18.08 -23.57 29.24
CA PHE D 374 -17.86 -22.31 28.51
C PHE D 374 -19.18 -21.66 28.16
N SER D 375 -19.15 -20.39 27.82
CA SER D 375 -20.38 -19.64 27.56
C SER D 375 -20.50 -19.25 26.09
N ALA D 376 -21.39 -18.30 25.81
CA ALA D 376 -21.56 -17.75 24.46
C ALA D 376 -20.25 -17.15 23.91
N VAL D 377 -20.14 -17.11 22.58
CA VAL D 377 -19.00 -16.47 21.95
C VAL D 377 -19.18 -14.95 22.04
N ILE D 378 -18.15 -14.21 21.65
CA ILE D 378 -17.99 -12.82 22.11
C ILE D 378 -19.05 -11.82 21.63
N ASP D 379 -19.50 -11.95 20.39
CA ASP D 379 -20.42 -10.98 19.81
C ASP D 379 -21.14 -11.46 18.55
N ALA D 380 -21.99 -10.61 18.00
CA ALA D 380 -22.82 -10.96 16.85
C ALA D 380 -21.99 -11.31 15.60
N LYS D 381 -20.96 -10.52 15.34
CA LYS D 381 -20.09 -10.78 14.20
C LYS D 381 -19.41 -12.15 14.26
N SER D 382 -18.86 -12.48 15.44
CA SER D 382 -18.21 -13.77 15.66
C SER D 382 -19.20 -14.91 15.53
N PHE D 383 -20.35 -14.74 16.15
CA PHE D 383 -21.42 -15.72 16.04
C PHE D 383 -21.70 -16.02 14.58
N ALA D 384 -21.89 -14.97 13.77
CA ALA D 384 -22.26 -15.17 12.37
C ALA D 384 -21.16 -15.88 11.60
N ARG D 385 -19.91 -15.52 11.88
CA ARG D 385 -18.75 -16.17 11.25
C ARG D 385 -18.77 -17.67 11.57
N ILE D 386 -18.94 -17.99 12.85
CA ILE D 386 -18.94 -19.37 13.29
C ILE D 386 -20.14 -20.16 12.73
N LYS D 387 -21.29 -19.50 12.65
CA LYS D 387 -22.47 -20.11 12.02
C LYS D 387 -22.16 -20.55 10.58
N LYS D 388 -21.48 -19.71 9.83
CA LYS D 388 -21.12 -20.05 8.45
C LYS D 388 -20.20 -21.26 8.41
N TRP D 389 -19.31 -21.37 9.38
CA TRP D 389 -18.46 -22.55 9.44
C TRP D 389 -19.22 -23.83 9.74
N LEU D 390 -20.22 -23.74 10.62
CA LEU D 390 -21.10 -24.87 10.89
C LEU D 390 -21.88 -25.31 9.65
N GLU D 391 -22.41 -24.35 8.90
CA GLU D 391 -23.19 -24.63 7.70
C GLU D 391 -22.28 -25.27 6.65
N HIS D 392 -21.05 -24.77 6.60
CA HIS D 392 -20.07 -25.33 5.68
C HIS D 392 -19.76 -26.79 6.04
N ALA D 393 -19.56 -27.05 7.33
CA ALA D 393 -19.32 -28.40 7.81
C ALA D 393 -20.44 -29.34 7.37
N ARG D 394 -21.68 -28.87 7.47
CA ARG D 394 -22.80 -29.69 7.03
C ARG D 394 -22.82 -29.87 5.51
N SER D 395 -22.62 -28.77 4.77
CA SER D 395 -22.77 -28.83 3.32
C SER D 395 -21.58 -29.46 2.56
N SER D 396 -20.38 -29.35 3.14
CA SER D 396 -19.18 -29.89 2.49
C SER D 396 -19.18 -31.41 2.47
N PRO D 397 -18.93 -32.00 1.28
CA PRO D 397 -18.95 -33.45 1.12
C PRO D 397 -17.76 -34.13 1.82
N SER D 398 -16.71 -33.37 2.06
CA SER D 398 -15.52 -33.89 2.71
C SER D 398 -15.64 -33.87 4.24
N LEU D 399 -16.69 -33.21 4.74
CA LEU D 399 -16.82 -32.95 6.17
C LEU D 399 -18.05 -33.66 6.73
N THR D 400 -17.89 -34.16 7.95
CA THR D 400 -18.98 -34.72 8.72
C THR D 400 -18.96 -34.16 10.15
N ILE D 401 -20.10 -33.66 10.61
CA ILE D 401 -20.21 -33.20 11.99
C ILE D 401 -20.40 -34.40 12.89
N LEU D 402 -19.48 -34.62 13.83
CA LEU D 402 -19.58 -35.77 14.73
C LEU D 402 -20.28 -35.43 16.04
N ALA D 403 -20.23 -34.15 16.42
CA ALA D 403 -20.79 -33.70 17.69
C ALA D 403 -21.12 -32.22 17.61
N GLY D 404 -22.24 -31.82 18.20
CA GLY D 404 -22.63 -30.42 18.21
C GLY D 404 -23.11 -29.95 16.85
N GLY D 405 -22.85 -28.69 16.51
CA GLY D 405 -23.20 -28.18 15.20
C GLY D 405 -24.41 -27.27 15.19
N LYS D 406 -24.95 -26.99 16.37
CA LYS D 406 -26.12 -26.13 16.47
C LYS D 406 -25.77 -24.83 17.21
N CYS D 407 -26.54 -23.78 16.96
CA CYS D 407 -26.33 -22.51 17.65
C CYS D 407 -27.67 -21.79 17.76
N ASP D 408 -27.72 -20.82 18.67
CA ASP D 408 -28.94 -20.09 18.94
C ASP D 408 -28.55 -18.71 19.49
N ASP D 409 -29.02 -17.65 18.82
CA ASP D 409 -28.73 -16.30 19.25
C ASP D 409 -29.94 -15.56 19.84
N SER D 410 -30.96 -16.29 20.27
CA SER D 410 -32.17 -15.66 20.79
C SER D 410 -31.93 -14.91 22.11
N VAL D 411 -31.04 -15.44 22.94
CA VAL D 411 -30.78 -14.87 24.25
C VAL D 411 -29.32 -14.37 24.36
N GLY D 412 -28.38 -15.23 23.97
CA GLY D 412 -26.97 -14.88 23.92
C GLY D 412 -26.38 -15.53 22.69
N TYR D 413 -25.11 -15.26 22.40
CA TYR D 413 -24.46 -15.79 21.19
C TYR D 413 -23.95 -17.20 21.43
N PHE D 414 -24.90 -18.12 21.60
CA PHE D 414 -24.60 -19.47 22.09
C PHE D 414 -24.31 -20.49 20.99
N VAL D 415 -23.15 -21.14 21.09
CA VAL D 415 -22.73 -22.14 20.12
C VAL D 415 -22.33 -23.43 20.82
N GLU D 416 -22.87 -24.55 20.36
CA GLU D 416 -22.45 -25.85 20.87
C GLU D 416 -20.99 -26.13 20.51
N PRO D 417 -20.24 -26.77 21.42
CA PRO D 417 -18.93 -27.27 20.99
C PRO D 417 -19.12 -28.24 19.84
N CYS D 418 -18.39 -27.99 18.75
CA CYS D 418 -18.57 -28.77 17.54
C CYS D 418 -17.30 -29.53 17.17
N ILE D 419 -17.49 -30.79 16.82
CA ILE D 419 -16.40 -31.63 16.36
C ILE D 419 -16.74 -32.12 14.95
N VAL D 420 -15.89 -31.73 14.01
CA VAL D 420 -16.09 -32.06 12.61
C VAL D 420 -14.95 -32.97 12.12
N GLU D 421 -15.29 -34.05 11.41
CA GLU D 421 -14.25 -34.87 10.79
C GLU D 421 -14.09 -34.51 9.33
N SER D 422 -12.85 -34.29 8.91
CA SER D 422 -12.56 -34.02 7.51
C SER D 422 -11.86 -35.22 6.88
N LYS D 423 -12.27 -35.59 5.66
CA LYS D 423 -11.56 -36.61 4.90
C LYS D 423 -10.43 -35.96 4.10
N ASP D 424 -10.42 -34.63 4.09
CA ASP D 424 -9.47 -33.88 3.29
C ASP D 424 -8.60 -32.99 4.18
N PRO D 425 -7.31 -33.34 4.31
CA PRO D 425 -6.42 -32.60 5.21
C PRO D 425 -6.14 -31.18 4.72
N GLN D 426 -6.59 -30.88 3.52
CA GLN D 426 -6.41 -29.55 2.94
C GLN D 426 -7.71 -28.77 2.82
N GLU D 427 -8.80 -29.31 3.38
CA GLU D 427 -10.07 -28.60 3.43
C GLU D 427 -9.90 -27.26 4.15
N PRO D 428 -10.59 -26.22 3.69
CA PRO D 428 -10.57 -24.91 4.37
C PRO D 428 -10.71 -25.01 5.89
N ILE D 429 -11.54 -25.92 6.38
CA ILE D 429 -11.79 -25.97 7.83
C ILE D 429 -10.55 -26.46 8.59
N MET D 430 -9.62 -27.10 7.87
CA MET D 430 -8.36 -27.55 8.45
C MET D 430 -7.31 -26.44 8.45
N LYS D 431 -7.55 -25.40 7.66
CA LYS D 431 -6.55 -24.36 7.48
C LYS D 431 -6.92 -23.04 8.11
N GLU D 432 -8.20 -22.67 8.03
CA GLU D 432 -8.60 -21.31 8.38
C GLU D 432 -9.00 -21.11 9.84
N GLU D 433 -8.54 -20.01 10.43
CA GLU D 433 -8.83 -19.73 11.84
C GLU D 433 -10.30 -19.39 12.03
N ILE D 434 -10.96 -20.09 12.95
CA ILE D 434 -12.38 -19.87 13.18
C ILE D 434 -12.61 -19.06 14.47
N PHE D 435 -11.72 -19.26 15.44
CA PHE D 435 -11.77 -18.57 16.73
C PHE D 435 -13.15 -18.76 17.36
N GLY D 436 -13.52 -20.03 17.50
CA GLY D 436 -14.79 -20.43 18.06
C GLY D 436 -14.71 -21.92 18.38
N PRO D 437 -15.80 -22.49 18.91
CA PRO D 437 -15.74 -23.86 19.44
C PRO D 437 -15.90 -24.93 18.36
N VAL D 438 -14.94 -24.96 17.44
CA VAL D 438 -15.02 -25.86 16.32
C VAL D 438 -13.71 -26.62 16.14
N LEU D 439 -13.77 -27.91 16.39
CA LEU D 439 -12.60 -28.77 16.32
C LEU D 439 -12.70 -29.68 15.10
N SER D 440 -11.67 -29.64 14.26
CA SER D 440 -11.60 -30.44 13.05
C SER D 440 -10.61 -31.59 13.24
N VAL D 441 -11.01 -32.79 12.80
CA VAL D 441 -10.22 -33.99 13.01
C VAL D 441 -9.86 -34.64 11.68
N TYR D 442 -8.59 -34.97 11.52
CA TYR D 442 -8.12 -35.73 10.38
C TYR D 442 -7.55 -37.06 10.84
N VAL D 443 -8.12 -38.15 10.31
CA VAL D 443 -7.70 -39.51 10.63
C VAL D 443 -6.75 -40.01 9.55
N TYR D 444 -5.55 -40.39 9.96
CA TYR D 444 -4.53 -40.80 9.01
C TYR D 444 -4.13 -42.25 9.25
N PRO D 445 -3.83 -42.98 8.17
CA PRO D 445 -3.38 -44.37 8.37
C PRO D 445 -2.04 -44.39 9.09
N ASP D 446 -1.89 -45.32 10.04
CA ASP D 446 -0.73 -45.33 10.93
C ASP D 446 0.59 -45.28 10.17
N ASP D 447 0.65 -45.93 9.02
CA ASP D 447 1.90 -46.05 8.27
C ASP D 447 2.21 -44.80 7.44
N LYS D 448 1.42 -43.76 7.63
CA LYS D 448 1.67 -42.46 7.02
C LYS D 448 1.93 -41.39 8.07
N TYR D 449 2.34 -41.79 9.27
CA TYR D 449 2.60 -40.78 10.31
C TYR D 449 3.67 -39.75 9.88
N LYS D 450 4.76 -40.21 9.27
CA LYS D 450 5.82 -39.31 8.82
C LYS D 450 5.29 -38.29 7.80
N GLU D 451 4.60 -38.78 6.77
CA GLU D 451 3.98 -37.89 5.80
C GLU D 451 2.99 -36.95 6.49
N THR D 452 2.29 -37.47 7.48
CA THR D 452 1.29 -36.66 8.19
C THR D 452 1.98 -35.56 9.00
N LEU D 453 3.12 -35.88 9.61
CA LEU D 453 3.90 -34.84 10.28
C LEU D 453 4.29 -33.71 9.34
N GLN D 454 4.73 -34.07 8.13
CA GLN D 454 5.17 -33.05 7.17
C GLN D 454 3.96 -32.24 6.69
N LEU D 455 2.83 -32.92 6.59
CA LEU D 455 1.55 -32.32 6.24
C LEU D 455 1.10 -31.26 7.25
N VAL D 456 1.23 -31.57 8.54
CA VAL D 456 0.85 -30.63 9.59
C VAL D 456 1.57 -29.30 9.35
N ASP D 457 2.85 -29.40 9.06
CA ASP D 457 3.71 -28.25 8.84
C ASP D 457 3.34 -27.50 7.57
N SER D 458 3.16 -28.23 6.47
CA SER D 458 2.97 -27.60 5.18
C SER D 458 1.60 -26.95 5.04
N THR D 459 0.67 -27.30 5.92
CA THR D 459 -0.63 -26.63 5.95
C THR D 459 -0.70 -25.62 7.10
N THR D 460 0.43 -25.44 7.80
CA THR D 460 0.55 -24.43 8.84
C THR D 460 0.90 -23.08 8.21
N SER D 461 0.03 -22.08 8.39
CA SER D 461 0.26 -20.78 7.80
C SER D 461 0.94 -19.83 8.79
N TYR D 462 0.46 -19.82 10.03
CA TYR D 462 1.10 -19.03 11.08
C TYR D 462 1.16 -19.87 12.35
N GLY D 463 2.23 -20.64 12.49
CA GLY D 463 2.33 -21.60 13.57
C GLY D 463 2.61 -21.00 14.92
N LEU D 464 1.55 -20.78 15.69
CA LEU D 464 1.68 -20.20 17.03
C LEU D 464 1.92 -21.27 18.08
N THR D 465 0.98 -22.22 18.22
CA THR D 465 1.13 -23.29 19.20
C THR D 465 0.85 -24.68 18.62
N GLY D 466 1.30 -25.71 19.33
CA GLY D 466 1.12 -27.07 18.87
C GLY D 466 1.49 -28.10 19.90
N ALA D 467 0.97 -29.31 19.72
CA ALA D 467 1.29 -30.42 20.61
C ALA D 467 1.46 -31.73 19.87
N VAL D 468 2.37 -32.56 20.40
CA VAL D 468 2.52 -33.92 19.96
C VAL D 468 2.23 -34.82 21.16
N PHE D 469 1.33 -35.78 20.98
CA PHE D 469 1.07 -36.81 21.99
C PHE D 469 1.66 -38.13 21.51
N SER D 470 2.59 -38.65 22.30
CA SER D 470 3.32 -39.85 21.96
C SER D 470 4.03 -40.38 23.19
N GLN D 471 3.89 -41.68 23.45
CA GLN D 471 4.68 -42.33 24.48
C GLN D 471 6.04 -42.78 23.89
N ASP D 472 6.13 -42.75 22.56
CA ASP D 472 7.35 -43.11 21.84
C ASP D 472 8.29 -41.91 21.78
N LYS D 473 9.38 -41.98 22.55
CA LYS D 473 10.33 -40.87 22.64
C LYS D 473 11.05 -40.59 21.32
N ASP D 474 11.38 -41.63 20.56
CA ASP D 474 12.01 -41.41 19.25
C ASP D 474 11.07 -40.62 18.32
N VAL D 475 9.80 -41.02 18.29
CA VAL D 475 8.76 -40.30 17.56
C VAL D 475 8.63 -38.86 18.07
N VAL D 476 8.73 -38.68 19.39
CA VAL D 476 8.76 -37.35 19.97
C VAL D 476 9.90 -36.50 19.39
N GLN D 477 11.13 -37.03 19.44
CA GLN D 477 12.29 -36.35 18.91
C GLN D 477 12.09 -35.98 17.43
N GLU D 478 11.60 -36.94 16.66
CA GLU D 478 11.38 -36.76 15.23
C GLU D 478 10.37 -35.64 14.95
N ALA D 479 9.23 -35.68 15.63
CA ALA D 479 8.18 -34.69 15.40
C ALA D 479 8.65 -33.28 15.74
N THR D 480 9.53 -33.20 16.74
CA THR D 480 10.06 -31.92 17.18
C THR D 480 10.87 -31.26 16.08
N LYS D 481 11.68 -32.06 15.38
CA LYS D 481 12.46 -31.57 14.26
C LYS D 481 11.57 -31.14 13.09
N VAL D 482 10.64 -32.02 12.69
CA VAL D 482 9.77 -31.72 11.55
C VAL D 482 8.91 -30.47 11.76
N LEU D 483 8.41 -30.31 12.98
CA LEU D 483 7.51 -29.22 13.32
C LEU D 483 8.28 -28.03 13.91
N ARG D 484 9.60 -28.06 13.79
CA ARG D 484 10.44 -26.98 14.32
C ARG D 484 9.92 -25.58 14.01
N ASN D 485 9.45 -25.37 12.79
CA ASN D 485 8.86 -24.08 12.48
C ASN D 485 7.34 -24.10 12.36
N ALA D 486 6.70 -25.08 13.00
CA ALA D 486 5.24 -25.18 12.96
C ALA D 486 4.56 -24.61 14.20
N ALA D 487 5.34 -24.27 15.22
CA ALA D 487 4.82 -23.63 16.44
C ALA D 487 5.93 -22.98 17.26
N GLY D 488 5.65 -21.80 17.82
CA GLY D 488 6.57 -21.14 18.73
C GLY D 488 6.48 -21.68 20.15
N ASN D 489 5.28 -22.12 20.53
CA ASN D 489 5.09 -22.83 21.78
C ASN D 489 4.68 -24.25 21.48
N PHE D 490 5.58 -25.19 21.78
CA PHE D 490 5.41 -26.57 21.36
C PHE D 490 5.32 -27.46 22.58
N TYR D 491 4.28 -28.29 22.64
CA TYR D 491 4.01 -29.10 23.81
C TYR D 491 4.16 -30.58 23.50
N ILE D 492 4.75 -31.30 24.43
CA ILE D 492 4.82 -32.75 24.30
C ILE D 492 3.96 -33.37 25.39
N ASN D 493 2.95 -34.13 24.98
CA ASN D 493 2.04 -34.76 25.92
C ASN D 493 1.37 -33.77 26.88
N ASP D 494 1.03 -32.61 26.35
CA ASP D 494 0.19 -31.66 27.06
C ASP D 494 -0.49 -30.82 26.00
N LYS D 495 -1.48 -30.03 26.40
CA LYS D 495 -2.35 -29.32 25.46
C LYS D 495 -1.79 -27.98 24.98
N SER D 496 -2.32 -27.53 23.85
CA SER D 496 -1.74 -26.43 23.09
C SER D 496 -1.93 -25.07 23.77
N THR D 497 -2.89 -24.99 24.68
CA THR D 497 -3.10 -23.76 25.43
C THR D 497 -2.18 -23.69 26.65
N GLY D 498 -1.38 -24.72 26.85
CA GLY D 498 -0.51 -24.79 28.03
C GLY D 498 -1.33 -25.12 29.26
N SER D 499 -0.68 -25.48 30.36
CA SER D 499 -1.40 -25.90 31.56
C SER D 499 -1.24 -24.91 32.72
N HIS D 522 13.78 -9.81 25.54
CA HIS D 522 12.42 -9.75 26.02
C HIS D 522 11.53 -8.91 25.10
N TYR D 523 10.22 -8.97 25.35
CA TYR D 523 9.27 -8.21 24.55
C TYR D 523 9.37 -6.71 24.78
N ILE D 524 9.57 -6.30 26.03
CA ILE D 524 9.64 -4.88 26.37
C ILE D 524 10.76 -4.15 25.65
N LEU D 525 11.75 -4.91 25.17
CA LEU D 525 12.88 -4.30 24.47
C LEU D 525 12.43 -3.57 23.24
N ARG D 526 11.34 -4.02 22.65
CA ARG D 526 10.77 -3.34 21.50
C ARG D 526 10.43 -1.88 21.78
N TRP D 527 10.16 -1.55 23.05
CA TRP D 527 9.63 -0.24 23.38
C TRP D 527 10.66 0.72 23.95
N THR D 528 11.93 0.39 23.79
CA THR D 528 12.97 1.26 24.27
C THR D 528 14.07 1.40 23.21
N SER D 529 14.77 2.52 23.22
CA SER D 529 15.89 2.73 22.31
C SER D 529 17.08 3.11 23.18
N PRO D 530 18.07 2.22 23.29
CA PRO D 530 19.21 2.45 24.18
C PRO D 530 20.08 3.57 23.66
N GLN D 531 20.58 4.38 24.58
CA GLN D 531 21.55 5.40 24.27
C GLN D 531 22.77 5.06 25.10
N VAL D 532 23.94 5.10 24.48
CA VAL D 532 25.16 4.89 25.24
C VAL D 532 25.82 6.23 25.48
N ILE D 533 26.10 6.50 26.75
CA ILE D 533 26.76 7.75 27.12
C ILE D 533 28.16 7.48 27.65
N LYS D 534 29.15 8.09 27.03
CA LYS D 534 30.54 7.90 27.47
C LYS D 534 31.13 9.24 27.85
N GLU D 535 31.71 9.29 29.05
CA GLU D 535 32.33 10.51 29.52
C GLU D 535 33.81 10.28 29.82
N THR D 536 34.65 11.13 29.25
CA THR D 536 36.08 11.08 29.48
C THR D 536 36.50 12.18 30.47
N HIS D 537 37.27 11.79 31.50
CA HIS D 537 37.71 12.73 32.53
C HIS D 537 39.21 13.04 32.44
OH2 1PE E . -13.88 -37.96 -16.32
C12 1PE E . -15.10 -38.08 -15.66
C22 1PE E . -15.00 -39.03 -14.50
OH3 1PE E . -14.30 -38.47 -13.45
C13 1PE E . -13.44 -38.44 -11.23
C23 1PE E . -14.38 -39.05 -12.19
OH4 1PE E . -12.19 -38.23 -11.78
C14 1PE E . -10.49 -36.60 -11.75
C24 1PE E . -11.17 -37.70 -11.00
OH5 1PE E . -9.25 -37.03 -12.17
C15 1PE E . -9.43 -35.67 -14.10
C25 1PE E . -8.53 -36.38 -13.16
OH6 1PE E . -9.15 -36.05 -15.39
C16 1PE E . -10.62 -36.58 -17.12
C26 1PE E . -9.86 -35.50 -16.43
OH7 1PE E . -11.97 -36.37 -16.97
MG MG F . -4.99 18.54 -21.52
OH2 1PE G . -4.69 41.63 1.99
C12 1PE G . -5.44 40.96 2.92
C22 1PE G . -4.64 39.80 3.44
OH3 1PE G . -4.56 39.87 4.81
C13 1PE G . -2.73 39.18 6.14
C23 1PE G . -4.04 38.81 5.52
OH4 1PE G . -1.93 39.78 5.18
C14 1PE G . -0.14 41.30 5.24
C24 1PE G . -0.57 39.88 5.39
OH5 1PE G . 0.30 41.51 3.94
C15 1PE G . 1.15 42.85 2.20
C25 1PE G . 1.20 42.52 3.66
OH6 1PE G . -0.15 43.12 1.86
OH2 1PE H . 41.21 -8.57 -16.63
C12 1PE H . 41.01 -7.23 -16.91
C22 1PE H . 40.18 -7.09 -18.15
OH3 1PE H . 39.17 -8.02 -18.18
C13 1PE H . 36.87 -8.22 -18.80
C23 1PE H . 38.28 -8.01 -19.25
OH4 1PE H . 36.75 -9.44 -18.16
C14 1PE H . 35.33 -11.18 -17.39
C24 1PE H . 35.72 -10.30 -18.53
OH5 1PE H . 36.46 -11.74 -16.84
C15 1PE H . 37.23 -12.94 -14.99
C25 1PE H . 36.39 -12.97 -16.23
OH6 1PE H . 38.57 -12.84 -15.30
C16 1PE H . 40.68 -13.53 -14.47
C26 1PE H . 39.38 -13.93 -15.07
OH7 1PE H . 41.10 -14.52 -13.62
#